data_4WN9
#
_entry.id   4WN9
#
_cell.length_a   67.309
_cell.length_b   73.446
_cell.length_c   108.658
_cell.angle_alpha   73.47
_cell.angle_beta   87.56
_cell.angle_gamma   83.98
#
_symmetry.space_group_name_H-M   'P 1'
#
loop_
_entity.id
_entity.type
_entity.pdbx_description
1 polymer 'Nitrogenase molybdenum-iron protein alpha chain'
2 polymer 'Nitrogenase molybdenum-iron protein beta chain'
3 non-polymer '3-HYDROXY-3-CARBOXY-ADIPIC ACID'
4 non-polymer 'iron-sulfur-molybdenum cluster with interstitial carbon'
5 non-polymer XENON
6 non-polymer 'FE(8)-S(7) CLUSTER'
7 non-polymer PROLINE
8 non-polymer 'FE (III) ION'
9 water water
#
loop_
_entity_poly.entity_id
_entity_poly.type
_entity_poly.pdbx_seq_one_letter_code
_entity_poly.pdbx_strand_id
1 'polypeptide(L)'
;ENLKDEILEKYIPKTKKTRSGHIVIKTEETPNPEIVANTRTVPGIITARGCAYAGCKGVVMGPIKDMVHITHGPIGCSFY
TWGGRRFKSKPENGTGLNFNEYVFSTDMQESDIVFGGVNKLKDAIHEAYEMFHPAAIGVYATCPVGLIGDDILAVAATAS
KEIGIPVHAFSCEGYKGVSQSAGHHIANNTVMTDIIGKGNKEQKKYSINVLGEYNIGGDAWEMDRVLEKIGYHVNATLTG
DATYEKVQNADKADLNLVQCHRSINYIAEMMETKYGIPWIKCNFIGVDGIVETLRDMAKCFDDPELTKRTEEVIAEEIAA
IQDDLDYFKEKLQGKTACLYVGGSRSHTYMNMLKSFGVDSLVAGFEFAHRDDYEGREVIPTIKIDADSKNIPEITVTPDE
QKYRVVIPEDKVEELKKAGVPLSSYGGMMKEMHDGTILIDDMNHHDMEVVLEKLKPDMFFAGIKEKFVIQKGGVLSKQLH
SYDYNGPYAGFRGVVNFGHELVNGIYTPAWKMITPPWK
;
A,C
2 'polypeptide(L)'
;MLDATPKEIVERKALRINPAKTCQPVGAMYAALGIHNCLPHSHGSQGCCSYHRTVLSRHFKEPAMASTSSFTEGASVFGG
GSNIKTAVKNIFSLYNPDIIAVHTTCLSETLGDDLPTYISQMEDAGSIPEGKLVIHTNTPSYVGSHVTGFANMVQGIVNY
LSENTGAKNGKINVIPGFVGPADMREIKRLFEAMDIPYIMFPDTSGVLDGPTTGEYKMYPEGGTKIEDLKDTGNSDLTLS
LGSYASDLGAKTLEKKCKVPFKTLRTPIGVSATDEFIMALSEATGKEVPASIEEERGQLIDLMIDAQQYLQGKKVALLGD
PDEIIALSKFIIELGAIPKYVVTGTPGMKFQKEIDAMLAEAGIEGSKVKVEGDFFDVHQWIKNEGVDLLISNTYGKFIAR
EENIPFVRFGFPIMDRYGHYYNPKVGYKGAIRLVEEITNVILDKIERECTEEDFEVVR
;
B,D
#
# COMPACT_ATOMS: atom_id res chain seq x y z
N ASN A 2 -48.21 -0.67 -21.92
CA ASN A 2 -48.41 0.15 -20.69
C ASN A 2 -47.09 0.52 -20.00
N LEU A 3 -46.09 -0.37 -20.03
CA LEU A 3 -44.75 0.01 -19.57
C LEU A 3 -44.14 0.95 -20.60
N LYS A 4 -44.40 0.65 -21.87
CA LYS A 4 -44.05 1.56 -22.95
C LYS A 4 -44.64 2.91 -22.64
N ASP A 5 -45.93 2.94 -22.32
CA ASP A 5 -46.61 4.18 -21.99
C ASP A 5 -45.93 4.88 -20.83
N GLU A 6 -45.59 4.12 -19.80
CA GLU A 6 -45.06 4.70 -18.57
C GLU A 6 -43.70 5.34 -18.85
N ILE A 7 -42.94 4.72 -19.76
CA ILE A 7 -41.65 5.28 -20.19
C ILE A 7 -41.83 6.57 -20.99
N LEU A 8 -42.73 6.54 -21.97
CA LEU A 8 -42.96 7.70 -22.83
C LEU A 8 -43.56 8.89 -22.09
N GLU A 9 -44.19 8.61 -20.97
CA GLU A 9 -45.02 9.62 -20.33
C GLU A 9 -44.30 10.95 -20.10
N LYS A 10 -43.10 10.94 -19.52
CA LYS A 10 -42.45 12.21 -19.16
C LYS A 10 -41.85 12.98 -20.36
N TYR A 11 -41.69 12.33 -21.51
CA TYR A 11 -41.17 13.02 -22.69
C TYR A 11 -42.10 14.13 -23.16
N ILE A 12 -41.55 15.30 -23.46
CA ILE A 12 -42.34 16.35 -24.08
C ILE A 12 -42.84 15.88 -25.46
N PRO A 13 -43.89 16.54 -25.97
CA PRO A 13 -44.54 16.07 -27.18
C PRO A 13 -43.63 15.67 -28.31
N LYS A 14 -42.76 16.57 -28.78
CA LYS A 14 -41.88 16.25 -29.90
C LYS A 14 -41.04 15.00 -29.63
N THR A 15 -40.50 14.94 -28.42
CA THR A 15 -39.63 13.84 -28.02
C THR A 15 -40.43 12.55 -27.87
N LYS A 16 -41.62 12.68 -27.33
CA LYS A 16 -42.52 11.53 -27.18
C LYS A 16 -42.74 10.91 -28.55
N LYS A 17 -43.02 11.74 -29.54
CA LYS A 17 -43.30 11.26 -30.90
C LYS A 17 -42.11 10.55 -31.55
N THR A 18 -40.92 11.11 -31.44
CA THR A 18 -39.76 10.51 -32.10
C THR A 18 -39.25 9.26 -31.36
N ARG A 19 -39.43 9.21 -30.03
CA ARG A 19 -38.98 8.05 -29.24
C ARG A 19 -39.92 6.83 -29.37
N SER A 20 -41.23 7.09 -29.40
CA SER A 20 -42.22 6.02 -29.36
CA SER A 20 -42.24 6.03 -29.38
C SER A 20 -41.85 4.82 -30.24
N GLY A 21 -41.37 5.07 -31.45
CA GLY A 21 -41.03 4.00 -32.40
C GLY A 21 -39.82 3.17 -31.98
N HIS A 22 -39.07 3.68 -31.01
CA HIS A 22 -37.85 3.03 -30.53
C HIS A 22 -38.15 2.00 -29.45
N ILE A 23 -39.37 2.03 -28.95
CA ILE A 23 -39.78 1.17 -27.85
C ILE A 23 -40.91 0.27 -28.33
N VAL A 24 -40.70 -1.04 -28.34
CA VAL A 24 -41.74 -1.98 -28.75
C VAL A 24 -41.92 -3.11 -27.74
N ILE A 25 -43.18 -3.45 -27.44
CA ILE A 25 -43.53 -4.57 -26.57
C ILE A 25 -43.89 -5.77 -27.43
N LYS A 26 -43.20 -6.87 -27.23
CA LYS A 26 -43.45 -8.05 -28.03
C LYS A 26 -44.76 -8.71 -27.58
N THR A 27 -45.59 -9.09 -28.57
CA THR A 27 -46.80 -9.85 -28.32
C THR A 27 -46.92 -10.98 -29.33
N GLU A 28 -47.67 -12.03 -28.97
CA GLU A 28 -47.83 -13.19 -29.85
C GLU A 28 -48.55 -12.81 -31.14
N GLU A 29 -49.47 -11.86 -31.05
CA GLU A 29 -50.18 -11.36 -32.23
C GLU A 29 -49.26 -10.56 -33.16
N THR A 30 -48.41 -9.71 -32.56
CA THR A 30 -47.36 -9.07 -33.33
C THR A 30 -46.05 -9.83 -33.04
N PRO A 31 -45.89 -10.98 -33.69
CA PRO A 31 -44.72 -11.81 -33.45
C PRO A 31 -43.48 -11.11 -33.99
N ASN A 32 -43.62 -10.50 -35.16
CA ASN A 32 -42.54 -9.77 -35.83
C ASN A 32 -42.81 -8.27 -35.81
N PRO A 33 -42.64 -7.62 -34.65
CA PRO A 33 -42.98 -6.20 -34.54
C PRO A 33 -41.87 -5.34 -35.10
N GLU A 34 -42.21 -4.12 -35.51
CA GLU A 34 -41.25 -3.28 -36.21
C GLU A 34 -40.73 -2.20 -35.27
N ILE A 35 -39.41 -2.00 -35.26
CA ILE A 35 -38.82 -0.97 -34.41
C ILE A 35 -38.15 0.12 -35.24
N VAL A 36 -37.99 1.29 -34.65
CA VAL A 36 -37.19 2.33 -35.26
C VAL A 36 -35.79 2.31 -34.61
N ALA A 37 -34.75 2.31 -35.43
CA ALA A 37 -33.39 2.21 -34.94
C ALA A 37 -32.43 2.96 -35.86
N ASN A 38 -31.20 3.17 -35.38
CA ASN A 38 -30.15 3.80 -36.18
C ASN A 38 -30.62 5.13 -36.71
N THR A 39 -31.35 5.87 -35.87
CA THR A 39 -31.68 7.25 -36.18
C THR A 39 -30.78 8.08 -35.30
N ARG A 40 -30.76 9.39 -35.55
CA ARG A 40 -29.96 10.29 -34.75
C ARG A 40 -30.37 10.31 -33.30
N THR A 41 -29.42 10.62 -32.43
CA THR A 41 -29.72 10.74 -31.01
C THR A 41 -30.46 12.04 -30.74
N VAL A 42 -31.46 11.98 -29.87
CA VAL A 42 -32.12 13.21 -29.41
C VAL A 42 -31.17 14.01 -28.53
N PRO A 43 -30.95 15.29 -28.86
CA PRO A 43 -30.03 16.04 -28.01
C PRO A 43 -30.55 16.19 -26.58
N GLY A 44 -29.64 16.05 -25.62
CA GLY A 44 -29.94 16.34 -24.22
C GLY A 44 -30.57 15.22 -23.42
N ILE A 45 -30.86 14.08 -24.05
CA ILE A 45 -31.58 13.02 -23.33
C ILE A 45 -30.68 12.04 -22.59
N ILE A 46 -29.36 12.24 -22.62
CA ILE A 46 -28.42 11.37 -21.90
C ILE A 46 -28.45 9.96 -22.48
N THR A 47 -27.86 9.86 -23.67
CA THR A 47 -27.62 8.60 -24.36
C THR A 47 -26.35 7.94 -23.83
N ALA A 48 -26.09 6.70 -24.24
CA ALA A 48 -24.80 6.03 -23.96
C ALA A 48 -23.83 6.05 -25.16
N ARG A 49 -24.30 6.57 -26.27
CA ARG A 49 -23.65 6.40 -27.56
C ARG A 49 -22.31 7.07 -27.65
N GLY A 50 -21.51 6.56 -28.59
CA GLY A 50 -20.23 7.11 -28.94
C GLY A 50 -20.26 7.58 -30.38
N CYS A 51 -19.09 7.72 -30.99
CA CYS A 51 -19.00 8.35 -32.30
C CYS A 51 -18.41 7.39 -33.31
N ALA A 52 -18.42 7.81 -34.57
CA ALA A 52 -17.86 7.06 -35.69
C ALA A 52 -16.38 6.74 -35.50
N TYR A 53 -15.63 7.68 -34.94
CA TYR A 53 -14.20 7.43 -34.69
C TYR A 53 -14.00 6.24 -33.77
N ALA A 54 -14.81 6.15 -32.73
CA ALA A 54 -14.73 5.02 -31.79
C ALA A 54 -15.05 3.70 -32.48
N GLY A 55 -16.07 3.70 -33.32
CA GLY A 55 -16.45 2.48 -34.05
C GLY A 55 -15.39 2.00 -35.02
N CYS A 56 -14.63 2.94 -35.57
CA CYS A 56 -13.65 2.63 -36.59
C CYS A 56 -12.27 2.33 -35.97
N LYS A 57 -11.67 3.33 -35.37
CA LYS A 57 -10.34 3.20 -34.77
C LYS A 57 -10.41 2.43 -33.46
N GLY A 58 -11.39 2.78 -32.63
CA GLY A 58 -11.51 2.20 -31.31
C GLY A 58 -11.90 0.75 -31.35
N VAL A 59 -12.80 0.38 -32.26
CA VAL A 59 -13.39 -0.98 -32.24
C VAL A 59 -12.82 -1.96 -33.29
N VAL A 60 -12.92 -1.62 -34.58
CA VAL A 60 -12.55 -2.57 -35.61
C VAL A 60 -11.04 -2.61 -35.87
N MET A 61 -10.43 -1.45 -36.02
CA MET A 61 -9.02 -1.36 -36.39
C MET A 61 -8.06 -1.55 -35.21
N GLY A 62 -8.28 -0.84 -34.12
CA GLY A 62 -7.36 -0.88 -32.97
C GLY A 62 -6.73 -2.21 -32.64
N PRO A 63 -7.54 -3.27 -32.56
CA PRO A 63 -7.00 -4.58 -32.19
C PRO A 63 -5.93 -5.19 -33.10
N ILE A 64 -5.79 -4.72 -34.33
CA ILE A 64 -4.71 -5.21 -35.19
C ILE A 64 -3.37 -4.77 -34.60
N LYS A 65 -2.67 -5.73 -33.99
CA LYS A 65 -1.61 -5.42 -33.03
C LYS A 65 -0.29 -4.93 -33.62
N ASP A 66 0.03 -5.33 -34.85
CA ASP A 66 1.35 -5.02 -35.42
C ASP A 66 1.24 -3.87 -36.40
N MET A 67 0.09 -3.20 -36.34
CA MET A 67 -0.15 -1.99 -37.11
C MET A 67 -0.17 -0.80 -36.15
N VAL A 68 0.43 0.31 -36.54
CA VAL A 68 0.44 1.52 -35.74
C VAL A 68 -0.76 2.38 -36.12
N HIS A 69 -1.63 2.66 -35.14
CA HIS A 69 -2.83 3.44 -35.40
C HIS A 69 -2.68 4.87 -34.92
N ILE A 70 -2.51 5.78 -35.88
CA ILE A 70 -2.32 7.16 -35.55
C ILE A 70 -3.63 7.93 -35.64
N THR A 71 -4.04 8.51 -34.50
CA THR A 71 -5.17 9.40 -34.47
C THR A 71 -4.73 10.79 -34.94
N HIS A 72 -5.36 11.25 -36.02
CA HIS A 72 -5.18 12.61 -36.47
C HIS A 72 -6.27 13.46 -35.86
N GLY A 73 -5.95 14.08 -34.73
CA GLY A 73 -6.85 14.99 -34.04
C GLY A 73 -6.21 15.54 -32.79
N PRO A 74 -6.99 16.27 -32.00
CA PRO A 74 -6.44 16.67 -30.72
C PRO A 74 -6.34 15.44 -29.81
N ILE A 75 -5.88 15.63 -28.60
CA ILE A 75 -5.31 14.55 -27.82
C ILE A 75 -6.33 13.56 -27.26
N GLY A 76 -7.57 13.98 -27.06
CA GLY A 76 -8.56 13.15 -26.35
C GLY A 76 -9.02 11.93 -27.12
N CYS A 77 -9.28 12.12 -28.40
CA CYS A 77 -9.70 11.02 -29.23
C CYS A 77 -8.71 9.86 -29.03
N SER A 78 -7.45 10.23 -28.83
CA SER A 78 -6.38 9.26 -28.63
C SER A 78 -6.32 8.70 -27.21
N PHE A 79 -6.19 9.59 -26.22
CA PHE A 79 -6.17 9.22 -24.79
C PHE A 79 -7.35 8.32 -24.39
N TYR A 80 -8.54 8.64 -24.88
CA TYR A 80 -9.72 7.84 -24.49
C TYR A 80 -9.80 6.49 -25.18
N THR A 81 -8.82 6.17 -26.02
CA THR A 81 -8.72 4.82 -26.58
C THR A 81 -7.49 4.07 -26.10
N TRP A 82 -6.93 4.52 -24.97
CA TRP A 82 -5.74 3.90 -24.39
C TRP A 82 -6.11 2.88 -23.29
N GLY A 83 -6.58 1.72 -23.74
CA GLY A 83 -6.73 0.55 -22.87
C GLY A 83 -8.09 0.32 -22.24
N GLY A 84 -9.02 1.25 -22.48
CA GLY A 84 -10.36 1.15 -21.97
C GLY A 84 -11.17 -0.01 -22.55
N ARG A 85 -10.95 -0.31 -23.85
CA ARG A 85 -11.56 -1.46 -24.49
C ARG A 85 -10.52 -2.60 -24.42
N ARG A 86 -10.92 -3.71 -23.81
CA ARG A 86 -9.96 -4.75 -23.40
C ARG A 86 -9.69 -5.87 -24.42
N PHE A 87 -9.43 -5.50 -25.67
CA PHE A 87 -9.01 -6.49 -26.66
C PHE A 87 -7.62 -6.97 -26.27
N LYS A 88 -7.45 -8.28 -26.18
CA LYS A 88 -6.18 -8.84 -25.79
C LYS A 88 -5.28 -9.17 -26.98
N SER A 89 -4.00 -8.90 -26.83
CA SER A 89 -3.04 -9.15 -27.86
C SER A 89 -1.80 -9.78 -27.23
N LYS A 90 -1.13 -10.66 -27.98
CA LYS A 90 0.25 -11.01 -27.69
C LYS A 90 1.15 -11.01 -28.93
N PRO A 91 2.46 -10.97 -28.69
CA PRO A 91 3.34 -10.96 -29.83
C PRO A 91 3.16 -12.27 -30.57
N GLU A 92 2.91 -12.21 -31.87
CA GLU A 92 2.57 -13.41 -32.64
C GLU A 92 3.68 -14.44 -32.51
N ASN A 93 3.32 -15.68 -32.19
CA ASN A 93 4.30 -16.75 -32.03
C ASN A 93 5.31 -16.47 -30.92
N GLY A 94 5.12 -15.35 -30.23
CA GLY A 94 5.98 -14.99 -29.11
C GLY A 94 6.96 -13.87 -29.45
N THR A 95 7.00 -13.49 -30.71
CA THR A 95 8.02 -12.56 -31.20
C THR A 95 7.51 -11.39 -32.02
N GLY A 96 6.28 -11.48 -32.53
CA GLY A 96 5.71 -10.39 -33.34
C GLY A 96 5.49 -9.08 -32.60
N LEU A 97 5.46 -7.99 -33.36
CA LEU A 97 5.19 -6.66 -32.83
C LEU A 97 3.83 -6.61 -32.15
N ASN A 98 3.73 -5.80 -31.09
CA ASN A 98 2.48 -5.59 -30.34
C ASN A 98 2.41 -4.16 -29.78
N PHE A 99 1.51 -3.35 -30.32
CA PHE A 99 1.39 -1.94 -29.90
C PHE A 99 0.18 -1.64 -29.01
N ASN A 100 -0.42 -2.69 -28.45
CA ASN A 100 -1.58 -2.57 -27.57
C ASN A 100 -1.42 -1.59 -26.42
N GLU A 101 -0.18 -1.42 -25.96
CA GLU A 101 0.10 -0.67 -24.75
C GLU A 101 0.32 0.81 -25.04
N TYR A 102 0.20 1.18 -26.32
CA TYR A 102 0.44 2.55 -26.73
C TYR A 102 -0.78 3.17 -27.36
N VAL A 103 -0.82 4.50 -27.36
CA VAL A 103 -1.70 5.23 -28.25
C VAL A 103 -0.86 6.29 -28.97
N PHE A 104 -1.16 6.49 -30.25
CA PHE A 104 -0.39 7.38 -31.10
C PHE A 104 -1.30 8.47 -31.65
N SER A 105 -0.78 9.70 -31.70
CA SER A 105 -1.55 10.85 -32.03
C SER A 105 -0.70 11.96 -32.68
N THR A 106 -1.36 12.88 -33.37
CA THR A 106 -0.71 14.06 -33.93
C THR A 106 -0.94 15.23 -33.00
N ASP A 107 -1.72 15.02 -31.93
CA ASP A 107 -1.83 16.04 -30.88
C ASP A 107 -2.07 17.44 -31.48
N MET A 108 -3.07 17.55 -32.34
CA MET A 108 -3.35 18.80 -33.03
C MET A 108 -3.52 19.99 -32.10
N GLN A 109 -2.94 21.12 -32.54
CA GLN A 109 -3.02 22.38 -31.83
C GLN A 109 -3.73 23.42 -32.68
N GLU A 110 -3.96 24.58 -32.09
CA GLU A 110 -4.63 25.69 -32.73
C GLU A 110 -4.07 26.02 -34.12
N SER A 111 -2.75 26.06 -34.22
CA SER A 111 -2.12 26.29 -35.53
C SER A 111 -2.64 25.31 -36.56
N ASP A 112 -2.71 24.03 -36.17
CA ASP A 112 -3.15 22.96 -37.08
C ASP A 112 -4.61 23.15 -37.51
N ILE A 113 -5.46 23.59 -36.57
CA ILE A 113 -6.87 23.88 -36.88
C ILE A 113 -7.01 24.99 -37.91
N VAL A 114 -6.08 25.96 -37.88
CA VAL A 114 -6.14 27.11 -38.78
C VAL A 114 -5.35 26.89 -40.08
N PHE A 115 -4.03 26.75 -39.98
CA PHE A 115 -3.18 26.55 -41.14
C PHE A 115 -3.28 25.17 -41.76
N GLY A 116 -4.02 24.26 -41.13
CA GLY A 116 -4.10 22.89 -41.62
C GLY A 116 -3.13 21.99 -40.86
N GLY A 117 -3.39 20.68 -40.87
CA GLY A 117 -2.60 19.75 -40.06
C GLY A 117 -1.80 18.70 -40.81
N VAL A 118 -1.79 18.77 -42.14
CA VAL A 118 -1.26 17.69 -42.96
C VAL A 118 0.25 17.56 -42.85
N ASN A 119 0.91 18.68 -42.55
CA ASN A 119 2.34 18.63 -42.34
C ASN A 119 2.69 17.95 -41.01
N LYS A 120 1.93 18.21 -39.95
CA LYS A 120 2.17 17.48 -38.70
C LYS A 120 1.85 16.02 -38.91
N LEU A 121 0.82 15.72 -39.71
CA LEU A 121 0.45 14.32 -39.95
C LEU A 121 1.50 13.57 -40.77
N LYS A 122 2.07 14.22 -41.79
CA LYS A 122 3.11 13.60 -42.58
C LYS A 122 4.27 13.27 -41.64
N ASP A 123 4.67 14.27 -40.87
CA ASP A 123 5.80 14.12 -39.97
C ASP A 123 5.52 12.99 -38.97
N ALA A 124 4.32 12.99 -38.40
CA ALA A 124 3.95 11.91 -37.47
C ALA A 124 4.17 10.55 -38.08
N ILE A 125 3.67 10.34 -39.30
CA ILE A 125 3.74 9.03 -39.98
C ILE A 125 5.19 8.56 -40.20
N HIS A 126 6.07 9.48 -40.59
CA HIS A 126 7.45 9.13 -40.83
C HIS A 126 8.08 8.77 -39.48
N GLU A 127 7.89 9.63 -38.48
CA GLU A 127 8.44 9.37 -37.14
C GLU A 127 8.08 7.98 -36.66
N ALA A 128 6.85 7.54 -36.93
CA ALA A 128 6.37 6.23 -36.48
C ALA A 128 6.97 5.07 -37.28
N TYR A 129 7.16 5.26 -38.58
CA TYR A 129 7.82 4.25 -39.40
C TYR A 129 9.30 4.07 -38.98
N GLU A 130 10.03 5.17 -38.90
CA GLU A 130 11.42 5.11 -38.51
C GLU A 130 11.54 4.43 -37.15
N MET A 131 10.68 4.81 -36.22
CA MET A 131 10.80 4.31 -34.85
C MET A 131 10.40 2.87 -34.70
N PHE A 132 9.37 2.44 -35.41
CA PHE A 132 8.74 1.16 -35.09
C PHE A 132 8.77 0.12 -36.21
N HIS A 133 8.83 0.57 -37.46
CA HIS A 133 8.87 -0.36 -38.58
C HIS A 133 7.80 -1.42 -38.44
N PRO A 134 6.52 -0.98 -38.45
CA PRO A 134 5.36 -1.86 -38.34
C PRO A 134 4.93 -2.39 -39.70
N ALA A 135 4.02 -3.36 -39.69
CA ALA A 135 3.46 -3.91 -40.93
C ALA A 135 2.67 -2.83 -41.69
N ALA A 136 1.98 -1.97 -40.95
CA ALA A 136 1.23 -0.87 -41.55
C ALA A 136 1.00 0.26 -40.56
N ILE A 137 0.61 1.41 -41.08
CA ILE A 137 0.21 2.55 -40.28
C ILE A 137 -1.22 2.97 -40.65
N GLY A 138 -2.07 3.18 -39.64
CA GLY A 138 -3.40 3.70 -39.85
C GLY A 138 -3.45 5.15 -39.50
N VAL A 139 -4.24 5.92 -40.25
CA VAL A 139 -4.46 7.32 -39.96
C VAL A 139 -5.96 7.58 -39.82
N TYR A 140 -6.37 8.08 -38.66
CA TYR A 140 -7.79 8.17 -38.30
C TYR A 140 -8.22 9.60 -38.07
N ALA A 141 -9.24 9.99 -38.84
CA ALA A 141 -9.81 11.32 -38.77
C ALA A 141 -10.59 11.51 -37.48
N THR A 142 -10.63 12.75 -37.00
CA THR A 142 -11.46 13.12 -35.87
C THR A 142 -12.32 14.31 -36.30
N CYS A 143 -13.22 14.75 -35.42
CA CYS A 143 -14.18 15.78 -35.76
C CYS A 143 -13.60 16.95 -36.59
N PRO A 144 -12.45 17.49 -36.16
CA PRO A 144 -12.01 18.72 -36.82
C PRO A 144 -11.42 18.49 -38.20
N VAL A 145 -11.02 17.27 -38.49
CA VAL A 145 -10.18 16.98 -39.64
C VAL A 145 -10.86 17.27 -40.99
N GLY A 146 -12.08 16.77 -41.18
CA GLY A 146 -12.83 17.02 -42.41
C GLY A 146 -13.43 18.40 -42.57
N LEU A 147 -13.23 19.28 -41.59
CA LEU A 147 -13.74 20.63 -41.69
C LEU A 147 -12.63 21.64 -41.94
N ILE A 148 -11.40 21.29 -41.58
CA ILE A 148 -10.27 22.20 -41.72
C ILE A 148 -9.58 21.99 -43.06
N GLY A 149 -10.00 20.95 -43.79
CA GLY A 149 -9.53 20.72 -45.15
C GLY A 149 -8.39 19.73 -45.35
N ASP A 150 -7.92 19.09 -44.28
CA ASP A 150 -6.83 18.14 -44.43
C ASP A 150 -7.27 16.97 -45.31
N ASP A 151 -6.41 16.59 -46.26
CA ASP A 151 -6.70 15.49 -47.16
C ASP A 151 -5.87 14.30 -46.74
N ILE A 152 -6.38 13.55 -45.75
CA ILE A 152 -5.60 12.47 -45.16
C ILE A 152 -5.38 11.27 -46.08
N LEU A 153 -6.27 11.08 -47.05
CA LEU A 153 -6.07 10.03 -48.04
C LEU A 153 -4.82 10.36 -48.84
N ALA A 154 -4.78 11.58 -49.38
CA ALA A 154 -3.64 12.03 -50.18
C ALA A 154 -2.36 12.01 -49.34
N VAL A 155 -2.43 12.50 -48.11
CA VAL A 155 -1.25 12.54 -47.26
C VAL A 155 -0.70 11.14 -47.01
N ALA A 156 -1.58 10.16 -46.87
CA ALA A 156 -1.17 8.78 -46.61
C ALA A 156 -0.49 8.16 -47.82
N ALA A 157 -1.03 8.43 -49.00
CA ALA A 157 -0.43 7.94 -50.23
C ALA A 157 1.01 8.44 -50.41
N THR A 158 1.22 9.76 -50.32
CA THR A 158 2.58 10.31 -50.44
C THR A 158 3.51 9.59 -49.49
N ALA A 159 3.16 9.59 -48.21
CA ALA A 159 4.01 8.99 -47.20
C ALA A 159 4.21 7.50 -47.45
N SER A 160 3.17 6.78 -47.83
CA SER A 160 3.33 5.33 -48.07
C SER A 160 4.22 5.06 -49.29
N LYS A 161 4.23 6.00 -50.23
CA LYS A 161 5.14 5.96 -51.36
C LYS A 161 6.55 5.95 -50.81
N GLU A 162 6.87 7.01 -50.07
CA GLU A 162 8.21 7.28 -49.56
C GLU A 162 8.75 6.24 -48.59
N ILE A 163 7.89 5.57 -47.82
CA ILE A 163 8.37 4.68 -46.72
C ILE A 163 8.37 3.18 -47.04
N GLY A 164 7.53 2.72 -47.96
CA GLY A 164 7.60 1.34 -48.42
C GLY A 164 6.66 0.36 -47.73
N ILE A 165 5.65 0.89 -47.05
CA ILE A 165 4.64 0.05 -46.39
C ILE A 165 3.28 0.72 -46.53
N PRO A 166 2.21 -0.05 -46.32
CA PRO A 166 0.84 0.46 -46.44
C PRO A 166 0.49 1.52 -45.38
N VAL A 167 -0.20 2.57 -45.79
CA VAL A 167 -0.68 3.59 -44.86
C VAL A 167 -2.17 3.81 -45.15
N HIS A 168 -3.02 3.38 -44.21
CA HIS A 168 -4.45 3.38 -44.45
C HIS A 168 -5.12 4.58 -43.81
N ALA A 169 -5.78 5.39 -44.62
CA ALA A 169 -6.55 6.51 -44.13
C ALA A 169 -7.99 6.10 -43.87
N PHE A 170 -8.57 6.64 -42.80
CA PHE A 170 -9.97 6.42 -42.49
C PHE A 170 -10.66 7.76 -42.18
N SER A 171 -11.71 8.05 -42.93
CA SER A 171 -12.43 9.28 -42.72
C SER A 171 -13.60 9.02 -41.77
N CYS A 172 -13.24 8.81 -40.49
CA CYS A 172 -14.19 8.55 -39.43
C CYS A 172 -14.43 9.70 -38.44
N GLU A 173 -14.44 10.94 -38.94
CA GLU A 173 -14.84 12.08 -38.13
C GLU A 173 -16.04 11.67 -37.26
N GLY A 174 -16.09 12.19 -36.04
CA GLY A 174 -17.07 11.73 -35.07
C GLY A 174 -18.49 12.16 -35.35
N TYR A 175 -18.69 13.08 -36.28
CA TYR A 175 -20.04 13.57 -36.54
C TYR A 175 -20.71 12.77 -37.66
N LYS A 176 -19.98 11.83 -38.24
CA LYS A 176 -20.52 11.00 -39.30
C LYS A 176 -21.43 9.92 -38.72
N GLY A 177 -22.45 9.57 -39.49
CA GLY A 177 -23.52 8.71 -38.99
C GLY A 177 -24.17 9.29 -37.76
N VAL A 178 -24.59 8.41 -36.84
CA VAL A 178 -25.31 8.79 -35.63
C VAL A 178 -24.73 8.11 -34.39
N SER A 179 -23.65 7.34 -34.56
CA SER A 179 -23.19 6.39 -33.56
C SER A 179 -21.90 5.70 -34.02
N GLN A 180 -21.39 4.80 -33.19
CA GLN A 180 -20.24 3.99 -33.54
C GLN A 180 -20.48 3.20 -34.82
N SER A 181 -21.74 3.03 -35.19
CA SER A 181 -22.08 2.16 -36.31
C SER A 181 -21.36 2.57 -37.60
N ALA A 182 -21.43 3.85 -37.94
CA ALA A 182 -20.83 4.39 -39.14
C ALA A 182 -19.34 4.09 -39.20
N GLY A 183 -18.68 4.11 -38.05
CA GLY A 183 -17.28 3.75 -37.97
C GLY A 183 -17.02 2.30 -38.31
N HIS A 184 -17.94 1.40 -37.95
CA HIS A 184 -17.81 0.00 -38.33
C HIS A 184 -17.76 -0.07 -39.86
N HIS A 185 -18.77 0.55 -40.46
CA HIS A 185 -18.96 0.53 -41.90
C HIS A 185 -17.73 1.12 -42.58
N ILE A 186 -17.30 2.28 -42.09
CA ILE A 186 -16.14 2.98 -42.65
C ILE A 186 -14.91 2.08 -42.63
N ALA A 187 -14.65 1.43 -41.51
CA ALA A 187 -13.51 0.53 -41.41
C ALA A 187 -13.64 -0.68 -42.34
N ASN A 188 -14.82 -1.30 -42.36
CA ASN A 188 -15.05 -2.47 -43.22
C ASN A 188 -14.67 -2.17 -44.68
N ASN A 189 -15.18 -1.05 -45.21
CA ASN A 189 -14.83 -0.62 -46.57
C ASN A 189 -13.33 -0.69 -46.89
N THR A 190 -12.51 0.10 -46.20
CA THR A 190 -11.08 0.13 -46.49
C THR A 190 -10.38 -1.18 -46.17
N VAL A 191 -10.87 -1.92 -45.19
CA VAL A 191 -10.25 -3.20 -44.88
C VAL A 191 -10.46 -4.13 -46.08
N MET A 192 -11.72 -4.31 -46.47
CA MET A 192 -12.03 -5.13 -47.64
C MET A 192 -11.11 -4.86 -48.84
N THR A 193 -11.14 -3.63 -49.33
CA THR A 193 -10.49 -3.32 -50.59
C THR A 193 -8.98 -3.32 -50.50
N ASP A 194 -8.44 -2.91 -49.35
CA ASP A 194 -7.02 -2.65 -49.24
C ASP A 194 -6.21 -3.66 -48.43
N ILE A 195 -6.87 -4.65 -47.85
CA ILE A 195 -6.15 -5.57 -46.96
C ILE A 195 -6.54 -7.03 -47.16
N ILE A 196 -7.82 -7.32 -47.24
CA ILE A 196 -8.27 -8.70 -47.45
C ILE A 196 -7.87 -9.08 -48.88
N GLY A 197 -7.52 -10.34 -49.07
CA GLY A 197 -7.02 -10.81 -50.36
C GLY A 197 -5.51 -10.64 -50.51
N LYS A 198 -5.04 -9.40 -50.38
CA LYS A 198 -3.64 -9.05 -50.60
C LYS A 198 -2.61 -10.07 -50.10
N GLY A 199 -3.08 -11.10 -49.38
CA GLY A 199 -2.18 -12.08 -48.78
C GLY A 199 -1.70 -13.10 -49.79
N ASN A 200 -0.43 -13.49 -49.68
CA ASN A 200 0.19 -14.41 -50.66
C ASN A 200 0.37 -15.81 -50.10
N LYS A 201 -0.37 -16.15 -49.06
CA LYS A 201 -0.15 -17.40 -48.32
C LYS A 201 -1.11 -18.47 -48.81
N GLU A 202 -0.74 -19.73 -48.61
CA GLU A 202 -1.50 -20.86 -49.13
C GLU A 202 -2.54 -21.30 -48.11
N GLN A 203 -3.76 -21.57 -48.57
CA GLN A 203 -4.84 -22.02 -47.69
C GLN A 203 -4.40 -23.24 -46.89
N LYS A 204 -5.35 -23.85 -46.17
CA LYS A 204 -5.09 -24.99 -45.31
C LYS A 204 -6.39 -25.75 -45.13
N LYS A 205 -6.27 -26.96 -44.58
CA LYS A 205 -7.40 -27.87 -44.43
C LYS A 205 -8.37 -27.34 -43.38
N TYR A 206 -9.65 -27.27 -43.73
CA TYR A 206 -10.68 -26.82 -42.81
C TYR A 206 -10.46 -25.37 -42.33
N SER A 207 -9.98 -24.53 -43.24
CA SER A 207 -9.63 -23.14 -42.90
C SER A 207 -10.88 -22.29 -42.67
N ILE A 208 -10.91 -21.61 -41.52
CA ILE A 208 -12.03 -20.72 -41.17
C ILE A 208 -11.59 -19.39 -40.56
N ASN A 209 -12.48 -18.41 -40.61
CA ASN A 209 -12.27 -17.11 -39.99
C ASN A 209 -13.39 -16.89 -38.99
N VAL A 210 -13.08 -16.27 -37.85
CA VAL A 210 -14.12 -15.72 -36.97
C VAL A 210 -14.19 -14.22 -37.20
N LEU A 211 -15.36 -13.75 -37.64
CA LEU A 211 -15.58 -12.35 -37.98
C LEU A 211 -16.35 -11.60 -36.90
N GLY A 212 -16.00 -10.35 -36.69
CA GLY A 212 -16.66 -9.55 -35.68
C GLY A 212 -16.41 -10.15 -34.31
N GLU A 213 -15.13 -10.31 -33.98
CA GLU A 213 -14.72 -10.83 -32.67
C GLU A 213 -13.41 -10.17 -32.28
N TYR A 214 -13.35 -9.60 -31.09
CA TYR A 214 -12.25 -8.67 -30.80
C TYR A 214 -11.41 -9.07 -29.61
N ASN A 215 -11.64 -10.28 -29.13
CA ASN A 215 -10.84 -10.90 -28.08
C ASN A 215 -10.84 -10.09 -26.78
N ILE A 216 -12.04 -9.65 -26.39
CA ILE A 216 -12.24 -8.89 -25.15
C ILE A 216 -12.06 -9.89 -24.01
N GLY A 217 -11.14 -9.58 -23.10
CA GLY A 217 -10.87 -10.44 -21.97
C GLY A 217 -10.52 -11.87 -22.37
N GLY A 218 -10.00 -12.04 -23.58
CA GLY A 218 -9.50 -13.34 -24.01
C GLY A 218 -10.55 -14.26 -24.60
N ASP A 219 -11.71 -13.69 -24.95
CA ASP A 219 -12.81 -14.45 -25.52
C ASP A 219 -12.37 -15.31 -26.71
N ALA A 220 -11.58 -14.72 -27.60
CA ALA A 220 -11.23 -15.35 -28.87
C ALA A 220 -10.31 -16.54 -28.65
N TRP A 221 -9.35 -16.40 -27.75
CA TRP A 221 -8.46 -17.50 -27.43
C TRP A 221 -9.18 -18.71 -26.88
N GLU A 222 -10.27 -18.47 -26.16
CA GLU A 222 -11.10 -19.55 -25.66
C GLU A 222 -11.89 -20.20 -26.78
N MET A 223 -12.35 -19.41 -27.74
CA MET A 223 -13.02 -19.95 -28.92
C MET A 223 -12.04 -20.82 -29.69
N ASP A 224 -10.89 -20.23 -30.01
CA ASP A 224 -9.89 -20.89 -30.81
C ASP A 224 -9.50 -22.20 -30.19
N ARG A 225 -9.33 -22.20 -28.88
CA ARG A 225 -8.89 -23.38 -28.18
C ARG A 225 -9.84 -24.52 -28.51
N VAL A 226 -11.14 -24.30 -28.28
CA VAL A 226 -12.15 -25.31 -28.55
C VAL A 226 -12.20 -25.69 -30.03
N LEU A 227 -12.03 -24.70 -30.90
CA LEU A 227 -12.10 -24.92 -32.35
C LEU A 227 -10.97 -25.83 -32.85
N GLU A 228 -9.82 -25.78 -32.18
CA GLU A 228 -8.67 -26.53 -32.64
C GLU A 228 -8.69 -27.97 -32.16
N LYS A 229 -9.18 -28.21 -30.95
CA LYS A 229 -9.36 -29.58 -30.48
C LYS A 229 -10.14 -30.36 -31.53
N ILE A 230 -11.24 -29.75 -32.00
CA ILE A 230 -12.08 -30.34 -33.04
C ILE A 230 -11.32 -30.60 -34.33
N GLY A 231 -10.37 -29.75 -34.67
CA GLY A 231 -9.50 -30.00 -35.81
C GLY A 231 -9.36 -28.82 -36.77
N TYR A 232 -10.19 -27.80 -36.62
CA TYR A 232 -10.16 -26.66 -37.53
C TYR A 232 -8.83 -25.91 -37.54
N HIS A 233 -8.61 -25.18 -38.62
CA HIS A 233 -7.55 -24.19 -38.68
C HIS A 233 -8.22 -22.82 -38.71
N VAL A 234 -7.79 -21.91 -37.83
CA VAL A 234 -8.42 -20.60 -37.76
C VAL A 234 -7.60 -19.58 -38.54
N ASN A 235 -7.84 -19.52 -39.84
CA ASN A 235 -7.05 -18.69 -40.72
C ASN A 235 -6.95 -17.26 -40.21
N ALA A 236 -8.03 -16.75 -39.60
CA ALA A 236 -8.05 -15.36 -39.15
C ALA A 236 -9.22 -15.03 -38.23
N THR A 237 -8.95 -14.17 -37.25
CA THR A 237 -10.01 -13.61 -36.42
C THR A 237 -10.02 -12.10 -36.64
N LEU A 238 -11.13 -11.56 -37.16
CA LEU A 238 -11.21 -10.13 -37.41
C LEU A 238 -11.91 -9.39 -36.26
N THR A 239 -11.17 -8.65 -35.43
CA THR A 239 -9.72 -8.45 -35.54
C THR A 239 -8.97 -8.76 -34.22
N GLY A 240 -9.62 -9.45 -33.29
CA GLY A 240 -9.01 -9.77 -31.99
C GLY A 240 -7.75 -10.62 -32.04
N ASP A 241 -6.68 -10.11 -31.42
CA ASP A 241 -5.31 -10.67 -31.50
C ASP A 241 -4.80 -10.85 -32.92
N ALA A 242 -5.28 -10.04 -33.86
CA ALA A 242 -4.95 -10.20 -35.26
C ALA A 242 -3.65 -9.50 -35.63
N THR A 243 -2.89 -10.14 -36.52
CA THR A 243 -1.77 -9.51 -37.19
C THR A 243 -2.23 -8.96 -38.53
N TYR A 244 -1.47 -8.03 -39.09
CA TYR A 244 -1.84 -7.44 -40.37
C TYR A 244 -1.86 -8.51 -41.46
N GLU A 245 -0.76 -9.27 -41.55
CA GLU A 245 -0.61 -10.32 -42.55
C GLU A 245 -1.78 -11.28 -42.55
N LYS A 246 -2.22 -11.64 -41.34
CA LYS A 246 -3.31 -12.60 -41.20
C LYS A 246 -4.67 -12.05 -41.66
N VAL A 247 -4.84 -10.73 -41.62
CA VAL A 247 -6.02 -10.10 -42.16
C VAL A 247 -5.93 -10.04 -43.68
N GLN A 248 -4.74 -9.72 -44.19
CA GLN A 248 -4.49 -9.79 -45.62
C GLN A 248 -4.88 -11.17 -46.16
N ASN A 249 -4.67 -12.20 -45.36
CA ASN A 249 -4.91 -13.57 -45.78
C ASN A 249 -6.24 -14.15 -45.31
N ALA A 250 -7.22 -13.28 -45.08
CA ALA A 250 -8.54 -13.73 -44.63
C ALA A 250 -9.24 -14.58 -45.69
N ASP A 251 -8.91 -14.34 -46.96
CA ASP A 251 -9.57 -15.05 -48.06
C ASP A 251 -9.27 -16.55 -48.06
N LYS A 252 -8.17 -16.93 -47.41
CA LYS A 252 -7.76 -18.34 -47.37
C LYS A 252 -8.62 -19.14 -46.40
N ALA A 253 -9.93 -19.15 -46.62
CA ALA A 253 -10.82 -19.93 -45.77
C ALA A 253 -12.08 -20.39 -46.50
N ASP A 254 -12.74 -21.38 -45.91
CA ASP A 254 -13.93 -22.01 -46.48
C ASP A 254 -15.22 -21.63 -45.77
N LEU A 255 -15.11 -20.91 -44.65
CA LEU A 255 -16.30 -20.59 -43.87
C LEU A 255 -16.07 -19.39 -42.97
N ASN A 256 -16.99 -18.44 -43.02
CA ASN A 256 -16.90 -17.24 -42.21
C ASN A 256 -17.89 -17.33 -41.07
N LEU A 257 -17.41 -17.14 -39.84
CA LEU A 257 -18.30 -17.15 -38.69
C LEU A 257 -18.53 -15.73 -38.20
N VAL A 258 -19.78 -15.31 -38.19
CA VAL A 258 -20.12 -13.95 -37.76
C VAL A 258 -20.60 -13.95 -36.32
N GLN A 259 -19.74 -13.50 -35.41
CA GLN A 259 -20.11 -13.33 -34.01
C GLN A 259 -20.87 -12.01 -33.85
N CYS A 260 -20.20 -10.89 -34.10
CA CYS A 260 -20.90 -9.61 -34.04
C CYS A 260 -21.38 -9.28 -35.44
N HIS A 261 -22.68 -9.43 -35.65
CA HIS A 261 -23.23 -9.18 -36.97
C HIS A 261 -23.06 -7.71 -37.38
N ARG A 262 -23.52 -6.79 -36.53
CA ARG A 262 -23.50 -5.36 -36.84
C ARG A 262 -22.17 -4.85 -37.35
N SER A 263 -21.07 -5.18 -36.68
CA SER A 263 -19.80 -4.53 -36.97
C SER A 263 -19.10 -5.08 -38.21
N ILE A 264 -19.38 -6.34 -38.51
CA ILE A 264 -18.61 -7.04 -39.53
C ILE A 264 -19.42 -7.58 -40.73
N ASN A 265 -20.75 -7.58 -40.67
CA ASN A 265 -21.54 -8.17 -41.76
C ASN A 265 -21.19 -7.59 -43.14
N TYR A 266 -20.82 -6.32 -43.18
CA TYR A 266 -20.49 -5.69 -44.45
C TYR A 266 -19.40 -6.53 -45.13
N ILE A 267 -18.43 -6.99 -44.35
CA ILE A 267 -17.32 -7.77 -44.88
C ILE A 267 -17.71 -9.23 -45.14
N ALA A 268 -18.58 -9.78 -44.30
CA ALA A 268 -19.14 -11.10 -44.55
C ALA A 268 -19.71 -11.20 -45.97
N GLU A 269 -20.63 -10.27 -46.29
CA GLU A 269 -21.28 -10.18 -47.61
C GLU A 269 -20.29 -10.08 -48.76
N MET A 270 -19.35 -9.14 -48.65
CA MET A 270 -18.40 -8.87 -49.72
C MET A 270 -17.42 -10.02 -49.96
N MET A 271 -17.00 -10.69 -48.90
CA MET A 271 -16.16 -11.87 -49.04
C MET A 271 -16.89 -12.99 -49.78
N GLU A 272 -18.20 -13.10 -49.59
CA GLU A 272 -18.98 -14.10 -50.31
C GLU A 272 -19.01 -13.74 -51.79
N THR A 273 -19.24 -12.46 -52.05
CA THR A 273 -19.34 -11.94 -53.41
C THR A 273 -18.04 -12.03 -54.18
N LYS A 274 -16.97 -11.53 -53.58
CA LYS A 274 -15.69 -11.44 -54.27
C LYS A 274 -14.95 -12.77 -54.34
N TYR A 275 -15.01 -13.56 -53.27
CA TYR A 275 -14.23 -14.79 -53.19
C TYR A 275 -15.08 -16.04 -53.16
N GLY A 276 -16.39 -15.87 -53.04
CA GLY A 276 -17.31 -17.00 -52.97
C GLY A 276 -17.17 -17.80 -51.69
N ILE A 277 -16.96 -17.10 -50.57
CA ILE A 277 -16.89 -17.75 -49.28
C ILE A 277 -18.21 -17.48 -48.56
N PRO A 278 -18.85 -18.53 -48.04
CA PRO A 278 -20.13 -18.35 -47.36
C PRO A 278 -19.93 -17.93 -45.91
N TRP A 279 -21.03 -17.73 -45.19
CA TRP A 279 -20.95 -17.36 -43.79
C TRP A 279 -22.17 -17.75 -43.00
N ILE A 280 -21.95 -18.12 -41.75
CA ILE A 280 -23.03 -18.36 -40.82
C ILE A 280 -22.91 -17.44 -39.61
N LYS A 281 -24.06 -17.11 -39.04
CA LYS A 281 -24.11 -16.48 -37.75
C LYS A 281 -23.65 -17.51 -36.72
N CYS A 282 -22.70 -17.14 -35.88
CA CYS A 282 -22.30 -17.99 -34.78
C CYS A 282 -22.59 -17.25 -33.51
N ASN A 283 -22.76 -17.98 -32.42
CA ASN A 283 -22.75 -17.35 -31.11
C ASN A 283 -21.94 -18.18 -30.16
N PHE A 284 -20.69 -17.79 -29.95
CA PHE A 284 -19.81 -18.54 -29.08
C PHE A 284 -19.99 -18.24 -27.61
N ILE A 285 -21.12 -17.67 -27.23
CA ILE A 285 -21.39 -17.47 -25.82
C ILE A 285 -22.68 -18.19 -25.40
N GLY A 286 -22.63 -18.78 -24.21
CA GLY A 286 -23.71 -19.64 -23.72
C GLY A 286 -23.42 -21.04 -24.24
N VAL A 287 -23.58 -22.05 -23.39
CA VAL A 287 -23.38 -23.44 -23.83
C VAL A 287 -24.28 -23.75 -25.04
N ASP A 288 -25.57 -23.46 -24.90
CA ASP A 288 -26.54 -23.68 -25.97
C ASP A 288 -26.10 -23.03 -27.27
N GLY A 289 -25.59 -21.81 -27.17
CA GLY A 289 -25.11 -21.08 -28.33
C GLY A 289 -23.88 -21.70 -28.93
N ILE A 290 -22.96 -22.14 -28.08
CA ILE A 290 -21.71 -22.72 -28.56
C ILE A 290 -21.97 -24.07 -29.26
N VAL A 291 -22.70 -24.94 -28.59
CA VAL A 291 -23.00 -26.26 -29.18
C VAL A 291 -23.75 -26.06 -30.49
N GLU A 292 -24.88 -25.36 -30.43
CA GLU A 292 -25.64 -25.07 -31.63
C GLU A 292 -24.73 -24.56 -32.74
N THR A 293 -23.77 -23.70 -32.40
CA THR A 293 -22.83 -23.17 -33.38
C THR A 293 -21.96 -24.25 -34.00
N LEU A 294 -21.34 -25.08 -33.16
CA LEU A 294 -20.38 -26.09 -33.64
C LEU A 294 -21.13 -27.16 -34.43
N ARG A 295 -22.34 -27.47 -33.99
CA ARG A 295 -23.19 -28.39 -34.73
C ARG A 295 -23.48 -27.85 -36.12
N ASP A 296 -23.65 -26.54 -36.23
CA ASP A 296 -23.89 -25.91 -37.53
C ASP A 296 -22.69 -25.98 -38.44
N MET A 297 -21.50 -25.78 -37.90
CA MET A 297 -20.31 -25.67 -38.75
C MET A 297 -19.97 -27.04 -39.32
N ALA A 298 -20.17 -28.08 -38.50
CA ALA A 298 -19.85 -29.45 -38.90
C ALA A 298 -20.62 -29.83 -40.16
N LYS A 299 -21.84 -29.30 -40.28
CA LYS A 299 -22.69 -29.56 -41.43
C LYS A 299 -22.13 -28.90 -42.68
N CYS A 300 -21.83 -27.61 -42.59
CA CYS A 300 -21.29 -26.91 -43.74
C CYS A 300 -20.07 -27.64 -44.28
N PHE A 301 -19.36 -28.33 -43.39
CA PHE A 301 -18.19 -29.09 -43.78
C PHE A 301 -18.55 -30.52 -44.18
N ASP A 302 -19.54 -31.11 -43.50
CA ASP A 302 -20.07 -32.41 -43.87
C ASP A 302 -18.97 -33.46 -43.86
N ASP A 303 -18.77 -34.10 -42.70
CA ASP A 303 -17.58 -34.91 -42.49
C ASP A 303 -17.73 -35.82 -41.26
N PRO A 304 -18.10 -37.09 -41.49
CA PRO A 304 -18.28 -38.07 -40.42
C PRO A 304 -17.26 -37.98 -39.29
N GLU A 305 -15.99 -37.72 -39.60
CA GLU A 305 -14.94 -37.70 -38.58
C GLU A 305 -15.01 -36.40 -37.79
N LEU A 306 -14.66 -35.30 -38.45
CA LEU A 306 -14.79 -33.95 -37.87
C LEU A 306 -16.11 -33.77 -37.13
N THR A 307 -17.19 -34.26 -37.73
CA THR A 307 -18.52 -34.15 -37.15
C THR A 307 -18.61 -34.94 -35.86
N LYS A 308 -17.83 -36.01 -35.80
CA LYS A 308 -17.80 -36.88 -34.63
C LYS A 308 -16.87 -36.33 -33.57
N ARG A 309 -15.64 -36.01 -33.98
CA ARG A 309 -14.70 -35.28 -33.14
C ARG A 309 -15.41 -34.09 -32.48
N THR A 310 -16.19 -33.35 -33.27
CA THR A 310 -17.03 -32.28 -32.75
C THR A 310 -17.84 -32.75 -31.55
N GLU A 311 -18.77 -33.67 -31.75
CA GLU A 311 -19.65 -34.07 -30.67
C GLU A 311 -18.88 -34.69 -29.51
N GLU A 312 -17.62 -35.07 -29.76
CA GLU A 312 -16.75 -35.56 -28.70
C GLU A 312 -16.29 -34.41 -27.79
N VAL A 313 -15.58 -33.45 -28.38
CA VAL A 313 -15.07 -32.31 -27.60
C VAL A 313 -16.17 -31.63 -26.81
N ILE A 314 -17.38 -31.59 -27.38
CA ILE A 314 -18.54 -31.03 -26.68
C ILE A 314 -18.79 -31.79 -25.40
N ALA A 315 -18.61 -33.10 -25.48
CA ALA A 315 -18.91 -33.99 -24.38
C ALA A 315 -17.93 -33.76 -23.23
N GLU A 316 -16.64 -33.77 -23.53
CA GLU A 316 -15.62 -33.62 -22.49
C GLU A 316 -15.58 -32.19 -21.94
N GLU A 317 -15.99 -31.22 -22.77
CA GLU A 317 -16.04 -29.81 -22.34
C GLU A 317 -17.22 -29.58 -21.42
N ILE A 318 -18.39 -30.06 -21.81
CA ILE A 318 -19.58 -29.94 -20.97
C ILE A 318 -19.48 -30.81 -19.74
N ALA A 319 -18.89 -31.99 -19.91
CA ALA A 319 -18.60 -32.82 -18.77
C ALA A 319 -17.86 -31.96 -17.73
N ALA A 320 -16.76 -31.38 -18.17
CA ALA A 320 -15.84 -30.63 -17.30
C ALA A 320 -16.47 -29.50 -16.48
N ILE A 321 -17.67 -29.04 -16.84
CA ILE A 321 -18.25 -27.83 -16.22
C ILE A 321 -19.67 -27.99 -15.72
N GLN A 322 -20.25 -29.17 -15.89
CA GLN A 322 -21.69 -29.31 -15.63
C GLN A 322 -22.00 -28.98 -14.18
N ASP A 323 -21.12 -29.37 -13.26
CA ASP A 323 -21.37 -29.10 -11.84
C ASP A 323 -21.55 -27.60 -11.58
N ASP A 324 -20.75 -26.79 -12.27
CA ASP A 324 -20.83 -25.33 -12.18
C ASP A 324 -22.20 -24.80 -12.69
N LEU A 325 -22.64 -25.35 -13.81
CA LEU A 325 -23.89 -24.94 -14.44
C LEU A 325 -25.07 -25.18 -13.52
N ASP A 326 -25.05 -26.30 -12.80
CA ASP A 326 -26.14 -26.63 -11.91
C ASP A 326 -26.13 -25.68 -10.72
N TYR A 327 -24.93 -25.33 -10.26
CA TYR A 327 -24.81 -24.34 -9.19
C TYR A 327 -25.42 -22.99 -9.60
N PHE A 328 -25.07 -22.51 -10.78
CA PHE A 328 -25.59 -21.19 -11.20
C PHE A 328 -27.12 -21.22 -11.20
N LYS A 329 -27.68 -22.22 -11.88
CA LYS A 329 -29.12 -22.41 -11.90
C LYS A 329 -29.67 -22.49 -10.48
N GLU A 330 -29.04 -23.25 -9.60
CA GLU A 330 -29.47 -23.28 -8.19
C GLU A 330 -29.54 -21.90 -7.56
N LYS A 331 -28.50 -21.09 -7.78
CA LYS A 331 -28.39 -19.83 -7.08
C LYS A 331 -29.09 -18.65 -7.79
N LEU A 332 -29.49 -18.88 -9.05
CA LEU A 332 -30.04 -17.83 -9.95
C LEU A 332 -31.47 -18.06 -10.48
N GLN A 333 -31.96 -19.29 -10.37
CA GLN A 333 -33.30 -19.63 -10.83
C GLN A 333 -34.36 -18.61 -10.41
N GLY A 334 -35.15 -18.15 -11.37
CA GLY A 334 -36.23 -17.20 -11.09
C GLY A 334 -35.79 -15.74 -10.98
N LYS A 335 -34.49 -15.47 -11.07
CA LYS A 335 -34.03 -14.06 -11.06
C LYS A 335 -34.40 -13.39 -12.39
N THR A 336 -34.59 -12.08 -12.32
CA THR A 336 -34.91 -11.31 -13.50
C THR A 336 -33.78 -10.36 -13.89
N ALA A 337 -33.69 -10.10 -15.20
CA ALA A 337 -32.61 -9.32 -15.81
C ALA A 337 -33.08 -8.34 -16.86
N CYS A 338 -32.35 -7.24 -16.99
CA CYS A 338 -32.37 -6.41 -18.18
C CYS A 338 -30.98 -6.33 -18.81
N LEU A 339 -30.96 -6.20 -20.14
CA LEU A 339 -29.71 -6.10 -20.90
C LEU A 339 -29.72 -4.90 -21.84
N TYR A 340 -28.80 -3.98 -21.63
CA TYR A 340 -28.54 -2.93 -22.61
C TYR A 340 -27.07 -2.93 -22.95
N VAL A 341 -26.69 -3.55 -24.05
CA VAL A 341 -25.27 -3.56 -24.40
C VAL A 341 -25.10 -2.80 -25.71
N GLY A 342 -24.17 -3.18 -26.56
CA GLY A 342 -23.86 -2.33 -27.68
C GLY A 342 -24.80 -2.57 -28.83
N GLY A 343 -24.38 -3.42 -29.75
CA GLY A 343 -25.17 -3.77 -30.92
C GLY A 343 -25.12 -5.25 -31.23
N SER A 344 -24.71 -6.06 -30.24
CA SER A 344 -24.65 -7.52 -30.40
C SER A 344 -24.92 -8.27 -29.08
N ARG A 345 -24.26 -7.86 -28.00
CA ARG A 345 -24.25 -8.70 -26.79
C ARG A 345 -25.56 -8.77 -26.03
N SER A 346 -26.38 -7.74 -26.17
CA SER A 346 -27.70 -7.77 -25.60
C SER A 346 -28.42 -9.08 -25.96
N HIS A 347 -28.13 -9.57 -27.16
CA HIS A 347 -28.79 -10.75 -27.69
C HIS A 347 -27.97 -11.99 -27.40
N THR A 348 -26.66 -11.91 -27.63
CA THR A 348 -25.85 -13.11 -27.55
C THR A 348 -25.74 -13.67 -26.12
N TYR A 349 -25.98 -12.83 -25.12
CA TYR A 349 -25.94 -13.26 -23.72
C TYR A 349 -27.24 -13.86 -23.22
N MET A 350 -28.27 -13.85 -24.06
CA MET A 350 -29.61 -14.28 -23.64
C MET A 350 -29.74 -15.78 -23.34
N ASN A 351 -29.16 -16.62 -24.19
CA ASN A 351 -29.25 -18.07 -23.97
C ASN A 351 -28.55 -18.47 -22.66
N MET A 352 -27.38 -17.90 -22.41
CA MET A 352 -26.66 -18.20 -21.17
C MET A 352 -27.53 -17.90 -19.97
N LEU A 353 -28.13 -16.72 -19.93
CA LEU A 353 -28.99 -16.34 -18.82
C LEU A 353 -30.19 -17.28 -18.70
N LYS A 354 -30.69 -17.77 -19.84
CA LYS A 354 -31.83 -18.68 -19.81
C LYS A 354 -31.44 -20.02 -19.16
N SER A 355 -30.28 -20.55 -19.51
CA SER A 355 -29.81 -21.79 -18.91
C SER A 355 -29.53 -21.63 -17.43
N PHE A 356 -29.35 -20.39 -16.95
CA PHE A 356 -29.26 -20.14 -15.51
C PHE A 356 -30.65 -19.97 -14.90
N GLY A 357 -31.68 -20.04 -15.73
CA GLY A 357 -33.05 -19.88 -15.23
C GLY A 357 -33.36 -18.43 -14.91
N VAL A 358 -32.68 -17.51 -15.59
CA VAL A 358 -32.89 -16.09 -15.37
C VAL A 358 -33.86 -15.59 -16.43
N ASP A 359 -34.80 -14.73 -16.06
CA ASP A 359 -35.79 -14.19 -16.99
CA ASP A 359 -35.76 -14.20 -17.03
C ASP A 359 -35.37 -12.82 -17.56
N SER A 360 -35.12 -12.74 -18.86
CA SER A 360 -34.77 -11.45 -19.45
C SER A 360 -36.02 -10.67 -19.85
N LEU A 361 -36.32 -9.63 -19.10
CA LEU A 361 -37.55 -8.87 -19.24
C LEU A 361 -37.43 -7.73 -20.27
N VAL A 362 -36.21 -7.19 -20.38
CA VAL A 362 -35.96 -5.99 -21.16
C VAL A 362 -34.65 -6.13 -21.94
N ALA A 363 -34.63 -5.66 -23.18
CA ALA A 363 -33.39 -5.62 -23.94
C ALA A 363 -33.36 -4.44 -24.88
N GLY A 364 -32.15 -4.05 -25.27
CA GLY A 364 -32.00 -3.00 -26.27
C GLY A 364 -30.60 -2.96 -26.83
N PHE A 365 -30.45 -2.25 -27.95
CA PHE A 365 -29.14 -1.95 -28.51
C PHE A 365 -28.92 -0.43 -28.49
N GLU A 366 -27.66 -0.02 -28.28
CA GLU A 366 -27.27 1.40 -28.40
C GLU A 366 -27.43 1.90 -29.83
N PHE A 367 -26.87 1.15 -30.77
CA PHE A 367 -26.61 1.62 -32.13
C PHE A 367 -26.87 0.59 -33.24
N ALA A 368 -27.51 -0.53 -32.88
CA ALA A 368 -27.83 -1.56 -33.87
C ALA A 368 -28.89 -1.05 -34.85
N HIS A 369 -29.07 -1.78 -35.94
CA HIS A 369 -30.02 -1.39 -36.97
C HIS A 369 -31.27 -2.28 -36.90
N ARG A 370 -32.28 -1.97 -37.71
CA ARG A 370 -33.49 -2.78 -37.72
C ARG A 370 -33.19 -4.29 -37.95
N ASP A 371 -32.18 -4.63 -38.76
CA ASP A 371 -31.90 -6.04 -39.01
C ASP A 371 -31.32 -6.80 -37.81
N ASP A 372 -30.79 -6.08 -36.83
CA ASP A 372 -30.28 -6.75 -35.64
C ASP A 372 -31.42 -7.02 -34.69
N TYR A 373 -32.44 -6.17 -34.71
CA TYR A 373 -33.62 -6.36 -33.89
C TYR A 373 -34.53 -7.39 -34.58
N GLU A 374 -34.80 -7.15 -35.86
CA GLU A 374 -35.84 -7.85 -36.61
C GLU A 374 -35.30 -8.93 -37.56
N GLY A 375 -33.99 -8.99 -37.74
CA GLY A 375 -33.39 -9.98 -38.64
C GLY A 375 -33.17 -9.41 -40.02
N ARG A 376 -32.30 -10.07 -40.80
CA ARG A 376 -31.86 -9.56 -42.10
C ARG A 376 -32.94 -9.55 -43.17
N GLU A 377 -33.96 -10.39 -43.00
CA GLU A 377 -35.14 -10.41 -43.88
C GLU A 377 -35.74 -9.01 -44.12
N VAL A 378 -35.58 -8.08 -43.17
CA VAL A 378 -36.14 -6.73 -43.34
C VAL A 378 -35.24 -5.74 -44.07
N ILE A 379 -34.01 -6.14 -44.41
CA ILE A 379 -33.07 -5.23 -45.08
C ILE A 379 -33.68 -4.48 -46.28
N PRO A 380 -34.39 -5.19 -47.16
CA PRO A 380 -35.11 -4.50 -48.26
C PRO A 380 -36.00 -3.32 -47.86
N THR A 381 -36.57 -3.32 -46.66
CA THR A 381 -37.45 -2.23 -46.24
C THR A 381 -36.68 -1.08 -45.56
N ILE A 382 -35.37 -1.24 -45.38
CA ILE A 382 -34.57 -0.27 -44.65
C ILE A 382 -34.28 0.95 -45.49
N LYS A 383 -34.77 2.10 -45.04
CA LYS A 383 -34.42 3.38 -45.65
C LYS A 383 -33.26 4.08 -44.93
N ILE A 384 -32.16 4.26 -45.65
CA ILE A 384 -31.04 5.02 -45.13
C ILE A 384 -31.51 6.45 -44.98
N ASP A 385 -31.29 7.05 -43.81
CA ASP A 385 -31.79 8.40 -43.59
C ASP A 385 -30.70 9.45 -43.78
N ALA A 386 -31.09 10.70 -43.62
CA ALA A 386 -30.22 11.82 -43.96
C ALA A 386 -28.92 11.79 -43.16
N ASP A 387 -28.99 11.31 -41.93
CA ASP A 387 -27.85 11.39 -41.03
C ASP A 387 -26.77 10.34 -41.31
N SER A 388 -27.10 9.33 -42.11
CA SER A 388 -26.14 8.27 -42.49
C SER A 388 -25.92 8.15 -44.02
N LYS A 389 -26.58 9.06 -44.76
CA LYS A 389 -26.54 9.10 -46.21
C LYS A 389 -25.10 9.16 -46.70
N ASN A 390 -24.31 10.02 -46.06
CA ASN A 390 -22.91 10.22 -46.46
C ASN A 390 -21.93 9.25 -45.78
N ILE A 391 -22.38 8.03 -45.50
CA ILE A 391 -21.49 6.92 -45.18
C ILE A 391 -21.36 6.13 -46.48
N PRO A 392 -20.13 5.93 -46.97
CA PRO A 392 -20.02 5.36 -48.31
C PRO A 392 -20.31 3.87 -48.42
N GLU A 393 -21.03 3.50 -49.48
CA GLU A 393 -21.23 2.11 -49.87
C GLU A 393 -20.21 1.70 -50.94
N ILE A 394 -19.70 0.49 -50.80
CA ILE A 394 -18.67 -0.05 -51.69
C ILE A 394 -19.23 -1.28 -52.41
N THR A 395 -18.80 -1.51 -53.64
CA THR A 395 -19.23 -2.68 -54.39
C THR A 395 -18.02 -3.54 -54.74
N VAL A 396 -18.15 -4.85 -54.58
CA VAL A 396 -17.10 -5.77 -55.01
C VAL A 396 -17.63 -6.76 -56.05
N THR A 397 -16.72 -7.43 -56.76
CA THR A 397 -17.09 -8.38 -57.80
C THR A 397 -16.20 -9.61 -57.78
N PRO A 398 -16.77 -10.78 -58.10
CA PRO A 398 -15.99 -12.01 -58.06
C PRO A 398 -14.57 -11.83 -58.58
N ASP A 399 -13.59 -12.31 -57.82
CA ASP A 399 -12.21 -12.31 -58.30
C ASP A 399 -12.00 -13.57 -59.14
N GLU A 400 -11.57 -13.38 -60.38
CA GLU A 400 -11.45 -14.49 -61.32
C GLU A 400 -10.44 -15.53 -60.86
N GLN A 401 -9.18 -15.13 -60.78
CA GLN A 401 -8.11 -16.05 -60.40
C GLN A 401 -8.31 -16.66 -59.00
N LYS A 402 -9.20 -16.07 -58.20
CA LYS A 402 -9.42 -16.55 -56.82
C LYS A 402 -10.78 -17.21 -56.57
N TYR A 403 -11.86 -16.62 -57.11
CA TYR A 403 -13.24 -17.04 -56.79
C TYR A 403 -13.48 -18.55 -56.82
N ARG A 404 -14.47 -19.01 -56.05
CA ARG A 404 -14.76 -20.44 -55.88
C ARG A 404 -16.19 -20.66 -55.39
N VAL A 405 -16.69 -21.88 -55.52
CA VAL A 405 -18.06 -22.21 -55.08
C VAL A 405 -17.97 -23.21 -53.94
N VAL A 406 -17.60 -22.72 -52.77
CA VAL A 406 -17.24 -23.58 -51.65
C VAL A 406 -18.35 -24.57 -51.27
N ILE A 407 -19.61 -24.13 -51.36
CA ILE A 407 -20.74 -25.02 -51.13
C ILE A 407 -21.63 -25.04 -52.38
N PRO A 408 -21.63 -26.18 -53.09
CA PRO A 408 -22.48 -26.33 -54.25
C PRO A 408 -23.84 -25.69 -54.03
N GLU A 409 -24.35 -25.02 -55.06
CA GLU A 409 -25.61 -24.30 -54.96
C GLU A 409 -26.70 -25.12 -54.27
N ASP A 410 -26.95 -26.34 -54.77
CA ASP A 410 -28.04 -27.18 -54.24
C ASP A 410 -27.86 -27.43 -52.74
N LYS A 411 -26.61 -27.68 -52.36
CA LYS A 411 -26.25 -28.04 -50.99
C LYS A 411 -26.59 -26.92 -50.02
N VAL A 412 -26.24 -25.69 -50.37
CA VAL A 412 -26.54 -24.54 -49.54
C VAL A 412 -27.98 -24.61 -49.04
N GLU A 413 -28.90 -24.77 -49.99
CA GLU A 413 -30.33 -24.63 -49.74
C GLU A 413 -30.90 -25.69 -48.80
N GLU A 414 -30.24 -26.86 -48.74
CA GLU A 414 -30.69 -27.92 -47.84
C GLU A 414 -30.16 -27.71 -46.43
N LEU A 415 -29.03 -27.02 -46.30
CA LEU A 415 -28.53 -26.63 -45.00
C LEU A 415 -29.43 -25.55 -44.42
N LYS A 416 -29.81 -24.59 -45.26
CA LYS A 416 -30.80 -23.57 -44.87
C LYS A 416 -32.10 -24.26 -44.52
N LYS A 417 -32.42 -25.30 -45.28
CA LYS A 417 -33.57 -26.13 -44.99
C LYS A 417 -33.50 -26.64 -43.55
N ALA A 418 -32.31 -27.08 -43.12
CA ALA A 418 -32.14 -27.65 -41.78
C ALA A 418 -32.22 -26.61 -40.64
N GLY A 419 -32.01 -25.34 -40.95
CA GLY A 419 -31.98 -24.28 -39.94
C GLY A 419 -30.57 -23.76 -39.69
N VAL A 420 -29.70 -23.95 -40.68
CA VAL A 420 -28.33 -23.47 -40.61
C VAL A 420 -28.26 -22.06 -41.18
N PRO A 421 -28.01 -21.06 -40.31
CA PRO A 421 -28.06 -19.65 -40.72
C PRO A 421 -26.97 -19.26 -41.72
N LEU A 422 -27.11 -19.74 -42.95
CA LEU A 422 -26.22 -19.33 -44.04
C LEU A 422 -26.66 -17.98 -44.59
N SER A 423 -25.73 -17.03 -44.60
CA SER A 423 -25.99 -15.64 -44.98
C SER A 423 -27.27 -15.12 -44.34
N SER A 424 -27.44 -15.37 -43.04
CA SER A 424 -28.67 -15.00 -42.37
C SER A 424 -28.48 -14.76 -40.88
N TYR A 425 -29.29 -13.87 -40.34
CA TYR A 425 -29.30 -13.62 -38.90
C TYR A 425 -30.72 -13.27 -38.52
N GLY A 426 -31.24 -13.95 -37.49
CA GLY A 426 -32.66 -13.89 -37.15
C GLY A 426 -33.08 -12.71 -36.28
N GLY A 427 -32.12 -12.09 -35.61
CA GLY A 427 -32.41 -10.87 -34.85
C GLY A 427 -32.78 -11.18 -33.42
N MET A 428 -32.58 -10.19 -32.55
CA MET A 428 -32.77 -10.38 -31.11
C MET A 428 -34.22 -10.69 -30.72
N MET A 429 -35.16 -10.06 -31.40
CA MET A 429 -36.58 -10.08 -30.98
C MET A 429 -37.19 -11.46 -30.92
N LYS A 430 -36.83 -12.31 -31.87
CA LYS A 430 -37.50 -13.60 -31.97
C LYS A 430 -37.10 -14.48 -30.79
N GLU A 431 -35.91 -14.24 -30.24
CA GLU A 431 -35.39 -15.06 -29.16
C GLU A 431 -35.96 -14.64 -27.81
N MET A 432 -36.59 -13.47 -27.76
CA MET A 432 -37.15 -12.98 -26.50
C MET A 432 -38.55 -13.52 -26.18
N HIS A 433 -38.84 -13.60 -24.89
CA HIS A 433 -40.11 -14.12 -24.42
C HIS A 433 -41.22 -13.12 -24.71
N ASP A 434 -42.45 -13.60 -24.70
CA ASP A 434 -43.62 -12.81 -24.98
C ASP A 434 -43.92 -11.82 -23.84
N GLY A 435 -44.33 -10.61 -24.21
CA GLY A 435 -44.65 -9.56 -23.25
C GLY A 435 -43.43 -8.77 -22.80
N THR A 436 -42.26 -9.17 -23.28
CA THR A 436 -41.02 -8.44 -22.99
C THR A 436 -40.94 -7.18 -23.88
N ILE A 437 -39.90 -6.39 -23.68
CA ILE A 437 -39.84 -5.08 -24.30
C ILE A 437 -38.43 -4.78 -24.80
N LEU A 438 -38.37 -4.09 -25.94
CA LEU A 438 -37.12 -3.60 -26.51
C LEU A 438 -37.10 -2.08 -26.45
N ILE A 439 -35.92 -1.53 -26.18
CA ILE A 439 -35.73 -0.09 -26.08
C ILE A 439 -34.42 0.25 -26.79
N ASP A 440 -34.55 0.81 -27.97
CA ASP A 440 -33.40 1.24 -28.76
C ASP A 440 -32.89 2.60 -28.28
N ASP A 441 -31.57 2.76 -28.18
CA ASP A 441 -30.95 3.99 -27.67
C ASP A 441 -31.52 4.38 -26.31
N MET A 442 -31.65 3.39 -25.42
CA MET A 442 -32.17 3.62 -24.07
C MET A 442 -31.35 4.67 -23.36
N ASN A 443 -32.05 5.68 -22.84
CA ASN A 443 -31.43 6.77 -22.14
C ASN A 443 -31.66 6.66 -20.63
N HIS A 444 -31.02 7.54 -19.87
CA HIS A 444 -31.15 7.52 -18.43
C HIS A 444 -32.60 7.51 -17.92
N HIS A 445 -33.43 8.39 -18.47
CA HIS A 445 -34.83 8.48 -18.05
C HIS A 445 -35.54 7.15 -18.20
N ASP A 446 -35.34 6.54 -19.36
CA ASP A 446 -35.95 5.25 -19.65
C ASP A 446 -35.54 4.23 -18.61
N MET A 447 -34.24 4.12 -18.41
CA MET A 447 -33.67 3.04 -17.62
C MET A 447 -34.27 3.11 -16.23
N GLU A 448 -34.44 4.35 -15.74
CA GLU A 448 -34.93 4.59 -14.39
C GLU A 448 -36.38 4.10 -14.23
N VAL A 449 -37.23 4.47 -15.17
CA VAL A 449 -38.59 3.94 -15.21
C VAL A 449 -38.59 2.41 -15.27
N VAL A 450 -37.75 1.82 -16.09
CA VAL A 450 -37.64 0.37 -16.10
C VAL A 450 -37.28 -0.15 -14.72
N LEU A 451 -36.40 0.55 -14.02
CA LEU A 451 -35.90 0.06 -12.74
C LEU A 451 -36.96 0.15 -11.66
N GLU A 452 -37.72 1.25 -11.65
CA GLU A 452 -38.82 1.36 -10.69
C GLU A 452 -39.93 0.35 -10.98
N LYS A 453 -40.34 0.25 -12.24
CA LYS A 453 -41.52 -0.52 -12.61
C LYS A 453 -41.31 -2.03 -12.61
N LEU A 454 -40.16 -2.50 -13.07
CA LEU A 454 -39.94 -3.93 -13.19
C LEU A 454 -39.08 -4.54 -12.09
N LYS A 455 -38.31 -3.69 -11.42
CA LYS A 455 -37.45 -4.14 -10.33
C LYS A 455 -36.62 -5.36 -10.64
N PRO A 456 -35.78 -5.29 -11.71
CA PRO A 456 -35.02 -6.47 -12.06
C PRO A 456 -34.07 -6.80 -10.94
N ASP A 457 -33.56 -8.03 -10.94
CA ASP A 457 -32.55 -8.42 -9.96
C ASP A 457 -31.19 -7.97 -10.47
N MET A 458 -31.06 -7.84 -11.79
CA MET A 458 -29.76 -7.52 -12.37
C MET A 458 -29.92 -6.76 -13.69
N PHE A 459 -28.99 -5.87 -13.97
CA PHE A 459 -29.11 -5.05 -15.15
C PHE A 459 -27.74 -4.93 -15.79
N PHE A 460 -27.57 -5.64 -16.89
CA PHE A 460 -26.30 -5.64 -17.60
C PHE A 460 -26.21 -4.41 -18.50
N ALA A 461 -25.08 -3.73 -18.44
CA ALA A 461 -24.89 -2.65 -19.38
C ALA A 461 -23.42 -2.29 -19.40
N GLY A 462 -23.12 -1.00 -19.23
CA GLY A 462 -21.74 -0.53 -19.37
C GLY A 462 -21.28 0.27 -18.16
N ILE A 463 -20.18 0.99 -18.33
CA ILE A 463 -19.55 1.68 -17.21
C ILE A 463 -20.33 2.91 -16.78
N LYS A 464 -21.01 3.58 -17.72
CA LYS A 464 -21.74 4.80 -17.41
C LYS A 464 -23.02 4.48 -16.64
N GLU A 465 -23.61 3.33 -16.93
CA GLU A 465 -24.82 2.92 -16.22
C GLU A 465 -24.53 2.17 -14.93
N LYS A 466 -23.42 1.45 -14.89
CA LYS A 466 -23.15 0.51 -13.79
C LYS A 466 -23.44 1.08 -12.42
N PHE A 467 -22.84 2.21 -12.11
CA PHE A 467 -22.95 2.76 -10.77
C PHE A 467 -24.26 3.41 -10.56
N VAL A 468 -24.90 3.90 -11.62
CA VAL A 468 -26.21 4.51 -11.46
C VAL A 468 -27.13 3.42 -10.95
N ILE A 469 -27.04 2.24 -11.57
CA ILE A 469 -27.88 1.11 -11.18
C ILE A 469 -27.56 0.63 -9.74
N GLN A 470 -26.30 0.39 -9.44
CA GLN A 470 -25.95 -0.07 -8.11
C GLN A 470 -26.20 0.94 -6.97
N LYS A 471 -26.17 2.25 -7.24
CA LYS A 471 -26.53 3.23 -6.22
C LYS A 471 -27.98 3.01 -5.78
N GLY A 472 -28.80 2.45 -6.68
CA GLY A 472 -30.18 2.09 -6.35
C GLY A 472 -30.39 0.68 -5.80
N GLY A 473 -29.31 0.02 -5.39
CA GLY A 473 -29.39 -1.30 -4.78
C GLY A 473 -29.57 -2.45 -5.75
N VAL A 474 -29.33 -2.21 -7.04
CA VAL A 474 -29.42 -3.27 -8.03
C VAL A 474 -28.07 -3.60 -8.65
N LEU A 475 -27.80 -4.89 -8.78
CA LEU A 475 -26.57 -5.39 -9.35
C LEU A 475 -26.43 -5.10 -10.86
N SER A 476 -25.36 -4.41 -11.23
CA SER A 476 -25.07 -4.22 -12.65
C SER A 476 -23.71 -4.76 -12.97
N LYS A 477 -23.68 -5.80 -13.78
CA LYS A 477 -22.46 -6.30 -14.33
C LYS A 477 -22.27 -5.76 -15.73
N GLN A 478 -21.09 -5.25 -15.99
CA GLN A 478 -20.69 -4.76 -17.31
C GLN A 478 -20.50 -5.89 -18.31
N LEU A 479 -21.13 -5.76 -19.48
CA LEU A 479 -20.93 -6.72 -20.55
C LEU A 479 -20.11 -6.16 -21.74
N HIS A 480 -19.52 -4.97 -21.61
CA HIS A 480 -18.47 -4.57 -22.56
C HIS A 480 -17.13 -4.99 -21.99
N SER A 481 -16.76 -4.39 -20.83
CA SER A 481 -15.48 -4.69 -20.18
C SER A 481 -15.45 -5.95 -19.29
N TYR A 482 -16.58 -6.64 -19.15
CA TYR A 482 -16.64 -7.83 -18.32
C TYR A 482 -16.14 -7.57 -16.90
N ASP A 483 -16.29 -6.34 -16.41
CA ASP A 483 -15.74 -5.93 -15.10
C ASP A 483 -14.33 -6.41 -14.88
N TYR A 484 -13.53 -6.27 -15.93
CA TYR A 484 -12.09 -6.52 -15.94
C TYR A 484 -11.74 -8.00 -15.75
N ASN A 485 -12.62 -8.85 -16.28
CA ASN A 485 -12.51 -10.32 -16.25
C ASN A 485 -12.60 -10.90 -17.68
N GLY A 486 -12.58 -12.23 -17.76
CA GLY A 486 -12.78 -12.90 -19.05
C GLY A 486 -11.84 -14.07 -19.14
N PRO A 487 -12.08 -14.98 -20.08
CA PRO A 487 -13.19 -14.86 -21.04
C PRO A 487 -14.55 -15.06 -20.42
N TYR A 488 -15.55 -14.53 -21.11
CA TYR A 488 -16.93 -14.81 -20.79
C TYR A 488 -17.48 -15.66 -21.95
N ALA A 489 -16.77 -15.69 -23.08
CA ALA A 489 -17.13 -16.55 -24.22
C ALA A 489 -16.55 -17.94 -24.05
N GLY A 490 -17.16 -18.92 -24.73
CA GLY A 490 -16.69 -20.30 -24.67
C GLY A 490 -17.18 -21.02 -23.44
N PHE A 491 -16.70 -22.23 -23.25
CA PHE A 491 -17.14 -23.06 -22.14
C PHE A 491 -16.58 -22.58 -20.82
N ARG A 492 -15.29 -22.24 -20.81
CA ARG A 492 -14.66 -21.71 -19.60
C ARG A 492 -15.27 -20.33 -19.29
N GLY A 493 -15.71 -19.67 -20.35
CA GLY A 493 -16.33 -18.36 -20.24
C GLY A 493 -17.60 -18.43 -19.44
N VAL A 494 -18.41 -19.46 -19.67
CA VAL A 494 -19.68 -19.60 -18.96
C VAL A 494 -19.43 -19.74 -17.48
N VAL A 495 -18.36 -20.45 -17.13
CA VAL A 495 -18.00 -20.65 -15.74
C VAL A 495 -17.56 -19.32 -15.13
N ASN A 496 -16.65 -18.66 -15.81
CA ASN A 496 -16.20 -17.32 -15.40
C ASN A 496 -17.40 -16.40 -15.17
N PHE A 497 -18.27 -16.34 -16.17
CA PHE A 497 -19.38 -15.43 -16.13
C PHE A 497 -20.26 -15.76 -14.96
N GLY A 498 -20.66 -17.02 -14.87
CA GLY A 498 -21.59 -17.43 -13.85
C GLY A 498 -21.11 -17.20 -12.45
N HIS A 499 -19.83 -17.49 -12.22
CA HIS A 499 -19.26 -17.32 -10.90
C HIS A 499 -19.22 -15.85 -10.52
N GLU A 500 -18.85 -15.01 -11.48
CA GLU A 500 -18.93 -13.56 -11.25
C GLU A 500 -20.35 -13.07 -10.95
N LEU A 501 -21.34 -13.61 -11.64
CA LEU A 501 -22.70 -13.16 -11.43
C LEU A 501 -23.24 -13.59 -10.07
N VAL A 502 -23.02 -14.85 -9.72
CA VAL A 502 -23.44 -15.35 -8.40
C VAL A 502 -22.77 -14.51 -7.32
N ASN A 503 -21.47 -14.27 -7.44
CA ASN A 503 -20.74 -13.47 -6.45
C ASN A 503 -21.30 -12.07 -6.33
N GLY A 504 -21.77 -11.53 -7.44
CA GLY A 504 -22.35 -10.21 -7.40
C GLY A 504 -23.67 -10.21 -6.65
N ILE A 505 -24.51 -11.20 -6.97
CA ILE A 505 -25.83 -11.28 -6.38
C ILE A 505 -25.74 -11.48 -4.88
N TYR A 506 -24.80 -12.33 -4.45
CA TYR A 506 -24.73 -12.70 -3.03
C TYR A 506 -23.72 -11.90 -2.20
N THR A 507 -23.19 -10.82 -2.78
CA THR A 507 -22.39 -9.87 -2.02
C THR A 507 -23.19 -9.40 -0.83
N PRO A 508 -22.70 -9.67 0.40
CA PRO A 508 -23.47 -9.36 1.60
C PRO A 508 -23.89 -7.90 1.74
N ALA A 509 -23.06 -6.97 1.28
CA ALA A 509 -23.32 -5.55 1.55
C ALA A 509 -24.63 -5.00 0.95
N TRP A 510 -25.20 -5.68 -0.02
CA TRP A 510 -26.45 -5.22 -0.61
C TRP A 510 -27.54 -5.14 0.49
N LYS A 511 -27.39 -5.99 1.51
CA LYS A 511 -28.35 -6.09 2.60
C LYS A 511 -28.06 -5.14 3.74
N MET A 512 -26.92 -4.45 3.68
CA MET A 512 -26.50 -3.61 4.79
C MET A 512 -26.72 -2.14 4.50
N ILE A 513 -27.30 -1.82 3.35
CA ILE A 513 -27.42 -0.44 2.93
C ILE A 513 -28.13 0.49 3.92
N THR A 514 -29.20 0.02 4.54
CA THR A 514 -29.95 0.90 5.44
C THR A 514 -29.29 0.80 6.80
N PRO A 515 -28.93 1.96 7.38
CA PRO A 515 -28.33 1.97 8.68
C PRO A 515 -29.32 1.53 9.76
N PRO A 516 -28.82 0.96 10.86
CA PRO A 516 -29.72 0.48 11.89
C PRO A 516 -30.52 1.59 12.58
N TRP A 517 -30.05 2.82 12.51
CA TRP A 517 -30.84 3.95 13.05
C TRP A 517 -32.00 4.40 12.15
N LYS A 518 -32.38 3.58 11.18
CA LYS A 518 -33.68 3.67 10.54
C LYS A 518 -34.48 2.43 10.91
N MET B 1 7.43 -5.98 -21.51
CA MET B 1 6.30 -5.00 -21.57
C MET B 1 6.81 -3.69 -22.17
N LEU B 2 5.99 -2.99 -22.94
CA LEU B 2 6.45 -1.82 -23.69
C LEU B 2 7.73 -2.13 -24.49
N ASP B 3 7.72 -3.29 -25.12
CA ASP B 3 8.88 -3.80 -25.85
C ASP B 3 9.32 -2.85 -26.97
N ALA B 4 8.35 -2.29 -27.70
CA ALA B 4 8.66 -1.39 -28.80
C ALA B 4 9.37 -0.10 -28.41
N THR B 5 9.56 0.15 -27.12
CA THR B 5 10.13 1.39 -26.71
C THR B 5 11.63 1.25 -26.65
N PRO B 6 12.35 1.90 -27.58
CA PRO B 6 13.81 1.73 -27.61
C PRO B 6 14.54 2.65 -26.65
N LYS B 7 15.77 2.26 -26.27
CA LYS B 7 16.59 3.07 -25.37
C LYS B 7 17.19 4.30 -26.06
N GLU B 8 17.56 4.13 -27.32
CA GLU B 8 18.17 5.21 -28.11
C GLU B 8 17.09 6.19 -28.50
N ILE B 9 17.23 7.43 -28.05
CA ILE B 9 16.23 8.45 -28.28
C ILE B 9 16.44 9.22 -29.60
N VAL B 10 15.47 9.08 -30.50
CA VAL B 10 15.29 10.01 -31.59
C VAL B 10 14.18 10.94 -31.13
N GLU B 11 14.48 12.23 -31.05
CA GLU B 11 13.53 13.21 -30.53
C GLU B 11 12.33 13.39 -31.49
N ARG B 12 11.13 13.42 -30.91
CA ARG B 12 9.92 13.50 -31.69
C ARG B 12 9.42 14.92 -31.73
N LYS B 13 8.99 15.37 -32.91
CA LYS B 13 8.36 16.67 -33.03
C LYS B 13 6.90 16.60 -33.45
N ALA B 14 6.45 15.43 -33.90
CA ALA B 14 5.11 15.31 -34.45
C ALA B 14 4.30 14.19 -33.80
N LEU B 15 4.93 13.05 -33.56
CA LEU B 15 4.24 11.89 -33.01
C LEU B 15 4.17 11.92 -31.48
N ARG B 16 2.94 12.04 -30.97
CA ARG B 16 2.66 12.05 -29.53
C ARG B 16 2.30 10.65 -29.10
N ILE B 17 2.98 10.16 -28.07
CA ILE B 17 2.80 8.80 -27.64
C ILE B 17 2.53 8.74 -26.12
N ASN B 18 1.41 8.13 -25.73
CA ASN B 18 1.11 7.94 -24.32
C ASN B 18 1.14 9.23 -23.56
N PRO B 19 0.22 10.15 -23.89
CA PRO B 19 0.25 11.51 -23.43
C PRO B 19 0.09 11.66 -21.91
N ALA B 20 0.73 12.67 -21.37
CA ALA B 20 0.58 13.02 -19.96
C ALA B 20 -0.38 14.20 -19.81
N LYS B 21 -1.48 14.13 -20.55
CA LYS B 21 -2.57 15.08 -20.51
C LYS B 21 -3.75 14.43 -21.20
N THR B 22 -4.94 14.99 -20.97
CA THR B 22 -6.05 14.74 -21.86
C THR B 22 -6.70 16.08 -22.27
N CYS B 23 -7.81 16.05 -23.00
CA CYS B 23 -8.34 17.33 -23.52
C CYS B 23 -9.25 18.12 -22.59
N GLN B 24 -9.39 19.41 -22.91
CA GLN B 24 -10.16 20.34 -22.06
C GLN B 24 -11.48 19.85 -21.47
N PRO B 25 -12.37 19.31 -22.30
CA PRO B 25 -13.76 19.21 -21.85
C PRO B 25 -13.99 18.45 -20.56
N VAL B 26 -13.21 17.40 -20.30
CA VAL B 26 -13.44 16.65 -19.07
C VAL B 26 -13.09 17.50 -17.84
N GLY B 27 -12.15 18.43 -18.01
CA GLY B 27 -11.84 19.37 -16.93
C GLY B 27 -13.02 20.29 -16.63
N ALA B 28 -13.71 20.68 -17.68
CA ALA B 28 -14.88 21.53 -17.53
C ALA B 28 -16.05 20.71 -16.98
N MET B 29 -16.20 19.47 -17.42
CA MET B 29 -17.24 18.60 -16.91
C MET B 29 -17.05 18.36 -15.40
N TYR B 30 -15.81 18.12 -14.97
CA TYR B 30 -15.47 17.98 -13.55
C TYR B 30 -15.82 19.26 -12.73
N ALA B 31 -15.42 20.41 -13.23
CA ALA B 31 -15.70 21.73 -12.59
C ALA B 31 -17.19 21.93 -12.44
N ALA B 32 -17.96 21.63 -13.50
CA ALA B 32 -19.43 21.74 -13.45
C ALA B 32 -20.09 20.83 -12.43
N LEU B 33 -19.53 19.65 -12.19
CA LEU B 33 -20.07 18.74 -11.19
C LEU B 33 -19.75 19.22 -9.77
N GLY B 34 -18.90 20.22 -9.69
CA GLY B 34 -18.65 20.90 -8.43
C GLY B 34 -19.59 22.08 -8.18
N ILE B 35 -20.73 22.08 -8.90
CA ILE B 35 -21.86 22.98 -8.68
C ILE B 35 -23.06 22.15 -8.29
N HIS B 36 -23.75 22.56 -7.24
CA HIS B 36 -24.87 21.76 -6.76
C HIS B 36 -26.04 21.82 -7.75
N ASN B 37 -26.70 20.69 -7.93
CA ASN B 37 -27.83 20.59 -8.85
C ASN B 37 -27.53 21.05 -10.27
N CYS B 38 -26.29 20.80 -10.71
CA CYS B 38 -25.85 21.14 -12.05
C CYS B 38 -25.69 19.94 -12.98
N LEU B 39 -26.17 20.07 -14.22
CA LEU B 39 -25.93 19.06 -15.25
C LEU B 39 -24.98 19.66 -16.26
N PRO B 40 -23.78 19.07 -16.37
CA PRO B 40 -22.83 19.48 -17.41
C PRO B 40 -23.37 19.11 -18.78
N HIS B 41 -23.13 19.98 -19.75
CA HIS B 41 -23.55 19.71 -21.12
C HIS B 41 -22.38 19.87 -22.04
N SER B 42 -22.14 18.84 -22.85
CA SER B 42 -21.09 18.84 -23.87
C SER B 42 -21.70 19.25 -25.19
N HIS B 43 -21.27 20.37 -25.72
CA HIS B 43 -21.81 20.86 -26.96
C HIS B 43 -20.88 20.45 -28.11
N GLY B 44 -21.20 19.31 -28.68
CA GLY B 44 -20.48 18.77 -29.81
C GLY B 44 -20.99 17.38 -30.13
N SER B 45 -20.12 16.58 -30.72
CA SER B 45 -20.48 15.21 -31.03
C SER B 45 -20.46 14.44 -29.73
N GLN B 46 -21.31 13.43 -29.66
CA GLN B 46 -21.57 12.72 -28.42
C GLN B 46 -20.42 11.80 -27.97
N GLY B 47 -19.50 11.49 -28.87
CA GLY B 47 -18.38 10.61 -28.51
C GLY B 47 -17.58 11.22 -27.36
N CYS B 48 -17.38 12.54 -27.41
CA CYS B 48 -16.64 13.25 -26.39
C CYS B 48 -17.34 13.08 -25.04
N CYS B 49 -18.63 13.35 -25.02
CA CYS B 49 -19.38 13.30 -23.78
C CYS B 49 -19.25 11.93 -23.13
N SER B 50 -19.50 10.88 -23.90
CA SER B 50 -19.40 9.54 -23.37
CA SER B 50 -19.40 9.54 -23.37
C SER B 50 -17.99 9.25 -22.84
N TYR B 51 -16.96 9.61 -23.60
CA TYR B 51 -15.58 9.39 -23.17
C TYR B 51 -15.24 10.11 -21.89
N HIS B 52 -15.76 11.33 -21.75
CA HIS B 52 -15.36 12.16 -20.61
C HIS B 52 -16.11 11.76 -19.34
N ARG B 53 -17.37 11.42 -19.50
CA ARG B 53 -18.15 10.80 -18.43
C ARG B 53 -17.51 9.49 -17.96
N THR B 54 -17.12 8.66 -18.91
CA THR B 54 -16.50 7.36 -18.61
C THR B 54 -15.22 7.48 -17.77
N VAL B 55 -14.30 8.39 -18.09
CA VAL B 55 -13.06 8.47 -17.33
C VAL B 55 -13.33 8.88 -15.89
N LEU B 56 -14.25 9.83 -15.70
CA LEU B 56 -14.65 10.21 -14.34
C LEU B 56 -15.25 8.99 -13.61
N SER B 57 -16.04 8.18 -14.32
CA SER B 57 -16.60 6.99 -13.66
C SER B 57 -15.55 5.96 -13.31
N ARG B 58 -14.59 5.76 -14.21
CA ARG B 58 -13.49 4.82 -13.98
C ARG B 58 -12.55 5.23 -12.85
N HIS B 59 -12.36 6.53 -12.65
CA HIS B 59 -11.51 7.04 -11.58
C HIS B 59 -12.21 6.91 -10.22
N PHE B 60 -13.45 7.39 -10.12
CA PHE B 60 -14.11 7.49 -8.85
C PHE B 60 -14.96 6.27 -8.46
N LYS B 61 -15.27 5.42 -9.43
CA LYS B 61 -16.21 4.34 -9.24
C LYS B 61 -17.54 4.95 -8.74
N GLU B 62 -18.00 5.96 -9.49
CA GLU B 62 -19.19 6.72 -9.14
C GLU B 62 -19.86 7.09 -10.45
N PRO B 63 -21.19 7.26 -10.41
CA PRO B 63 -21.78 7.87 -11.58
C PRO B 63 -21.12 9.21 -11.90
N ALA B 64 -21.22 9.62 -13.16
CA ALA B 64 -20.80 10.98 -13.60
C ALA B 64 -21.67 11.37 -14.79
N MET B 65 -22.62 12.26 -14.53
CA MET B 65 -23.69 12.61 -15.48
C MET B 65 -23.35 13.83 -16.32
N ALA B 66 -23.72 13.75 -17.60
CA ALA B 66 -23.66 14.87 -18.49
C ALA B 66 -24.53 14.63 -19.74
N SER B 67 -25.07 15.71 -20.26
CA SER B 67 -25.83 15.67 -21.49
C SER B 67 -24.94 16.13 -22.64
N THR B 68 -25.40 15.90 -23.87
CA THR B 68 -24.66 16.31 -25.04
C THR B 68 -25.60 16.78 -26.14
N SER B 69 -25.08 17.67 -26.97
CA SER B 69 -25.79 18.19 -28.12
C SER B 69 -25.91 17.17 -29.24
N SER B 70 -25.12 16.08 -29.19
CA SER B 70 -25.17 15.04 -30.21
C SER B 70 -25.16 15.56 -31.65
N PHE B 71 -24.15 16.36 -31.98
CA PHE B 71 -23.95 16.83 -33.37
C PHE B 71 -24.01 15.71 -34.36
N THR B 72 -24.58 16.02 -35.52
CA THR B 72 -24.53 15.17 -36.68
C THR B 72 -23.86 16.00 -37.80
N GLU B 73 -23.70 15.43 -39.00
CA GLU B 73 -23.09 16.20 -40.11
C GLU B 73 -23.92 17.44 -40.40
N GLY B 74 -25.21 17.32 -40.20
CA GLY B 74 -26.11 18.49 -40.30
C GLY B 74 -25.60 19.74 -39.57
N ALA B 75 -25.10 19.57 -38.34
CA ALA B 75 -24.58 20.70 -37.57
C ALA B 75 -23.26 21.17 -38.16
N SER B 76 -22.42 20.22 -38.53
CA SER B 76 -21.13 20.53 -39.17
C SER B 76 -21.32 21.35 -40.44
N VAL B 77 -22.56 21.78 -40.69
CA VAL B 77 -22.94 22.53 -41.88
C VAL B 77 -23.85 23.73 -41.54
N PHE B 78 -24.79 23.52 -40.62
CA PHE B 78 -25.69 24.57 -40.13
C PHE B 78 -25.35 25.03 -38.71
N GLY B 79 -24.21 24.59 -38.17
CA GLY B 79 -23.89 24.81 -36.76
C GLY B 79 -24.84 24.03 -35.84
N GLY B 80 -24.52 24.00 -34.55
CA GLY B 80 -25.30 23.27 -33.55
C GLY B 80 -26.34 24.06 -32.77
N GLY B 81 -26.79 25.18 -33.31
CA GLY B 81 -27.86 25.94 -32.66
C GLY B 81 -29.14 25.14 -32.41
N SER B 82 -29.64 24.41 -33.41
CA SER B 82 -30.86 23.63 -33.16
C SER B 82 -30.62 22.55 -32.09
N ASN B 83 -29.46 21.91 -32.13
CA ASN B 83 -29.11 20.87 -31.16
C ASN B 83 -29.16 21.38 -29.72
N ILE B 84 -28.50 22.49 -29.45
CA ILE B 84 -28.44 23.00 -28.08
C ILE B 84 -29.82 23.44 -27.62
N LYS B 85 -30.63 23.97 -28.54
CA LYS B 85 -31.98 24.38 -28.17
C LYS B 85 -32.86 23.18 -27.84
N THR B 86 -32.79 22.18 -28.69
CA THR B 86 -33.53 20.92 -28.47
C THR B 86 -33.06 20.24 -27.17
N ALA B 87 -31.76 20.30 -26.89
CA ALA B 87 -31.20 19.64 -25.71
C ALA B 87 -31.73 20.30 -24.46
N VAL B 88 -31.61 21.62 -24.42
CA VAL B 88 -32.00 22.38 -23.26
C VAL B 88 -33.45 22.11 -22.85
N LYS B 89 -34.32 21.86 -23.82
CA LYS B 89 -35.73 21.62 -23.52
C LYS B 89 -36.01 20.24 -22.97
N ASN B 90 -35.33 19.26 -23.52
CA ASN B 90 -35.38 17.90 -23.01
C ASN B 90 -34.72 17.75 -21.64
N ILE B 91 -33.65 18.52 -21.40
CA ILE B 91 -32.95 18.45 -20.13
C ILE B 91 -33.80 18.94 -18.98
N PHE B 92 -34.33 20.15 -19.11
CA PHE B 92 -35.12 20.76 -18.04
C PHE B 92 -36.37 19.96 -17.76
N SER B 93 -36.99 19.44 -18.81
CA SER B 93 -38.21 18.64 -18.67
C SER B 93 -37.96 17.21 -18.14
N LEU B 94 -36.94 16.51 -18.64
CA LEU B 94 -36.71 15.14 -18.15
C LEU B 94 -35.91 15.09 -16.85
N TYR B 95 -34.88 15.93 -16.74
CA TYR B 95 -33.90 15.75 -15.69
C TYR B 95 -33.85 16.91 -14.70
N ASN B 96 -34.49 18.02 -15.06
CA ASN B 96 -34.69 19.15 -14.15
C ASN B 96 -33.49 19.56 -13.31
N PRO B 97 -32.35 19.88 -13.96
CA PRO B 97 -31.30 20.47 -13.15
C PRO B 97 -31.71 21.86 -12.72
N ASP B 98 -31.05 22.41 -11.72
CA ASP B 98 -31.24 23.81 -11.41
C ASP B 98 -30.39 24.67 -12.33
N ILE B 99 -29.34 24.08 -12.90
CA ILE B 99 -28.44 24.82 -13.77
C ILE B 99 -27.77 23.93 -14.84
N ILE B 100 -27.68 24.43 -16.05
CA ILE B 100 -27.02 23.70 -17.11
C ILE B 100 -25.72 24.43 -17.35
N ALA B 101 -24.61 23.69 -17.30
CA ALA B 101 -23.29 24.28 -17.51
C ALA B 101 -22.72 23.70 -18.78
N VAL B 102 -22.69 24.54 -19.81
CA VAL B 102 -22.32 24.11 -21.14
C VAL B 102 -20.84 24.30 -21.37
N HIS B 103 -20.19 23.27 -21.91
CA HIS B 103 -18.85 23.45 -22.49
C HIS B 103 -18.87 22.96 -23.94
N THR B 104 -17.79 23.22 -24.66
CA THR B 104 -17.71 22.89 -26.08
C THR B 104 -16.62 21.84 -26.36
N THR B 105 -16.50 21.45 -27.63
CA THR B 105 -15.45 20.55 -28.11
C THR B 105 -14.70 21.16 -29.29
N CYS B 106 -13.71 20.43 -29.83
CA CYS B 106 -13.02 20.81 -31.07
C CYS B 106 -13.99 20.94 -32.25
N LEU B 107 -15.10 20.21 -32.23
CA LEU B 107 -16.01 20.25 -33.34
C LEU B 107 -16.74 21.58 -33.39
N SER B 108 -17.36 21.97 -32.29
CA SER B 108 -18.13 23.20 -32.26
C SER B 108 -17.22 24.43 -32.31
N GLU B 109 -16.04 24.31 -31.70
CA GLU B 109 -15.04 25.38 -31.75
C GLU B 109 -14.50 25.57 -33.17
N THR B 110 -14.16 24.47 -33.84
CA THR B 110 -13.70 24.54 -35.22
C THR B 110 -14.79 25.14 -36.09
N LEU B 111 -16.02 24.72 -35.87
CA LEU B 111 -17.16 25.21 -36.62
C LEU B 111 -17.55 26.64 -36.31
N GLY B 112 -17.06 27.21 -35.21
CA GLY B 112 -17.41 28.57 -34.82
C GLY B 112 -18.81 28.80 -34.25
N ASP B 113 -19.39 27.81 -33.58
CA ASP B 113 -20.69 28.00 -32.97
C ASP B 113 -20.69 29.24 -32.07
N ASP B 114 -21.87 29.82 -31.89
CA ASP B 114 -22.00 31.06 -31.15
C ASP B 114 -22.93 30.87 -29.97
N LEU B 115 -22.43 30.28 -28.88
CA LEU B 115 -23.29 29.90 -27.76
C LEU B 115 -23.97 31.08 -27.06
N PRO B 116 -23.32 32.26 -27.05
CA PRO B 116 -24.02 33.38 -26.41
C PRO B 116 -25.28 33.80 -27.18
N THR B 117 -25.22 33.68 -28.50
CA THR B 117 -26.38 33.94 -29.35
C THR B 117 -27.46 32.88 -29.10
N TYR B 118 -27.10 31.60 -29.25
CA TYR B 118 -28.08 30.55 -29.04
C TYR B 118 -28.72 30.73 -27.68
N ILE B 119 -27.90 31.09 -26.70
CA ILE B 119 -28.41 31.20 -25.34
C ILE B 119 -29.45 32.33 -25.24
N SER B 120 -29.14 33.47 -25.84
CA SER B 120 -30.05 34.61 -25.79
C SER B 120 -31.37 34.30 -26.50
N GLN B 121 -31.28 33.58 -27.61
CA GLN B 121 -32.47 33.16 -28.36
C GLN B 121 -33.30 32.16 -27.56
N MET B 122 -32.64 31.38 -26.71
CA MET B 122 -33.35 30.45 -25.84
C MET B 122 -34.09 31.20 -24.74
N GLU B 123 -33.45 32.25 -24.25
CA GLU B 123 -34.03 33.12 -23.23
C GLU B 123 -35.28 33.77 -23.82
N ASP B 124 -35.11 34.43 -24.96
CA ASP B 124 -36.19 35.13 -25.67
C ASP B 124 -37.32 34.19 -26.08
N ALA B 125 -36.99 33.02 -26.61
CA ALA B 125 -37.99 32.05 -27.04
C ALA B 125 -38.73 31.45 -25.87
N GLY B 126 -38.24 31.69 -24.66
CA GLY B 126 -38.84 31.12 -23.47
C GLY B 126 -38.40 29.69 -23.17
N SER B 127 -37.25 29.27 -23.68
CA SER B 127 -36.83 27.86 -23.52
C SER B 127 -36.23 27.53 -22.14
N ILE B 128 -35.93 28.55 -21.34
CA ILE B 128 -35.33 28.33 -20.03
C ILE B 128 -36.27 28.67 -18.90
N PRO B 129 -36.83 27.65 -18.23
CA PRO B 129 -37.84 27.88 -17.18
C PRO B 129 -37.43 28.94 -16.18
N GLU B 130 -38.41 29.59 -15.56
CA GLU B 130 -38.15 30.56 -14.50
C GLU B 130 -37.54 29.85 -13.31
N GLY B 131 -36.53 30.47 -12.70
CA GLY B 131 -35.79 29.87 -11.60
C GLY B 131 -34.70 28.90 -12.05
N LYS B 132 -34.41 28.88 -13.34
CA LYS B 132 -33.43 27.95 -13.92
C LYS B 132 -32.34 28.73 -14.61
N LEU B 133 -31.15 28.13 -14.72
CA LEU B 133 -30.03 28.85 -15.29
C LEU B 133 -29.30 28.06 -16.38
N VAL B 134 -28.73 28.80 -17.32
CA VAL B 134 -27.87 28.22 -18.33
C VAL B 134 -26.63 29.08 -18.51
N ILE B 135 -25.47 28.49 -18.23
CA ILE B 135 -24.19 29.16 -18.39
C ILE B 135 -23.32 28.33 -19.34
N HIS B 136 -22.23 28.93 -19.80
CA HIS B 136 -21.36 28.28 -20.76
C HIS B 136 -19.93 28.75 -20.62
N THR B 137 -19.02 27.92 -21.12
CA THR B 137 -17.64 28.31 -21.38
C THR B 137 -17.26 27.72 -22.71
N ASN B 138 -16.11 28.15 -23.22
CA ASN B 138 -15.55 27.59 -24.41
C ASN B 138 -14.32 26.78 -24.09
N THR B 139 -14.28 25.53 -24.58
CA THR B 139 -13.18 24.62 -24.26
C THR B 139 -12.67 23.87 -25.48
N PRO B 140 -12.00 24.58 -26.41
CA PRO B 140 -11.45 23.92 -27.59
C PRO B 140 -10.41 22.91 -27.18
N SER B 141 -10.54 21.67 -27.62
CA SER B 141 -9.66 20.60 -27.15
C SER B 141 -8.26 20.68 -27.73
N TYR B 142 -8.08 21.50 -28.78
CA TYR B 142 -6.77 21.65 -29.42
C TYR B 142 -5.90 22.70 -28.71
N VAL B 143 -6.42 23.23 -27.61
CA VAL B 143 -5.72 24.23 -26.82
C VAL B 143 -5.52 23.66 -25.41
N GLY B 144 -4.30 23.79 -24.90
CA GLY B 144 -4.02 23.39 -23.54
C GLY B 144 -4.38 21.94 -23.26
N SER B 145 -4.92 21.70 -22.06
CA SER B 145 -5.26 20.36 -21.59
C SER B 145 -6.57 20.41 -20.82
N HIS B 146 -6.96 19.28 -20.26
CA HIS B 146 -8.08 19.22 -19.35
C HIS B 146 -7.94 20.22 -18.17
N VAL B 147 -6.71 20.51 -17.72
CA VAL B 147 -6.55 21.51 -16.67
C VAL B 147 -7.09 22.85 -17.16
N THR B 148 -6.79 23.17 -18.41
CA THR B 148 -7.25 24.39 -19.02
C THR B 148 -8.75 24.42 -19.16
N GLY B 149 -9.36 23.26 -19.42
CA GLY B 149 -10.82 23.16 -19.48
C GLY B 149 -11.48 23.48 -18.15
N PHE B 150 -10.87 22.97 -17.08
CA PHE B 150 -11.33 23.27 -15.76
C PHE B 150 -11.23 24.78 -15.50
N ALA B 151 -10.10 25.36 -15.86
CA ALA B 151 -9.86 26.80 -15.61
C ALA B 151 -10.90 27.63 -16.34
N ASN B 152 -11.20 27.21 -17.57
CA ASN B 152 -12.22 27.89 -18.37
C ASN B 152 -13.62 27.78 -17.83
N MET B 153 -13.99 26.62 -17.34
CA MET B 153 -15.33 26.47 -16.75
C MET B 153 -15.46 27.33 -15.51
N VAL B 154 -14.38 27.47 -14.76
CA VAL B 154 -14.42 28.25 -13.55
C VAL B 154 -14.60 29.72 -13.95
N GLN B 155 -13.95 30.14 -15.02
CA GLN B 155 -14.15 31.49 -15.55
C GLN B 155 -15.61 31.72 -15.93
N GLY B 156 -16.23 30.70 -16.52
CA GLY B 156 -17.62 30.79 -16.93
C GLY B 156 -18.58 30.89 -15.77
N ILE B 157 -18.23 30.27 -14.65
CA ILE B 157 -19.00 30.39 -13.43
C ILE B 157 -19.01 31.85 -12.98
N VAL B 158 -17.84 32.44 -13.00
CA VAL B 158 -17.68 33.82 -12.58
C VAL B 158 -18.50 34.74 -13.48
N ASN B 159 -18.27 34.68 -14.78
CA ASN B 159 -19.02 35.50 -15.75
C ASN B 159 -20.48 35.56 -15.47
N TYR B 160 -21.07 34.40 -15.26
CA TYR B 160 -22.49 34.30 -15.23
C TYR B 160 -23.04 34.58 -13.85
N LEU B 161 -22.36 34.13 -12.80
CA LEU B 161 -22.97 34.11 -11.48
C LEU B 161 -22.42 35.10 -10.47
N SER B 162 -21.11 35.36 -10.50
CA SER B 162 -20.50 36.13 -9.43
C SER B 162 -21.09 37.53 -9.36
N GLU B 163 -21.66 37.90 -8.22
CA GLU B 163 -22.37 39.18 -8.08
C GLU B 163 -22.02 39.91 -6.80
N ASN B 164 -21.28 41.01 -6.95
CA ASN B 164 -21.09 41.98 -5.87
C ASN B 164 -22.35 42.83 -5.66
N THR B 165 -23.23 42.44 -4.74
CA THR B 165 -24.40 43.25 -4.43
C THR B 165 -24.05 44.29 -3.37
N GLY B 166 -22.76 44.52 -3.15
CA GLY B 166 -22.31 45.55 -2.20
C GLY B 166 -22.16 45.05 -0.78
N ALA B 167 -23.00 44.09 -0.39
CA ALA B 167 -22.90 43.48 0.93
C ALA B 167 -21.51 42.82 1.21
N LYS B 168 -21.21 42.64 2.50
CA LYS B 168 -19.99 41.97 2.92
C LYS B 168 -20.34 40.66 3.61
N ASN B 169 -20.06 39.55 2.93
CA ASN B 169 -20.38 38.24 3.49
C ASN B 169 -19.40 37.83 4.59
N GLY B 170 -18.23 38.46 4.59
CA GLY B 170 -17.20 38.20 5.58
C GLY B 170 -16.36 36.99 5.24
N LYS B 171 -16.57 36.46 4.03
CA LYS B 171 -15.99 35.18 3.62
C LYS B 171 -14.73 35.36 2.77
N ILE B 172 -13.90 34.31 2.70
CA ILE B 172 -12.81 34.24 1.73
C ILE B 172 -13.20 33.23 0.66
N ASN B 173 -12.93 33.53 -0.60
CA ASN B 173 -13.15 32.56 -1.68
C ASN B 173 -11.93 31.69 -1.89
N VAL B 174 -12.14 30.41 -2.09
CA VAL B 174 -11.01 29.52 -2.41
C VAL B 174 -11.32 28.70 -3.66
N ILE B 175 -10.48 28.85 -4.68
CA ILE B 175 -10.56 28.05 -5.87
C ILE B 175 -9.47 26.98 -5.75
N PRO B 176 -9.88 25.75 -5.45
CA PRO B 176 -8.94 24.66 -5.12
C PRO B 176 -8.12 24.10 -6.27
N GLY B 177 -8.49 24.44 -7.51
CA GLY B 177 -7.78 23.92 -8.65
C GLY B 177 -8.24 22.52 -9.00
N PHE B 178 -7.51 21.90 -9.92
CA PHE B 178 -7.83 20.57 -10.44
C PHE B 178 -7.33 19.50 -9.47
N VAL B 179 -8.03 19.40 -8.34
CA VAL B 179 -7.74 18.42 -7.30
C VAL B 179 -8.97 17.56 -6.99
N GLY B 180 -8.76 16.45 -6.29
CA GLY B 180 -9.83 15.50 -6.06
C GLY B 180 -10.79 15.99 -4.96
N PRO B 181 -11.95 15.38 -4.88
CA PRO B 181 -12.85 15.71 -3.76
C PRO B 181 -12.28 15.53 -2.34
N ALA B 182 -11.40 14.54 -2.15
CA ALA B 182 -10.72 14.38 -0.86
C ALA B 182 -9.88 15.62 -0.48
N ASP B 183 -9.29 16.21 -1.49
CA ASP B 183 -8.44 17.38 -1.34
C ASP B 183 -9.30 18.58 -1.01
N MET B 184 -10.47 18.66 -1.64
CA MET B 184 -11.43 19.72 -1.35
C MET B 184 -11.92 19.62 0.10
N ARG B 185 -12.28 18.42 0.56
CA ARG B 185 -12.69 18.23 1.94
C ARG B 185 -11.60 18.68 2.90
N GLU B 186 -10.36 18.28 2.63
CA GLU B 186 -9.26 18.59 3.52
C GLU B 186 -8.95 20.11 3.58
N ILE B 187 -9.01 20.77 2.44
CA ILE B 187 -8.87 22.21 2.42
C ILE B 187 -9.99 22.87 3.22
N LYS B 188 -11.22 22.42 3.06
CA LYS B 188 -12.33 22.98 3.86
C LYS B 188 -12.19 22.73 5.37
N ARG B 189 -11.60 21.59 5.74
CA ARG B 189 -11.40 21.26 7.15
C ARG B 189 -10.41 22.24 7.74
N LEU B 190 -9.43 22.64 6.94
CA LEU B 190 -8.36 23.47 7.41
C LEU B 190 -8.94 24.86 7.67
N PHE B 191 -9.65 25.40 6.67
CA PHE B 191 -10.40 26.65 6.84
C PHE B 191 -11.21 26.62 8.12
N GLU B 192 -12.05 25.61 8.22
CA GLU B 192 -12.95 25.43 9.36
C GLU B 192 -12.21 25.26 10.68
N ALA B 193 -11.02 24.70 10.63
CA ALA B 193 -10.15 24.63 11.81
C ALA B 193 -9.56 26.00 12.15
N MET B 194 -9.19 26.77 11.14
CA MET B 194 -8.67 28.10 11.34
C MET B 194 -9.79 29.04 11.78
N ASP B 195 -11.03 28.55 11.68
CA ASP B 195 -12.25 29.31 12.00
C ASP B 195 -12.43 30.48 11.05
N ILE B 196 -12.23 30.20 9.77
CA ILE B 196 -12.32 31.20 8.74
C ILE B 196 -13.47 30.86 7.80
N PRO B 197 -14.39 31.83 7.61
CA PRO B 197 -15.52 31.61 6.70
C PRO B 197 -15.09 31.72 5.24
N TYR B 198 -15.71 30.92 4.38
CA TYR B 198 -15.18 30.75 3.04
C TYR B 198 -16.26 30.26 2.08
N ILE B 199 -16.04 30.47 0.80
CA ILE B 199 -16.84 29.84 -0.23
C ILE B 199 -15.83 29.12 -1.13
N MET B 200 -15.90 27.80 -1.20
CA MET B 200 -15.09 27.06 -2.17
C MET B 200 -15.92 26.76 -3.41
N PHE B 201 -15.32 26.96 -4.58
CA PHE B 201 -15.90 26.54 -5.86
C PHE B 201 -14.78 26.31 -6.87
N PRO B 202 -14.93 25.32 -7.75
CA PRO B 202 -15.95 24.30 -7.69
C PRO B 202 -15.63 23.43 -6.52
N ASP B 203 -16.61 22.69 -6.01
CA ASP B 203 -16.37 21.77 -4.94
C ASP B 203 -17.08 20.45 -5.30
N THR B 204 -16.30 19.42 -5.65
CA THR B 204 -16.89 18.11 -6.01
C THR B 204 -17.11 17.16 -4.86
N SER B 205 -16.71 17.55 -3.65
CA SER B 205 -16.96 16.68 -2.50
C SER B 205 -18.48 16.55 -2.32
N GLY B 206 -18.91 15.35 -1.98
CA GLY B 206 -20.30 15.00 -1.87
C GLY B 206 -20.96 14.82 -3.22
N VAL B 207 -20.15 14.81 -4.28
CA VAL B 207 -20.66 14.63 -5.63
C VAL B 207 -20.00 13.44 -6.31
N LEU B 208 -18.67 13.40 -6.32
CA LEU B 208 -17.93 12.30 -6.95
C LEU B 208 -17.31 11.33 -5.93
N ASP B 209 -17.75 11.44 -4.67
CA ASP B 209 -17.21 10.60 -3.58
C ASP B 209 -18.27 10.22 -2.58
N GLY B 210 -19.48 10.05 -3.10
CA GLY B 210 -20.68 9.94 -2.32
C GLY B 210 -21.08 8.57 -1.84
N PRO B 211 -22.04 8.55 -0.90
CA PRO B 211 -22.48 7.31 -0.28
C PRO B 211 -23.39 6.55 -1.21
N THR B 212 -23.54 5.25 -0.96
CA THR B 212 -24.65 4.47 -1.51
C THR B 212 -25.75 4.42 -0.41
N THR B 213 -26.94 4.97 -0.69
CA THR B 213 -28.04 4.95 0.26
C THR B 213 -29.16 4.02 -0.18
N GLY B 214 -29.03 3.43 -1.37
CA GLY B 214 -30.07 2.56 -1.88
C GLY B 214 -31.04 3.29 -2.79
N GLU B 215 -30.93 4.61 -2.87
CA GLU B 215 -31.65 5.37 -3.88
C GLU B 215 -30.68 6.19 -4.72
N TYR B 216 -30.70 6.01 -6.03
CA TYR B 216 -29.88 6.84 -6.91
C TYR B 216 -30.39 8.27 -6.92
N LYS B 217 -29.49 9.21 -6.75
CA LYS B 217 -29.82 10.60 -6.62
C LYS B 217 -29.06 11.38 -7.70
N MET B 218 -29.76 11.78 -8.76
CA MET B 218 -29.10 12.35 -9.93
C MET B 218 -28.21 13.54 -9.60
N TYR B 219 -28.73 14.46 -8.81
CA TYR B 219 -27.91 15.56 -8.30
C TYR B 219 -27.57 15.24 -6.83
N PRO B 220 -26.32 14.83 -6.59
CA PRO B 220 -25.97 14.51 -5.20
C PRO B 220 -25.92 15.75 -4.28
N GLU B 221 -25.85 15.47 -2.98
CA GLU B 221 -25.97 16.49 -1.96
C GLU B 221 -24.94 17.59 -2.10
N GLY B 222 -23.76 17.25 -2.59
CA GLY B 222 -22.69 18.21 -2.65
C GLY B 222 -22.75 19.16 -3.82
N GLY B 223 -21.70 19.95 -3.95
CA GLY B 223 -21.61 20.93 -4.98
C GLY B 223 -21.81 22.30 -4.33
N THR B 224 -21.11 23.29 -4.84
CA THR B 224 -21.29 24.64 -4.36
C THR B 224 -22.63 25.17 -4.86
N LYS B 225 -23.39 25.78 -3.96
CA LYS B 225 -24.76 26.17 -4.29
C LYS B 225 -24.78 27.44 -5.11
N ILE B 226 -25.75 27.53 -6.01
CA ILE B 226 -25.85 28.70 -6.87
C ILE B 226 -25.87 29.98 -6.01
N GLU B 227 -26.68 30.00 -4.95
CA GLU B 227 -26.79 31.21 -4.13
C GLU B 227 -25.41 31.63 -3.63
N ASP B 228 -24.58 30.67 -3.25
CA ASP B 228 -23.22 30.98 -2.78
C ASP B 228 -22.27 31.36 -3.91
N LEU B 229 -22.47 30.79 -5.09
CA LEU B 229 -21.62 31.15 -6.23
C LEU B 229 -21.90 32.62 -6.62
N LYS B 230 -23.16 33.03 -6.50
CA LYS B 230 -23.53 34.44 -6.67
C LYS B 230 -22.78 35.24 -5.63
N ASP B 231 -22.93 34.82 -4.38
CA ASP B 231 -22.37 35.53 -3.23
C ASP B 231 -20.85 35.66 -3.23
N THR B 232 -20.17 34.98 -4.15
CA THR B 232 -18.72 35.08 -4.31
C THR B 232 -18.26 36.49 -4.58
N GLY B 233 -19.07 37.25 -5.29
CA GLY B 233 -18.71 38.63 -5.59
C GLY B 233 -18.64 39.53 -4.36
N ASN B 234 -19.26 39.08 -3.26
CA ASN B 234 -19.34 39.86 -2.03
C ASN B 234 -18.30 39.49 -0.96
N SER B 235 -17.18 38.90 -1.41
CA SER B 235 -16.19 38.30 -0.51
C SER B 235 -14.97 39.18 -0.37
N ASP B 236 -14.27 39.04 0.75
CA ASP B 236 -13.10 39.88 1.05
C ASP B 236 -11.90 39.57 0.16
N LEU B 237 -11.74 38.31 -0.26
CA LEU B 237 -10.55 37.92 -1.00
C LEU B 237 -10.70 36.54 -1.65
N THR B 238 -9.96 36.30 -2.72
CA THR B 238 -9.98 34.98 -3.38
C THR B 238 -8.60 34.37 -3.34
N LEU B 239 -8.51 33.14 -2.84
CA LEU B 239 -7.26 32.41 -2.88
C LEU B 239 -7.29 31.43 -4.07
N SER B 240 -6.38 31.65 -5.02
CA SER B 240 -6.23 30.81 -6.21
C SER B 240 -5.18 29.72 -5.98
N LEU B 241 -5.61 28.49 -5.72
CA LEU B 241 -4.66 27.40 -5.48
C LEU B 241 -4.31 26.69 -6.78
N GLY B 242 -3.06 26.81 -7.20
CA GLY B 242 -2.60 26.21 -8.43
C GLY B 242 -2.93 27.14 -9.57
N SER B 243 -1.92 27.82 -10.09
CA SER B 243 -2.15 28.93 -11.04
C SER B 243 -2.74 28.48 -12.38
N TYR B 244 -2.36 27.30 -12.86
CA TYR B 244 -2.92 26.79 -14.11
C TYR B 244 -4.41 26.59 -14.05
N ALA B 245 -4.89 26.03 -12.95
CA ALA B 245 -6.30 25.65 -12.86
C ALA B 245 -7.16 26.81 -12.40
N SER B 246 -6.59 27.70 -11.61
CA SER B 246 -7.39 28.55 -10.75
C SER B 246 -7.28 30.06 -11.00
N ASP B 247 -6.19 30.52 -11.59
CA ASP B 247 -5.91 31.94 -11.66
C ASP B 247 -6.94 32.64 -12.53
N LEU B 248 -7.26 32.07 -13.68
CA LEU B 248 -8.17 32.71 -14.61
C LEU B 248 -9.46 33.13 -13.93
N GLY B 249 -10.06 32.21 -13.20
CA GLY B 249 -11.30 32.49 -12.51
C GLY B 249 -11.16 33.50 -11.37
N ALA B 250 -10.03 33.50 -10.67
CA ALA B 250 -9.81 34.49 -9.62
C ALA B 250 -9.61 35.90 -10.21
N LYS B 251 -8.80 35.99 -11.26
CA LYS B 251 -8.61 37.25 -11.95
C LYS B 251 -9.94 37.80 -12.46
N THR B 252 -10.73 36.94 -13.08
CA THR B 252 -12.00 37.36 -13.66
C THR B 252 -12.92 37.85 -12.57
N LEU B 253 -12.82 37.24 -11.39
CA LEU B 253 -13.66 37.61 -10.28
C LEU B 253 -13.32 39.00 -9.76
N GLU B 254 -12.04 39.35 -9.85
CA GLU B 254 -11.60 40.65 -9.41
C GLU B 254 -12.14 41.71 -10.36
N LYS B 255 -11.86 41.51 -11.66
CA LYS B 255 -12.40 42.37 -12.70
C LYS B 255 -13.89 42.59 -12.55
N LYS B 256 -14.64 41.51 -12.45
CA LYS B 256 -16.08 41.63 -12.45
C LYS B 256 -16.59 42.21 -11.15
N CYS B 257 -16.03 41.80 -10.03
CA CYS B 257 -16.62 42.11 -8.72
C CYS B 257 -15.69 42.78 -7.73
N LYS B 258 -14.49 43.15 -8.17
CA LYS B 258 -13.55 43.90 -7.35
C LYS B 258 -13.00 43.12 -6.17
N VAL B 259 -13.07 41.79 -6.24
CA VAL B 259 -12.55 40.96 -5.16
C VAL B 259 -11.09 40.68 -5.45
N PRO B 260 -10.18 41.11 -4.55
CA PRO B 260 -8.76 40.88 -4.79
C PRO B 260 -8.47 39.38 -4.63
N PHE B 261 -7.33 38.93 -5.15
CA PHE B 261 -6.96 37.51 -5.10
C PHE B 261 -5.47 37.30 -4.91
N LYS B 262 -5.13 36.24 -4.19
CA LYS B 262 -3.74 35.85 -4.00
C LYS B 262 -3.54 34.46 -4.59
N THR B 263 -2.44 34.28 -5.28
CA THR B 263 -2.11 33.00 -5.89
C THR B 263 -1.20 32.19 -4.98
N LEU B 264 -1.46 30.89 -4.89
CA LEU B 264 -0.70 29.99 -4.03
C LEU B 264 -0.50 28.65 -4.73
N ARG B 265 0.57 27.94 -4.39
CA ARG B 265 0.77 26.59 -4.93
C ARG B 265 -0.29 25.66 -4.37
N THR B 266 -0.67 24.67 -5.15
CA THR B 266 -1.47 23.59 -4.63
C THR B 266 -0.76 23.19 -3.33
N PRO B 267 -1.50 23.08 -2.22
CA PRO B 267 -0.76 22.86 -0.99
C PRO B 267 -0.36 21.38 -0.77
N ILE B 268 0.78 20.98 -1.30
CA ILE B 268 1.27 19.63 -1.12
C ILE B 268 2.67 19.72 -0.58
N GLY B 269 2.91 19.04 0.52
CA GLY B 269 4.20 19.10 1.14
C GLY B 269 4.28 20.15 2.23
N VAL B 270 5.50 20.40 2.70
CA VAL B 270 5.71 21.26 3.84
C VAL B 270 5.57 22.74 3.44
N SER B 271 6.45 23.25 2.59
CA SER B 271 6.44 24.70 2.29
C SER B 271 5.11 25.14 1.67
N ALA B 272 4.57 24.33 0.75
CA ALA B 272 3.31 24.67 0.08
C ALA B 272 2.13 24.71 1.07
N THR B 273 2.09 23.77 2.02
CA THR B 273 1.00 23.79 3.00
C THR B 273 1.25 24.97 3.96
N ASP B 274 2.49 25.15 4.41
CA ASP B 274 2.86 26.31 5.23
C ASP B 274 2.38 27.61 4.57
N GLU B 275 2.73 27.80 3.31
CA GLU B 275 2.37 29.02 2.58
C GLU B 275 0.84 29.27 2.59
N PHE B 276 0.07 28.19 2.48
CA PHE B 276 -1.38 28.26 2.48
C PHE B 276 -1.93 28.62 3.84
N ILE B 277 -1.37 28.01 4.87
CA ILE B 277 -1.78 28.36 6.21
C ILE B 277 -1.38 29.81 6.51
N MET B 278 -0.19 30.21 6.12
CA MET B 278 0.26 31.56 6.45
C MET B 278 -0.58 32.61 5.71
N ALA B 279 -1.12 32.25 4.56
CA ALA B 279 -1.94 33.19 3.79
C ALA B 279 -3.23 33.42 4.53
N LEU B 280 -3.82 32.34 5.01
CA LEU B 280 -5.05 32.36 5.75
C LEU B 280 -4.92 33.18 7.02
N SER B 281 -3.82 32.96 7.75
CA SER B 281 -3.61 33.64 9.01
C SER B 281 -3.45 35.13 8.79
N GLU B 282 -2.56 35.48 7.87
CA GLU B 282 -2.30 36.86 7.50
C GLU B 282 -3.52 37.60 6.94
N ALA B 283 -4.32 36.91 6.13
CA ALA B 283 -5.49 37.52 5.54
C ALA B 283 -6.53 37.89 6.59
N THR B 284 -6.60 37.11 7.66
CA THR B 284 -7.63 37.27 8.66
C THR B 284 -7.10 37.66 10.03
N GLY B 285 -5.78 37.66 10.19
CA GLY B 285 -5.17 37.87 11.51
C GLY B 285 -5.45 36.78 12.52
N LYS B 286 -5.99 35.65 12.06
CA LYS B 286 -6.31 34.56 12.97
C LYS B 286 -5.15 33.62 13.27
N GLU B 287 -5.22 33.00 14.44
CA GLU B 287 -4.12 32.20 14.96
C GLU B 287 -4.18 30.78 14.41
N VAL B 288 -3.01 30.20 14.11
CA VAL B 288 -2.98 28.79 13.74
C VAL B 288 -3.23 27.99 15.00
N PRO B 289 -4.31 27.22 15.01
CA PRO B 289 -4.66 26.47 16.20
C PRO B 289 -3.74 25.28 16.48
N ALA B 290 -3.94 24.64 17.62
CA ALA B 290 -3.05 23.59 18.10
C ALA B 290 -3.15 22.33 17.25
N SER B 291 -4.37 21.96 16.86
CA SER B 291 -4.60 20.77 16.05
C SER B 291 -3.80 20.81 14.77
N ILE B 292 -3.73 21.99 14.15
CA ILE B 292 -3.06 22.13 12.89
C ILE B 292 -1.56 22.11 13.11
N GLU B 293 -1.12 22.68 14.23
CA GLU B 293 0.29 22.67 14.53
C GLU B 293 0.77 21.25 14.85
N GLU B 294 -0.08 20.46 15.50
CA GLU B 294 0.26 19.07 15.82
C GLU B 294 0.45 18.26 14.53
N GLU B 295 -0.48 18.41 13.56
CA GLU B 295 -0.38 17.74 12.23
C GLU B 295 0.94 18.04 11.55
N ARG B 296 1.32 19.31 11.48
CA ARG B 296 2.57 19.70 10.84
C ARG B 296 3.75 19.03 11.55
N GLY B 297 3.74 19.07 12.87
CA GLY B 297 4.79 18.47 13.67
C GLY B 297 4.84 16.95 13.55
N GLN B 298 3.70 16.29 13.38
CA GLN B 298 3.66 14.86 13.05
C GLN B 298 4.31 14.59 11.70
N LEU B 299 4.03 15.42 10.71
CA LEU B 299 4.66 15.27 9.41
C LEU B 299 6.17 15.43 9.48
N ILE B 300 6.66 16.47 10.16
CA ILE B 300 8.10 16.61 10.31
C ILE B 300 8.71 15.38 10.99
N ASP B 301 8.04 14.88 12.02
CA ASP B 301 8.49 13.70 12.79
C ASP B 301 8.60 12.49 11.85
N LEU B 302 7.63 12.33 10.97
CA LEU B 302 7.63 11.27 9.98
C LEU B 302 8.75 11.44 8.94
N MET B 303 8.92 12.66 8.44
CA MET B 303 9.99 12.91 7.48
C MET B 303 11.37 12.54 8.06
N ILE B 304 11.55 12.84 9.35
CA ILE B 304 12.76 12.51 10.06
C ILE B 304 12.83 11.03 10.39
N ASP B 305 11.77 10.48 10.97
CA ASP B 305 11.77 9.04 11.26
C ASP B 305 12.07 8.16 10.04
N ALA B 306 11.49 8.52 8.90
CA ALA B 306 11.66 7.75 7.66
C ALA B 306 12.86 8.17 6.79
N GLN B 307 13.63 9.13 7.27
CA GLN B 307 14.65 9.79 6.42
C GLN B 307 15.56 8.84 5.66
N GLN B 308 15.98 7.76 6.29
CA GLN B 308 17.01 6.92 5.67
C GLN B 308 16.60 6.31 4.35
N TYR B 309 15.31 6.09 4.16
CA TYR B 309 14.79 5.46 2.93
C TYR B 309 14.48 6.46 1.83
N LEU B 310 14.64 7.74 2.14
CA LEU B 310 14.28 8.81 1.21
C LEU B 310 15.52 9.54 0.65
N GLN B 311 16.59 9.63 1.44
CA GLN B 311 17.69 10.54 1.10
C GLN B 311 18.33 10.09 -0.19
N GLY B 312 18.42 11.02 -1.14
CA GLY B 312 19.10 10.74 -2.40
C GLY B 312 18.33 9.83 -3.35
N LYS B 313 17.09 9.50 -3.03
CA LYS B 313 16.31 8.64 -3.94
C LYS B 313 15.98 9.37 -5.23
N LYS B 314 16.04 8.65 -6.35
CA LYS B 314 15.74 9.26 -7.65
C LYS B 314 14.30 9.04 -8.05
N VAL B 315 13.60 10.13 -8.30
CA VAL B 315 12.18 10.06 -8.59
C VAL B 315 11.85 10.52 -10.01
N ALA B 316 11.06 9.69 -10.71
CA ALA B 316 10.39 10.12 -11.94
C ALA B 316 8.96 10.55 -11.63
N LEU B 317 8.56 11.73 -12.11
CA LEU B 317 7.20 12.27 -11.88
C LEU B 317 6.57 12.76 -13.18
N LEU B 318 5.29 12.40 -13.40
CA LEU B 318 4.52 12.90 -14.55
C LEU B 318 3.11 13.24 -14.09
N GLY B 319 2.59 14.38 -14.54
CA GLY B 319 1.19 14.68 -14.34
C GLY B 319 0.83 16.12 -14.61
N ASP B 320 -0.16 16.59 -13.84
CA ASP B 320 -0.69 17.92 -14.03
C ASP B 320 0.17 18.97 -13.32
N PRO B 321 0.34 20.13 -13.96
CA PRO B 321 1.42 21.05 -13.57
C PRO B 321 1.33 21.60 -12.15
N ASP B 322 0.16 22.04 -11.71
CA ASP B 322 0.03 22.58 -10.35
C ASP B 322 0.45 21.54 -9.31
N GLU B 323 -0.07 20.33 -9.47
CA GLU B 323 0.18 19.25 -8.52
CA GLU B 323 0.18 19.19 -8.56
C GLU B 323 1.65 18.76 -8.56
N ILE B 324 2.22 18.68 -9.75
CA ILE B 324 3.55 18.14 -9.90
C ILE B 324 4.62 19.16 -9.47
N ILE B 325 4.30 20.45 -9.59
CA ILE B 325 5.21 21.50 -9.12
C ILE B 325 5.35 21.38 -7.60
N ALA B 326 4.23 21.30 -6.91
CA ALA B 326 4.24 21.14 -5.46
C ALA B 326 4.81 19.81 -5.03
N LEU B 327 4.40 18.73 -5.68
CA LEU B 327 4.90 17.41 -5.30
C LEU B 327 6.40 17.34 -5.52
N SER B 328 6.90 17.97 -6.59
CA SER B 328 8.33 18.04 -6.81
C SER B 328 9.04 18.77 -5.68
N LYS B 329 8.45 19.85 -5.18
CA LYS B 329 9.06 20.57 -4.08
C LYS B 329 9.07 19.68 -2.82
N PHE B 330 7.99 18.95 -2.58
CA PHE B 330 7.94 18.03 -1.46
C PHE B 330 9.00 16.95 -1.55
N ILE B 331 9.20 16.42 -2.75
CA ILE B 331 10.24 15.44 -2.99
C ILE B 331 11.58 16.00 -2.50
N ILE B 332 11.88 17.23 -2.89
CA ILE B 332 13.15 17.85 -2.47
C ILE B 332 13.19 18.06 -0.96
N GLU B 333 12.07 18.47 -0.40
CA GLU B 333 11.92 18.61 1.02
C GLU B 333 12.19 17.30 1.75
N LEU B 334 11.84 16.18 1.14
CA LEU B 334 12.07 14.86 1.74
C LEU B 334 13.51 14.39 1.68
N GLY B 335 14.34 15.16 1.00
CA GLY B 335 15.72 14.79 0.76
C GLY B 335 15.89 13.97 -0.50
N ALA B 336 14.85 13.84 -1.30
CA ALA B 336 14.94 12.99 -2.50
C ALA B 336 15.16 13.88 -3.73
N ILE B 337 15.28 13.26 -4.89
CA ILE B 337 15.66 13.98 -6.12
C ILE B 337 14.59 13.90 -7.21
N PRO B 338 14.01 15.03 -7.60
CA PRO B 338 13.17 14.99 -8.80
C PRO B 338 14.07 14.86 -10.03
N LYS B 339 14.22 13.64 -10.51
CA LYS B 339 15.13 13.30 -11.57
C LYS B 339 14.52 13.51 -12.95
N TYR B 340 13.28 13.05 -13.12
CA TYR B 340 12.58 13.24 -14.39
C TYR B 340 11.24 13.86 -14.04
N VAL B 341 10.93 15.01 -14.60
CA VAL B 341 9.77 15.78 -14.18
C VAL B 341 9.04 16.30 -15.42
N VAL B 342 7.81 15.80 -15.63
CA VAL B 342 7.08 16.02 -16.88
C VAL B 342 5.59 16.35 -16.66
N THR B 343 5.10 17.29 -17.46
CA THR B 343 3.68 17.47 -17.61
C THR B 343 3.35 17.56 -19.08
N GLY B 344 2.22 17.00 -19.47
CA GLY B 344 1.68 17.17 -20.81
C GLY B 344 1.01 18.51 -21.06
N THR B 345 0.68 19.24 -19.99
CA THR B 345 0.02 20.54 -20.09
C THR B 345 1.00 21.66 -20.49
N PRO B 346 0.72 22.34 -21.60
CA PRO B 346 1.72 23.31 -22.04
C PRO B 346 1.75 24.50 -21.12
N GLY B 347 2.84 25.26 -21.20
CA GLY B 347 2.96 26.52 -20.46
C GLY B 347 4.34 26.68 -19.85
N MET B 348 4.78 27.93 -19.74
CA MET B 348 6.15 28.23 -19.30
C MET B 348 6.36 28.08 -17.78
N LYS B 349 5.34 28.32 -16.99
CA LYS B 349 5.48 28.32 -15.53
C LYS B 349 6.07 27.02 -14.95
N PHE B 350 5.56 25.87 -15.38
CA PHE B 350 6.13 24.57 -14.97
C PHE B 350 7.64 24.59 -15.17
N GLN B 351 8.05 24.94 -16.38
CA GLN B 351 9.47 24.97 -16.70
C GLN B 351 10.25 25.81 -15.68
N LYS B 352 9.82 27.06 -15.47
CA LYS B 352 10.52 27.98 -14.59
C LYS B 352 10.52 27.49 -13.15
N GLU B 353 9.35 27.18 -12.60
CA GLU B 353 9.25 26.70 -11.22
C GLU B 353 10.10 25.44 -10.95
N ILE B 354 10.02 24.43 -11.79
CA ILE B 354 10.77 23.19 -11.56
C ILE B 354 12.27 23.47 -11.69
N ASP B 355 12.67 24.16 -12.75
CA ASP B 355 14.08 24.52 -12.94
C ASP B 355 14.62 25.25 -11.72
N ALA B 356 13.83 26.17 -11.19
CA ALA B 356 14.25 27.04 -10.11
C ALA B 356 14.46 26.28 -8.81
N MET B 357 13.53 25.39 -8.46
CA MET B 357 13.64 24.64 -7.21
C MET B 357 14.80 23.63 -7.28
N LEU B 358 15.02 23.03 -8.44
CA LEU B 358 16.18 22.18 -8.66
C LEU B 358 17.48 22.99 -8.49
N ALA B 359 17.56 24.15 -9.14
CA ALA B 359 18.75 25.01 -9.04
C ALA B 359 19.03 25.37 -7.59
N GLU B 360 17.96 25.70 -6.86
CA GLU B 360 18.13 26.11 -5.47
C GLU B 360 18.64 24.97 -4.60
N ALA B 361 18.19 23.76 -4.89
CA ALA B 361 18.64 22.61 -4.09
C ALA B 361 19.98 22.11 -4.57
N GLY B 362 20.58 22.80 -5.54
CA GLY B 362 21.87 22.38 -6.07
C GLY B 362 21.81 21.10 -6.86
N ILE B 363 20.63 20.81 -7.43
CA ILE B 363 20.47 19.57 -8.15
C ILE B 363 20.65 19.76 -9.64
N GLU B 364 21.60 19.02 -10.21
CA GLU B 364 21.98 19.18 -11.59
C GLU B 364 21.59 17.96 -12.35
N GLY B 365 21.22 18.15 -13.62
CA GLY B 365 21.12 17.02 -14.54
C GLY B 365 19.79 16.28 -14.50
N SER B 366 18.77 16.94 -13.99
CA SER B 366 17.42 16.40 -14.06
C SER B 366 16.83 16.82 -15.39
N LYS B 367 15.96 15.99 -15.95
CA LYS B 367 15.24 16.33 -17.16
C LYS B 367 13.85 16.82 -16.82
N VAL B 368 13.58 18.07 -17.16
CA VAL B 368 12.28 18.69 -17.00
C VAL B 368 11.69 18.84 -18.39
N LYS B 369 10.50 18.31 -18.63
CA LYS B 369 9.88 18.55 -19.94
C LYS B 369 8.40 18.94 -19.89
N VAL B 370 8.10 20.10 -20.46
CA VAL B 370 6.73 20.57 -20.69
C VAL B 370 6.25 19.99 -22.03
N GLU B 371 5.01 19.51 -22.08
CA GLU B 371 4.52 18.70 -23.20
C GLU B 371 5.44 17.53 -23.47
N GLY B 372 5.84 16.85 -22.41
CA GLY B 372 6.48 15.57 -22.52
C GLY B 372 5.41 14.51 -22.30
N ASP B 373 5.74 13.26 -22.56
CA ASP B 373 4.78 12.17 -22.36
C ASP B 373 5.42 10.96 -21.67
N PHE B 374 4.63 9.89 -21.55
CA PHE B 374 5.06 8.70 -20.84
C PHE B 374 6.12 7.92 -21.60
N PHE B 375 6.17 8.14 -22.92
CA PHE B 375 7.20 7.54 -23.77
C PHE B 375 8.55 8.24 -23.50
N ASP B 376 8.58 9.58 -23.54
CA ASP B 376 9.73 10.33 -23.07
C ASP B 376 10.33 9.71 -21.80
N VAL B 377 9.52 9.62 -20.75
CA VAL B 377 10.05 9.29 -19.43
C VAL B 377 10.59 7.88 -19.37
N HIS B 378 9.91 6.94 -20.03
CA HIS B 378 10.40 5.59 -20.12
C HIS B 378 11.74 5.49 -20.87
N GLN B 379 11.90 6.22 -21.96
CA GLN B 379 13.19 6.27 -22.65
C GLN B 379 14.27 6.77 -21.70
N TRP B 380 13.95 7.83 -20.97
CA TRP B 380 14.92 8.35 -20.00
C TRP B 380 15.34 7.29 -18.99
N ILE B 381 14.32 6.63 -18.42
CA ILE B 381 14.56 5.61 -17.42
C ILE B 381 15.45 4.52 -17.96
N LYS B 382 15.21 4.11 -19.20
CA LYS B 382 16.05 3.11 -19.87
C LYS B 382 17.51 3.55 -19.94
N ASN B 383 17.76 4.84 -20.05
CA ASN B 383 19.13 5.31 -20.10
C ASN B 383 19.76 5.51 -18.72
N GLU B 384 18.94 5.87 -17.75
CA GLU B 384 19.34 5.82 -16.34
C GLU B 384 18.13 5.59 -15.42
N GLY B 385 18.17 4.52 -14.64
CA GLY B 385 17.03 4.09 -13.81
C GLY B 385 16.71 5.04 -12.67
N VAL B 386 15.54 4.84 -12.06
CA VAL B 386 15.12 5.64 -10.92
C VAL B 386 14.73 4.73 -9.78
N ASP B 387 14.44 5.31 -8.62
CA ASP B 387 14.07 4.55 -7.44
C ASP B 387 12.57 4.61 -7.11
N LEU B 388 11.83 5.42 -7.83
CA LEU B 388 10.43 5.70 -7.50
C LEU B 388 9.76 6.36 -8.68
N LEU B 389 8.53 5.93 -8.99
CA LEU B 389 7.70 6.50 -10.06
C LEU B 389 6.38 6.98 -9.47
N ILE B 390 6.03 8.21 -9.76
CA ILE B 390 4.76 8.82 -9.33
C ILE B 390 4.03 9.39 -10.54
N SER B 391 2.85 8.86 -10.79
CA SER B 391 2.01 9.24 -11.90
C SER B 391 0.60 8.70 -11.71
N ASN B 392 -0.25 8.99 -12.68
CA ASN B 392 -1.55 8.35 -12.80
C ASN B 392 -1.40 6.89 -13.19
N THR B 393 -2.53 6.23 -13.37
CA THR B 393 -2.58 4.81 -13.66
C THR B 393 -1.65 4.38 -14.78
N TYR B 394 -1.46 5.22 -15.79
CA TYR B 394 -0.72 4.79 -16.97
C TYR B 394 0.77 4.54 -16.71
N GLY B 395 1.28 5.02 -15.58
CA GLY B 395 2.62 4.67 -15.18
C GLY B 395 2.82 3.21 -14.80
N LYS B 396 1.73 2.49 -14.53
CA LYS B 396 1.83 1.14 -14.00
C LYS B 396 2.60 0.23 -14.98
N PHE B 397 2.54 0.57 -16.26
CA PHE B 397 3.21 -0.21 -17.31
C PHE B 397 4.73 -0.09 -17.21
N ILE B 398 5.20 1.13 -16.95
CA ILE B 398 6.62 1.39 -16.73
C ILE B 398 7.07 0.80 -15.40
N ALA B 399 6.25 0.98 -14.37
CA ALA B 399 6.54 0.44 -13.06
C ALA B 399 6.81 -1.05 -13.16
N ARG B 400 6.00 -1.75 -13.95
CA ARG B 400 6.17 -3.20 -14.08
C ARG B 400 7.37 -3.55 -14.96
N GLU B 401 7.45 -2.89 -16.12
CA GLU B 401 8.53 -3.18 -17.07
C GLU B 401 9.90 -2.96 -16.42
N GLU B 402 10.07 -1.86 -15.69
CA GLU B 402 11.36 -1.50 -15.13
C GLU B 402 11.53 -1.85 -13.66
N ASN B 403 10.50 -2.44 -13.04
CA ASN B 403 10.57 -2.80 -11.63
C ASN B 403 10.82 -1.58 -10.71
N ILE B 404 9.97 -0.57 -10.84
CA ILE B 404 10.11 0.64 -10.04
C ILE B 404 8.96 0.77 -9.05
N PRO B 405 9.28 0.98 -7.78
CA PRO B 405 8.25 1.29 -6.79
C PRO B 405 7.33 2.41 -7.30
N PHE B 406 6.02 2.18 -7.19
CA PHE B 406 5.04 3.00 -7.90
C PHE B 406 3.98 3.58 -6.98
N VAL B 407 3.79 4.90 -7.05
CA VAL B 407 2.78 5.63 -6.29
C VAL B 407 1.78 6.25 -7.27
N ARG B 408 0.53 5.81 -7.19
CA ARG B 408 -0.54 6.33 -8.00
C ARG B 408 -0.97 7.72 -7.47
N PHE B 409 -1.03 8.71 -8.35
CA PHE B 409 -1.16 10.13 -7.95
C PHE B 409 -1.87 10.88 -9.06
N GLY B 410 -2.76 11.80 -8.69
CA GLY B 410 -3.34 12.68 -9.67
C GLY B 410 -4.45 12.02 -10.45
N PHE B 411 -4.51 12.32 -11.75
CA PHE B 411 -5.66 11.97 -12.58
C PHE B 411 -5.27 11.45 -13.94
N PRO B 412 -5.82 10.32 -14.39
CA PRO B 412 -6.79 9.51 -13.63
C PRO B 412 -6.17 8.27 -12.99
N ILE B 413 -6.72 7.86 -11.85
CA ILE B 413 -6.37 6.62 -11.20
C ILE B 413 -7.62 5.75 -11.33
N MET B 414 -7.54 4.71 -12.16
CA MET B 414 -8.72 3.95 -12.55
C MET B 414 -8.67 2.49 -12.13
N ASP B 415 -7.68 2.14 -11.34
CA ASP B 415 -7.35 0.74 -11.06
C ASP B 415 -7.20 0.36 -9.60
N ARG B 416 -7.69 1.22 -8.71
CA ARG B 416 -7.71 0.88 -7.28
C ARG B 416 -8.99 1.41 -6.64
N TYR B 417 -9.27 0.93 -5.42
CA TYR B 417 -10.53 1.14 -4.73
C TYR B 417 -10.33 1.90 -3.43
N GLY B 418 -10.92 3.08 -3.35
CA GLY B 418 -10.93 3.88 -2.15
C GLY B 418 -9.88 4.98 -2.08
N HIS B 419 -9.06 5.12 -3.11
CA HIS B 419 -8.03 6.15 -3.10
C HIS B 419 -8.65 7.53 -3.08
N TYR B 420 -9.85 7.66 -3.65
CA TYR B 420 -10.52 8.95 -3.72
C TYR B 420 -11.05 9.39 -2.35
N TYR B 421 -10.84 8.59 -1.30
CA TYR B 421 -11.19 9.07 0.04
C TYR B 421 -9.99 9.68 0.78
N ASN B 422 -8.84 9.78 0.12
CA ASN B 422 -7.61 10.20 0.77
C ASN B 422 -7.03 11.44 0.15
N PRO B 423 -6.74 12.46 0.98
CA PRO B 423 -6.16 13.66 0.43
C PRO B 423 -4.67 13.49 0.15
N LYS B 424 -4.16 14.23 -0.84
CA LYS B 424 -2.73 14.44 -0.99
C LYS B 424 -2.31 15.83 -0.49
N VAL B 425 -3.27 16.72 -0.27
CA VAL B 425 -2.97 18.06 0.19
C VAL B 425 -2.92 18.16 1.71
N GLY B 426 -2.28 19.22 2.20
CA GLY B 426 -2.25 19.49 3.62
C GLY B 426 -1.17 18.72 4.35
N TYR B 427 -1.05 18.94 5.65
CA TYR B 427 -0.14 18.14 6.43
C TYR B 427 -0.62 16.69 6.47
N LYS B 428 -1.94 16.49 6.53
CA LYS B 428 -2.53 15.15 6.55
C LYS B 428 -2.27 14.37 5.28
N GLY B 429 -2.49 15.02 4.13
CA GLY B 429 -2.14 14.44 2.80
C GLY B 429 -0.64 14.14 2.65
N ALA B 430 0.19 15.00 3.23
CA ALA B 430 1.62 14.86 3.12
C ALA B 430 2.07 13.62 3.88
N ILE B 431 1.50 13.42 5.06
CA ILE B 431 1.75 12.26 5.86
C ILE B 431 1.34 10.99 5.08
N ARG B 432 0.21 11.04 4.39
CA ARG B 432 -0.24 9.90 3.61
C ARG B 432 0.74 9.58 2.48
N LEU B 433 1.23 10.62 1.82
CA LEU B 433 2.19 10.45 0.76
C LEU B 433 3.50 9.85 1.24
N VAL B 434 4.04 10.32 2.36
CA VAL B 434 5.25 9.72 2.88
C VAL B 434 5.07 8.24 3.28
N GLU B 435 3.94 7.89 3.91
CA GLU B 435 3.68 6.49 4.21
C GLU B 435 3.65 5.65 2.91
N GLU B 436 2.99 6.16 1.88
CA GLU B 436 2.77 5.41 0.67
C GLU B 436 4.11 5.25 -0.05
N ILE B 437 4.87 6.33 -0.11
CA ILE B 437 6.18 6.27 -0.76
C ILE B 437 7.12 5.31 -0.04
N THR B 438 7.24 5.40 1.28
CA THR B 438 8.12 4.48 1.99
C THR B 438 7.60 3.03 1.94
N ASN B 439 6.28 2.84 2.02
CA ASN B 439 5.72 1.52 1.91
C ASN B 439 6.13 0.84 0.61
N VAL B 440 5.99 1.52 -0.51
CA VAL B 440 6.25 0.85 -1.80
C VAL B 440 7.76 0.60 -1.91
N ILE B 441 8.55 1.46 -1.29
CA ILE B 441 10.01 1.32 -1.32
C ILE B 441 10.40 0.11 -0.47
N LEU B 442 9.77 -0.03 0.70
CA LEU B 442 10.10 -1.13 1.59
C LEU B 442 9.52 -2.44 1.07
N ASP B 443 8.35 -2.40 0.48
CA ASP B 443 7.80 -3.63 -0.12
C ASP B 443 8.79 -4.28 -1.09
N LYS B 444 9.42 -3.47 -1.95
CA LYS B 444 10.29 -3.99 -2.98
C LYS B 444 11.59 -4.52 -2.37
N ILE B 445 12.16 -3.77 -1.46
CA ILE B 445 13.33 -4.21 -0.73
C ILE B 445 13.12 -5.56 -0.05
N GLU B 446 11.98 -5.75 0.63
CA GLU B 446 11.77 -6.94 1.41
C GLU B 446 11.38 -8.10 0.53
N ARG B 447 10.77 -7.80 -0.61
CA ARG B 447 10.52 -8.78 -1.64
C ARG B 447 11.79 -9.36 -2.26
N GLU B 448 12.76 -8.51 -2.55
CA GLU B 448 13.86 -8.91 -3.39
C GLU B 448 15.18 -9.22 -2.66
N CYS B 449 15.30 -8.81 -1.41
CA CYS B 449 16.51 -9.02 -0.64
C CYS B 449 16.75 -10.53 -0.46
N THR B 450 17.98 -10.92 -0.18
CA THR B 450 18.24 -12.31 0.10
C THR B 450 17.58 -12.66 1.42
N GLU B 451 17.28 -13.94 1.60
CA GLU B 451 16.62 -14.39 2.82
C GLU B 451 17.44 -14.04 4.05
N GLU B 452 18.76 -14.08 3.92
CA GLU B 452 19.61 -13.81 5.06
C GLU B 452 19.65 -12.33 5.42
N ASP B 453 19.32 -11.46 4.45
CA ASP B 453 19.22 -10.01 4.68
C ASP B 453 17.81 -9.57 5.03
N PHE B 454 16.89 -10.52 5.09
CA PHE B 454 15.54 -10.20 5.46
C PHE B 454 15.52 -9.73 6.93
N GLU B 455 14.55 -8.86 7.28
CA GLU B 455 14.57 -8.11 8.54
C GLU B 455 13.20 -8.10 9.23
N VAL B 456 13.20 -8.09 10.56
CA VAL B 456 11.95 -7.88 11.29
C VAL B 456 11.68 -6.37 11.28
N VAL B 457 12.50 -5.62 12.00
CA VAL B 457 12.36 -4.17 12.09
C VAL B 457 12.93 -3.45 10.85
N ARG B 458 12.26 -2.40 10.40
CA ARG B 458 12.79 -1.47 9.39
C ARG B 458 12.64 -0.05 9.85
N ASN C 2 32.38 21.92 36.57
CA ASN C 2 32.54 21.32 35.22
C ASN C 2 31.32 20.45 34.82
N LEU C 3 31.46 19.74 33.71
CA LEU C 3 30.36 18.93 33.17
C LEU C 3 29.90 17.79 34.10
N LYS C 4 30.84 17.22 34.86
CA LYS C 4 30.49 16.12 35.74
C LYS C 4 29.66 16.68 36.90
N ASP C 5 30.07 17.83 37.41
CA ASP C 5 29.33 18.50 38.45
C ASP C 5 27.91 18.72 37.98
N GLU C 6 27.79 19.24 36.76
CA GLU C 6 26.49 19.57 36.19
C GLU C 6 25.60 18.34 36.07
N ILE C 7 26.19 17.22 35.65
CA ILE C 7 25.41 15.97 35.53
C ILE C 7 24.97 15.50 36.92
N LEU C 8 25.84 15.67 37.91
CA LEU C 8 25.60 15.14 39.25
C LEU C 8 24.61 15.99 40.03
N GLU C 9 24.45 17.24 39.63
CA GLU C 9 23.64 18.20 40.38
C GLU C 9 22.30 17.69 40.94
N LYS C 10 21.43 17.18 40.08
CA LYS C 10 20.06 16.89 40.46
C LYS C 10 19.89 15.57 41.25
N TYR C 11 20.95 14.78 41.33
CA TYR C 11 20.85 13.50 42.01
C TYR C 11 20.63 13.73 43.50
N ILE C 12 19.79 12.92 44.13
CA ILE C 12 19.67 13.00 45.58
C ILE C 12 21.01 12.55 46.18
N PRO C 13 21.31 12.98 47.42
CA PRO C 13 22.61 12.71 48.03
C PRO C 13 23.11 11.26 47.94
N LYS C 14 22.30 10.29 48.36
CA LYS C 14 22.74 8.90 48.26
C LYS C 14 23.15 8.61 46.79
N THR C 15 22.25 8.94 45.88
CA THR C 15 22.43 8.67 44.44
C THR C 15 23.66 9.40 43.91
N LYS C 16 23.78 10.65 44.27
CA LYS C 16 24.89 11.47 43.83
C LYS C 16 26.21 10.80 44.18
N LYS C 17 26.27 10.25 45.40
CA LYS C 17 27.47 9.62 45.93
C LYS C 17 27.81 8.33 45.16
N THR C 18 26.82 7.48 44.94
CA THR C 18 27.02 6.24 44.16
C THR C 18 27.44 6.52 42.71
N ARG C 19 26.75 7.47 42.05
CA ARG C 19 26.97 7.76 40.63
C ARG C 19 28.29 8.49 40.34
N SER C 20 28.73 9.31 41.29
CA SER C 20 29.91 10.15 41.10
C SER C 20 31.09 9.38 40.51
N GLY C 21 31.32 8.17 41.00
CA GLY C 21 32.47 7.39 40.52
C GLY C 21 32.30 6.78 39.14
N HIS C 22 31.08 6.85 38.60
CA HIS C 22 30.78 6.25 37.30
C HIS C 22 31.01 7.29 36.21
N ILE C 23 31.38 8.49 36.60
CA ILE C 23 31.56 9.59 35.65
C ILE C 23 32.96 10.14 35.84
N VAL C 24 33.79 10.12 34.80
CA VAL C 24 35.16 10.61 34.97
C VAL C 24 35.59 11.44 33.78
N ILE C 25 36.36 12.49 34.06
CA ILE C 25 36.87 13.41 33.03
C ILE C 25 38.38 13.21 32.91
N LYS C 26 38.83 12.96 31.70
CA LYS C 26 40.26 12.80 31.46
C LYS C 26 40.97 14.14 31.55
N THR C 27 42.12 14.13 32.23
CA THR C 27 42.97 15.32 32.36
C THR C 27 44.42 14.87 32.27
N GLU C 28 45.34 15.81 32.03
CA GLU C 28 46.78 15.44 32.04
C GLU C 28 47.22 15.21 33.48
N GLU C 29 46.67 16.00 34.40
CA GLU C 29 46.85 15.84 35.83
C GLU C 29 46.63 14.38 36.25
N THR C 30 45.77 13.69 35.52
CA THR C 30 45.46 12.30 35.78
C THR C 30 44.96 11.65 34.48
N PRO C 31 45.90 11.12 33.69
CA PRO C 31 45.72 10.54 32.35
C PRO C 31 44.69 9.42 32.28
N ASN C 32 44.89 8.38 33.09
CA ASN C 32 43.96 7.26 33.13
C ASN C 32 43.28 7.16 34.50
N PRO C 33 42.25 7.99 34.72
CA PRO C 33 41.59 7.87 36.02
C PRO C 33 40.94 6.52 36.17
N GLU C 34 40.62 6.19 37.41
CA GLU C 34 39.90 4.96 37.76
CA GLU C 34 39.90 4.96 37.68
C GLU C 34 38.40 5.22 37.68
N ILE C 35 37.64 4.29 37.14
CA ILE C 35 36.19 4.46 37.07
C ILE C 35 35.53 3.39 37.90
N VAL C 36 34.31 3.65 38.37
CA VAL C 36 33.46 2.58 38.89
C VAL C 36 32.53 2.07 37.78
N ALA C 37 32.57 0.76 37.53
CA ALA C 37 31.69 0.11 36.57
C ALA C 37 31.17 -1.22 37.10
N ASN C 38 30.24 -1.82 36.35
CA ASN C 38 29.75 -3.18 36.61
C ASN C 38 29.26 -3.30 38.04
N THR C 39 28.53 -2.27 38.48
CA THR C 39 27.85 -2.32 39.77
C THR C 39 26.36 -2.35 39.49
N ARG C 40 25.58 -2.57 40.54
CA ARG C 40 24.12 -2.60 40.38
C ARG C 40 23.65 -1.32 39.72
N THR C 41 22.56 -1.46 38.97
CA THR C 41 21.81 -0.32 38.46
C THR C 41 21.07 0.34 39.63
N VAL C 42 21.12 1.66 39.71
CA VAL C 42 20.26 2.35 40.66
C VAL C 42 18.79 2.23 40.23
N PRO C 43 17.92 1.73 41.14
CA PRO C 43 16.48 1.62 40.87
C PRO C 43 15.86 2.96 40.57
N GLY C 44 15.06 3.04 39.49
CA GLY C 44 14.31 4.24 39.14
C GLY C 44 15.08 5.32 38.36
N ILE C 45 16.29 5.00 37.99
CA ILE C 45 17.16 5.99 37.34
C ILE C 45 16.95 6.09 35.80
N ILE C 46 16.24 5.12 35.24
CA ILE C 46 16.01 4.96 33.78
C ILE C 46 17.34 4.63 33.10
N THR C 47 17.78 3.40 33.32
CA THR C 47 18.93 2.83 32.67
C THR C 47 18.54 2.36 31.27
N ALA C 48 19.53 2.04 30.45
CA ALA C 48 19.29 1.37 29.17
C ALA C 48 19.44 -0.15 29.28
N ARG C 49 19.94 -0.60 30.43
CA ARG C 49 20.40 -1.98 30.65
C ARG C 49 19.36 -3.08 30.49
N GLY C 50 19.87 -4.26 30.14
CA GLY C 50 19.06 -5.49 30.03
C GLY C 50 19.48 -6.47 31.11
N CYS C 51 19.21 -7.75 30.88
CA CYS C 51 19.38 -8.74 31.93
C CYS C 51 20.32 -9.82 31.46
N ALA C 52 20.69 -10.69 32.40
CA ALA C 52 21.59 -11.80 32.14
C ALA C 52 21.06 -12.77 31.11
N TYR C 53 19.75 -12.96 31.08
CA TYR C 53 19.15 -13.85 30.07
C TYR C 53 19.44 -13.33 28.66
N ALA C 54 19.31 -12.03 28.46
CA ALA C 54 19.59 -11.39 27.18
C ALA C 54 21.05 -11.59 26.81
N GLY C 55 21.93 -11.40 27.79
CA GLY C 55 23.37 -11.62 27.55
C GLY C 55 23.74 -13.04 27.13
N CYS C 56 23.02 -14.03 27.64
CA CYS C 56 23.40 -15.43 27.41
C CYS C 56 22.69 -16.00 26.18
N LYS C 57 21.37 -15.98 26.20
CA LYS C 57 20.56 -16.47 25.09
C LYS C 57 20.52 -15.51 23.90
N GLY C 58 20.25 -14.24 24.14
CA GLY C 58 20.00 -13.28 23.08
C GLY C 58 21.25 -12.87 22.33
N VAL C 59 22.38 -12.89 23.02
CA VAL C 59 23.65 -12.36 22.50
C VAL C 59 24.63 -13.49 22.09
N VAL C 60 25.15 -14.24 23.06
CA VAL C 60 26.20 -15.24 22.73
C VAL C 60 25.72 -16.50 21.97
N MET C 61 24.71 -17.15 22.52
CA MET C 61 24.27 -18.48 22.04
C MET C 61 23.31 -18.42 20.85
N GLY C 62 22.44 -17.41 20.82
CA GLY C 62 21.37 -17.32 19.82
C GLY C 62 21.83 -17.42 18.39
N PRO C 63 22.96 -16.79 18.07
CA PRO C 63 23.46 -16.78 16.70
C PRO C 63 23.85 -18.14 16.17
N ILE C 64 23.95 -19.13 17.05
CA ILE C 64 24.33 -20.47 16.61
C ILE C 64 23.13 -21.06 15.91
N LYS C 65 23.23 -21.15 14.59
CA LYS C 65 22.06 -21.20 13.73
C LYS C 65 21.43 -22.58 13.56
N ASP C 66 22.22 -23.65 13.76
CA ASP C 66 21.69 -25.01 13.65
C ASP C 66 21.47 -25.65 15.01
N MET C 67 21.40 -24.81 16.03
CA MET C 67 21.08 -25.22 17.35
C MET C 67 19.74 -24.60 17.69
N VAL C 68 18.87 -25.36 18.36
CA VAL C 68 17.53 -24.89 18.73
C VAL C 68 17.56 -24.35 20.14
N HIS C 69 17.29 -23.05 20.28
CA HIS C 69 17.38 -22.38 21.59
C HIS C 69 16.01 -22.23 22.20
N ILE C 70 15.79 -22.93 23.31
CA ILE C 70 14.49 -22.94 23.97
C ILE C 70 14.50 -22.16 25.25
N THR C 71 13.71 -21.09 25.27
CA THR C 71 13.53 -20.33 26.49
C THR C 71 12.58 -21.03 27.44
N HIS C 72 13.08 -21.29 28.64
CA HIS C 72 12.24 -21.85 29.66
C HIS C 72 11.75 -20.75 30.56
N GLY C 73 10.54 -20.29 30.30
CA GLY C 73 10.00 -19.15 30.97
C GLY C 73 8.68 -18.79 30.35
N PRO C 74 8.04 -17.76 30.88
CA PRO C 74 6.85 -17.23 30.23
C PRO C 74 7.25 -16.60 28.87
N ILE C 75 6.28 -16.08 28.12
CA ILE C 75 6.49 -15.91 26.69
C ILE C 75 7.36 -14.69 26.28
N GLY C 76 7.35 -13.65 27.11
CA GLY C 76 8.08 -12.41 26.80
C GLY C 76 9.57 -12.61 26.55
N CYS C 77 10.26 -13.24 27.49
CA CYS C 77 11.68 -13.50 27.32
C CYS C 77 11.96 -14.03 25.93
N SER C 78 11.10 -14.94 25.47
CA SER C 78 11.22 -15.48 24.13
C SER C 78 10.86 -14.47 23.01
N PHE C 79 9.66 -13.90 23.05
CA PHE C 79 9.17 -12.98 22.02
C PHE C 79 10.11 -11.80 21.82
N TYR C 80 10.68 -11.31 22.90
CA TYR C 80 11.54 -10.17 22.78
C TYR C 80 12.93 -10.51 22.25
N THR C 81 13.18 -11.78 21.93
CA THR C 81 14.42 -12.16 21.23
C THR C 81 14.11 -12.62 19.83
N TRP C 82 12.92 -12.27 19.35
CA TRP C 82 12.52 -12.68 17.99
C TRP C 82 12.87 -11.63 16.94
N GLY C 83 14.14 -11.63 16.51
CA GLY C 83 14.61 -10.84 15.37
C GLY C 83 15.10 -9.42 15.62
N GLY C 84 14.99 -8.96 16.86
CA GLY C 84 15.45 -7.59 17.18
C GLY C 84 16.95 -7.37 17.10
N ARG C 85 17.71 -8.42 17.41
CA ARG C 85 19.15 -8.36 17.31
C ARG C 85 19.51 -9.03 16.01
N ARG C 86 20.20 -8.28 15.14
CA ARG C 86 20.27 -8.62 13.74
C ARG C 86 21.47 -9.50 13.37
N PHE C 87 21.71 -10.58 14.13
CA PHE C 87 22.70 -11.56 13.73
C PHE C 87 22.19 -12.27 12.48
N LYS C 88 22.96 -12.17 11.42
CA LYS C 88 22.62 -12.78 10.13
C LYS C 88 23.19 -14.18 10.04
N SER C 89 22.38 -15.08 9.49
CA SER C 89 22.71 -16.48 9.39
C SER C 89 22.22 -16.98 8.05
N LYS C 90 22.98 -17.91 7.45
CA LYS C 90 22.50 -18.63 6.29
C LYS C 90 22.82 -20.10 6.39
N PRO C 91 22.11 -20.90 5.60
CA PRO C 91 22.35 -22.35 5.59
C PRO C 91 23.79 -22.65 5.25
N GLU C 92 24.46 -23.42 6.09
CA GLU C 92 25.85 -23.72 5.83
C GLU C 92 25.90 -24.53 4.55
N ASN C 93 26.71 -24.07 3.61
CA ASN C 93 26.96 -24.73 2.32
C ASN C 93 25.75 -24.66 1.44
N GLY C 94 24.91 -23.66 1.67
CA GLY C 94 23.63 -23.56 0.97
C GLY C 94 22.57 -24.53 1.45
N THR C 95 22.91 -25.47 2.36
CA THR C 95 21.97 -26.56 2.71
C THR C 95 21.75 -26.85 4.20
N GLY C 96 22.57 -26.30 5.08
CA GLY C 96 22.45 -26.60 6.51
C GLY C 96 21.25 -25.98 7.22
N LEU C 97 20.99 -26.47 8.41
CA LEU C 97 19.90 -25.94 9.22
C LEU C 97 20.13 -24.46 9.59
N ASN C 98 19.01 -23.76 9.82
CA ASN C 98 18.95 -22.32 10.17
C ASN C 98 17.64 -22.00 10.91
N PHE C 99 17.72 -21.72 12.21
CA PHE C 99 16.53 -21.45 13.00
C PHE C 99 16.37 -19.98 13.38
N ASN C 100 17.18 -19.13 12.76
CA ASN C 100 17.17 -17.66 12.95
C ASN C 100 15.76 -17.03 12.94
N GLU C 101 14.88 -17.59 12.10
CA GLU C 101 13.57 -17.00 11.87
C GLU C 101 12.55 -17.44 12.93
N TYR C 102 12.98 -18.26 13.90
CA TYR C 102 12.07 -18.79 14.92
C TYR C 102 12.46 -18.39 16.34
N VAL C 103 11.49 -18.37 17.24
CA VAL C 103 11.79 -18.40 18.66
C VAL C 103 11.01 -19.57 19.27
N PHE C 104 11.59 -20.13 20.33
CA PHE C 104 11.09 -21.34 20.96
C PHE C 104 10.99 -21.11 22.45
N SER C 105 9.95 -21.66 23.04
CA SER C 105 9.56 -21.33 24.38
C SER C 105 8.81 -22.48 25.06
N THR C 106 8.82 -22.50 26.38
CA THR C 106 7.99 -23.43 27.11
C THR C 106 6.75 -22.69 27.55
N ASP C 107 6.71 -21.38 27.30
CA ASP C 107 5.49 -20.61 27.49
C ASP C 107 4.87 -20.98 28.82
N MET C 108 5.62 -20.79 29.91
CA MET C 108 5.17 -21.20 31.22
C MET C 108 3.87 -20.51 31.58
N GLN C 109 3.01 -21.28 32.22
CA GLN C 109 1.75 -20.81 32.75
C GLN C 109 1.81 -20.90 34.27
N GLU C 110 0.78 -20.35 34.90
CA GLU C 110 0.45 -20.54 36.31
C GLU C 110 0.75 -21.94 36.86
N SER C 111 0.23 -22.96 36.21
CA SER C 111 0.38 -24.33 36.68
C SER C 111 1.86 -24.72 36.72
N ASP C 112 2.67 -24.06 35.90
CA ASP C 112 4.09 -24.39 35.83
C ASP C 112 4.85 -23.71 36.96
N ILE C 113 4.50 -22.46 37.25
CA ILE C 113 5.02 -21.81 38.44
C ILE C 113 4.65 -22.62 39.68
N VAL C 114 3.46 -23.22 39.68
CA VAL C 114 2.94 -23.87 40.89
C VAL C 114 3.47 -25.30 41.09
N PHE C 115 3.25 -26.19 40.13
CA PHE C 115 3.75 -27.56 40.27
C PHE C 115 5.12 -27.72 39.57
N GLY C 116 5.78 -26.63 39.24
CA GLY C 116 7.04 -26.71 38.51
C GLY C 116 6.88 -26.98 37.02
N GLY C 117 7.95 -26.78 36.26
CA GLY C 117 7.84 -26.79 34.81
C GLY C 117 8.78 -27.75 34.10
N VAL C 118 9.41 -28.63 34.87
CA VAL C 118 10.40 -29.53 34.31
C VAL C 118 9.76 -30.50 33.34
N ASN C 119 8.50 -30.86 33.58
CA ASN C 119 7.78 -31.76 32.68
C ASN C 119 7.51 -31.16 31.28
N LYS C 120 7.04 -29.90 31.25
CA LYS C 120 6.77 -29.20 29.98
C LYS C 120 8.07 -28.95 29.26
N LEU C 121 9.10 -28.61 30.04
CA LEU C 121 10.44 -28.43 29.48
C LEU C 121 10.89 -29.70 28.79
N LYS C 122 10.74 -30.82 29.48
CA LYS C 122 11.14 -32.11 28.93
C LYS C 122 10.44 -32.36 27.62
N ASP C 123 9.12 -32.17 27.61
CA ASP C 123 8.31 -32.44 26.42
C ASP C 123 8.67 -31.46 25.30
N ALA C 124 8.98 -30.22 25.67
CA ALA C 124 9.40 -29.24 24.66
C ALA C 124 10.71 -29.72 24.02
N ILE C 125 11.65 -30.13 24.85
CA ILE C 125 12.90 -30.62 24.30
C ILE C 125 12.62 -31.76 23.33
N HIS C 126 11.81 -32.73 23.75
CA HIS C 126 11.48 -33.84 22.87
C HIS C 126 10.73 -33.37 21.62
N GLU C 127 9.69 -32.56 21.80
CA GLU C 127 8.98 -32.01 20.65
C GLU C 127 9.95 -31.36 19.69
N ALA C 128 10.84 -30.50 20.21
CA ALA C 128 11.79 -29.83 19.34
C ALA C 128 12.70 -30.79 18.60
N TYR C 129 13.13 -31.86 19.25
CA TYR C 129 14.07 -32.79 18.62
C TYR C 129 13.43 -33.58 17.47
N GLU C 130 12.29 -34.18 17.71
CA GLU C 130 11.65 -34.97 16.66
C GLU C 130 11.31 -34.06 15.49
N MET C 131 10.80 -32.88 15.78
CA MET C 131 10.36 -31.99 14.71
C MET C 131 11.52 -31.45 13.91
N PHE C 132 12.62 -31.12 14.58
CA PHE C 132 13.72 -30.42 13.88
C PHE C 132 15.04 -31.18 13.73
N HIS C 133 15.31 -32.12 14.65
CA HIS C 133 16.56 -32.87 14.61
C HIS C 133 17.77 -31.98 14.37
N PRO C 134 17.96 -31.00 15.27
CA PRO C 134 19.05 -30.03 15.20
C PRO C 134 20.38 -30.63 15.62
N ALA C 135 21.47 -29.91 15.38
CA ALA C 135 22.78 -30.32 15.88
C ALA C 135 22.81 -30.39 17.40
N ALA C 136 21.96 -29.60 18.03
CA ALA C 136 21.96 -29.47 19.48
C ALA C 136 20.79 -28.66 19.95
N ILE C 137 20.46 -28.81 21.22
CA ILE C 137 19.44 -27.99 21.82
C ILE C 137 20.02 -27.25 23.02
N GLY C 138 19.63 -25.98 23.18
CA GLY C 138 19.95 -25.20 24.38
C GLY C 138 18.69 -24.89 25.17
N VAL C 139 18.83 -24.81 26.49
CA VAL C 139 17.74 -24.49 27.40
C VAL C 139 18.15 -23.35 28.30
N TYR C 140 17.32 -22.30 28.36
CA TYR C 140 17.69 -21.04 29.01
C TYR C 140 16.72 -20.63 30.10
N ALA C 141 17.23 -20.48 31.32
CA ALA C 141 16.38 -20.10 32.44
C ALA C 141 16.06 -18.63 32.38
N THR C 142 15.00 -18.25 33.08
CA THR C 142 14.52 -16.90 33.17
C THR C 142 14.12 -16.65 34.61
N CYS C 143 13.75 -15.42 34.91
CA CYS C 143 13.55 -14.98 36.28
C CYS C 143 12.89 -16.05 37.18
N PRO C 144 11.64 -16.43 36.91
CA PRO C 144 10.93 -17.34 37.82
C PRO C 144 11.49 -18.77 37.91
N VAL C 145 12.27 -19.20 36.91
CA VAL C 145 12.81 -20.57 36.88
C VAL C 145 13.68 -20.86 38.10
N GLY C 146 14.47 -19.88 38.49
CA GLY C 146 15.34 -20.02 39.65
C GLY C 146 14.55 -20.05 40.94
N LEU C 147 13.51 -19.24 41.02
CA LEU C 147 12.76 -19.10 42.25
C LEU C 147 11.97 -20.37 42.58
N ILE C 148 11.28 -20.91 41.58
CA ILE C 148 10.45 -22.09 41.77
C ILE C 148 11.27 -23.36 41.86
N GLY C 149 12.54 -23.30 41.47
CA GLY C 149 13.45 -24.43 41.70
C GLY C 149 13.50 -25.53 40.65
N ASP C 150 12.95 -25.30 39.47
CA ASP C 150 13.15 -26.21 38.35
C ASP C 150 14.63 -26.48 38.19
N ASP C 151 15.01 -27.75 38.13
CA ASP C 151 16.40 -28.13 37.94
C ASP C 151 16.58 -28.44 36.45
N ILE C 152 17.07 -27.45 35.70
CA ILE C 152 17.14 -27.57 34.24
C ILE C 152 18.38 -28.33 33.74
N LEU C 153 19.45 -28.34 34.54
CA LEU C 153 20.62 -29.11 34.15
C LEU C 153 20.23 -30.58 34.10
N ALA C 154 19.43 -31.02 35.08
CA ALA C 154 19.00 -32.41 35.18
C ALA C 154 18.12 -32.82 33.99
N VAL C 155 17.17 -31.96 33.66
CA VAL C 155 16.24 -32.25 32.57
C VAL C 155 17.01 -32.42 31.28
N ALA C 156 17.94 -31.50 31.06
CA ALA C 156 18.72 -31.49 29.84
C ALA C 156 19.60 -32.72 29.71
N ALA C 157 20.16 -33.16 30.84
CA ALA C 157 20.98 -34.37 30.84
C ALA C 157 20.14 -35.59 30.47
N THR C 158 19.02 -35.76 31.17
CA THR C 158 18.13 -36.89 30.91
C THR C 158 17.77 -36.95 29.41
N ALA C 159 17.34 -35.83 28.86
CA ALA C 159 16.82 -35.83 27.51
C ALA C 159 17.92 -36.03 26.50
N SER C 160 19.10 -35.47 26.81
CA SER C 160 20.24 -35.60 25.92
C SER C 160 20.62 -37.05 25.78
N LYS C 161 20.35 -37.80 26.85
CA LYS C 161 20.66 -39.23 26.94
C LYS C 161 19.73 -39.97 25.97
N GLU C 162 18.43 -39.72 26.13
CA GLU C 162 17.40 -40.35 25.31
C GLU C 162 17.49 -40.00 23.83
N ILE C 163 17.78 -38.74 23.49
CA ILE C 163 17.65 -38.31 22.08
C ILE C 163 18.95 -38.45 21.29
N GLY C 164 20.08 -38.50 21.98
CA GLY C 164 21.34 -38.76 21.29
C GLY C 164 22.01 -37.52 20.73
N ILE C 165 21.63 -36.37 21.25
CA ILE C 165 22.36 -35.14 20.89
C ILE C 165 22.60 -34.28 22.13
N PRO C 166 23.55 -33.34 22.02
CA PRO C 166 23.76 -32.49 23.19
C PRO C 166 22.55 -31.62 23.52
N VAL C 167 22.28 -31.47 24.81
CA VAL C 167 21.34 -30.48 25.31
C VAL C 167 22.05 -29.64 26.36
N HIS C 168 22.23 -28.36 26.05
CA HIS C 168 22.98 -27.46 26.92
C HIS C 168 22.08 -26.57 27.75
N ALA C 169 22.17 -26.73 29.07
CA ALA C 169 21.36 -25.92 29.97
C ALA C 169 22.15 -24.69 30.43
N PHE C 170 21.48 -23.55 30.54
CA PHE C 170 22.10 -22.29 30.97
C PHE C 170 21.29 -21.65 32.09
N SER C 171 21.92 -21.42 33.24
CA SER C 171 21.21 -20.81 34.35
C SER C 171 21.40 -19.29 34.32
N CYS C 172 20.74 -18.64 33.36
CA CYS C 172 20.89 -17.22 33.09
C CYS C 172 19.64 -16.39 33.48
N GLU C 173 19.03 -16.76 34.62
CA GLU C 173 17.94 -16.01 35.18
C GLU C 173 18.26 -14.53 35.07
N GLY C 174 17.24 -13.71 34.79
CA GLY C 174 17.45 -12.33 34.46
C GLY C 174 18.06 -11.53 35.58
N TYR C 175 17.83 -11.98 36.82
CA TYR C 175 18.24 -11.20 37.98
C TYR C 175 19.71 -11.43 38.38
N LYS C 176 20.41 -12.31 37.68
CA LYS C 176 21.77 -12.62 38.06
C LYS C 176 22.67 -11.49 37.61
N GLY C 177 23.64 -11.16 38.45
CA GLY C 177 24.57 -10.10 38.10
C GLY C 177 23.76 -8.83 38.11
N VAL C 178 24.17 -7.87 37.30
CA VAL C 178 23.59 -6.53 37.34
C VAL C 178 23.18 -6.02 35.95
N SER C 179 23.31 -6.90 34.94
CA SER C 179 23.29 -6.52 33.53
C SER C 179 23.46 -7.74 32.61
N GLN C 180 23.44 -7.48 31.30
CA GLN C 180 23.77 -8.47 30.28
C GLN C 180 25.11 -9.17 30.51
N SER C 181 26.04 -8.53 31.21
CA SER C 181 27.41 -9.08 31.31
C SER C 181 27.44 -10.47 31.93
N ALA C 182 26.69 -10.63 33.02
CA ALA C 182 26.60 -11.92 33.72
C ALA C 182 26.21 -13.01 32.75
N GLY C 183 25.27 -12.68 31.86
CA GLY C 183 24.85 -13.60 30.81
C GLY C 183 25.99 -14.03 29.90
N HIS C 184 26.85 -13.10 29.51
CA HIS C 184 28.02 -13.48 28.71
C HIS C 184 28.83 -14.52 29.44
N HIS C 185 29.09 -14.25 30.71
CA HIS C 185 29.99 -15.10 31.48
C HIS C 185 29.39 -16.49 31.56
N ILE C 186 28.14 -16.55 31.98
CA ILE C 186 27.39 -17.81 32.07
C ILE C 186 27.46 -18.59 30.74
N ALA C 187 27.24 -17.91 29.62
CA ALA C 187 27.34 -18.58 28.32
C ALA C 187 28.75 -19.11 28.04
N ASN C 188 29.77 -18.28 28.24
CA ASN C 188 31.14 -18.68 27.98
C ASN C 188 31.51 -19.93 28.78
N ASN C 189 31.07 -19.98 30.04
CA ASN C 189 31.40 -21.12 30.89
C ASN C 189 31.01 -22.44 30.21
N THR C 190 29.74 -22.57 29.84
CA THR C 190 29.25 -23.82 29.27
C THR C 190 29.75 -24.11 27.88
N VAL C 191 29.89 -23.08 27.05
CA VAL C 191 30.49 -23.21 25.74
C VAL C 191 31.91 -23.78 25.84
N MET C 192 32.71 -23.24 26.76
CA MET C 192 34.09 -23.73 26.94
C MET C 192 34.12 -25.23 27.28
N THR C 193 33.45 -25.60 28.34
CA THR C 193 33.60 -26.95 28.87
C THR C 193 32.87 -27.97 28.02
N ASP C 194 31.67 -27.65 27.56
CA ASP C 194 30.82 -28.66 26.94
C ASP C 194 30.76 -28.63 25.43
N ILE C 195 31.37 -27.62 24.81
CA ILE C 195 31.30 -27.52 23.35
C ILE C 195 32.67 -27.49 22.74
N ILE C 196 33.46 -26.47 23.10
CA ILE C 196 34.77 -26.28 22.48
C ILE C 196 35.66 -27.49 22.71
N GLY C 197 36.44 -27.87 21.70
CA GLY C 197 37.32 -29.05 21.76
C GLY C 197 36.66 -30.40 21.53
N LYS C 198 35.33 -30.44 21.48
CA LYS C 198 34.60 -31.69 21.30
C LYS C 198 34.54 -32.15 19.83
N GLY C 199 35.11 -31.38 18.92
CA GLY C 199 35.02 -31.69 17.49
C GLY C 199 36.10 -32.67 17.09
N ASN C 200 36.15 -33.02 15.81
CA ASN C 200 37.11 -34.02 15.35
C ASN C 200 37.71 -33.73 14.00
N LYS C 201 37.73 -32.46 13.60
CA LYS C 201 38.27 -32.11 12.30
C LYS C 201 39.73 -31.75 12.43
N GLU C 202 40.49 -31.96 11.37
CA GLU C 202 41.93 -31.74 11.39
C GLU C 202 42.21 -30.28 11.13
N GLN C 203 43.04 -29.68 11.96
CA GLN C 203 43.36 -28.26 11.85
C GLN C 203 44.02 -28.00 10.52
N LYS C 204 43.69 -26.87 9.91
CA LYS C 204 44.27 -26.46 8.66
C LYS C 204 45.27 -25.38 8.93
N LYS C 205 46.04 -25.04 7.90
CA LYS C 205 47.07 -24.01 7.94
C LYS C 205 46.47 -22.59 8.10
N TYR C 206 47.27 -21.68 8.65
CA TYR C 206 46.88 -20.29 8.88
C TYR C 206 45.45 -20.19 9.40
N SER C 207 45.17 -20.95 10.45
CA SER C 207 43.85 -21.05 11.02
C SER C 207 43.65 -19.99 12.12
N ILE C 208 42.63 -19.15 11.95
CA ILE C 208 42.26 -18.16 12.95
C ILE C 208 40.80 -18.30 13.32
N ASN C 209 40.46 -17.80 14.51
CA ASN C 209 39.08 -17.64 14.97
C ASN C 209 38.79 -16.18 15.21
N VAL C 210 37.59 -15.73 14.89
CA VAL C 210 37.12 -14.41 15.35
C VAL C 210 36.17 -14.60 16.52
N LEU C 211 36.62 -14.20 17.70
CA LEU C 211 35.88 -14.37 18.94
C LEU C 211 35.13 -13.10 19.31
N GLY C 212 33.87 -13.27 19.72
CA GLY C 212 33.03 -12.12 20.05
C GLY C 212 32.70 -11.35 18.79
N GLU C 213 32.16 -12.05 17.81
CA GLU C 213 31.65 -11.39 16.62
C GLU C 213 30.38 -12.12 16.27
N TYR C 214 29.30 -11.36 16.10
CA TYR C 214 27.98 -11.94 16.02
C TYR C 214 27.26 -11.64 14.70
N ASN C 215 28.01 -11.13 13.72
CA ASN C 215 27.53 -10.95 12.36
C ASN C 215 26.30 -10.06 12.27
N ILE C 216 26.31 -8.99 13.04
CA ILE C 216 25.21 -8.03 13.01
C ILE C 216 25.23 -7.37 11.65
N GLY C 217 24.14 -7.55 10.92
CA GLY C 217 23.99 -6.96 9.58
C GLY C 217 25.09 -7.31 8.60
N GLY C 218 25.69 -8.48 8.76
CA GLY C 218 26.66 -9.00 7.80
C GLY C 218 28.10 -8.70 8.12
N ASP C 219 28.34 -8.07 9.27
CA ASP C 219 29.68 -7.62 9.67
C ASP C 219 30.73 -8.71 9.47
N ALA C 220 30.42 -9.90 9.93
CA ALA C 220 31.36 -11.02 9.99
C ALA C 220 31.68 -11.59 8.61
N TRP C 221 30.69 -11.63 7.73
CA TRP C 221 30.92 -12.08 6.37
C TRP C 221 31.85 -11.11 5.65
N GLU C 222 31.74 -9.83 5.99
CA GLU C 222 32.59 -8.83 5.38
C GLU C 222 34.05 -8.99 5.81
N MET C 223 34.31 -9.12 7.11
CA MET C 223 35.67 -9.35 7.55
C MET C 223 36.21 -10.70 7.03
N ASP C 224 35.39 -11.74 6.98
CA ASP C 224 35.81 -13.00 6.39
C ASP C 224 36.25 -12.80 4.95
N ARG C 225 35.43 -12.08 4.18
CA ARG C 225 35.70 -11.84 2.78
C ARG C 225 37.15 -11.37 2.58
N VAL C 226 37.60 -10.47 3.45
CA VAL C 226 38.93 -9.90 3.33
C VAL C 226 39.99 -10.86 3.90
N LEU C 227 39.70 -11.49 5.04
CA LEU C 227 40.61 -12.45 5.62
C LEU C 227 40.92 -13.61 4.69
N GLU C 228 39.93 -14.05 3.91
CA GLU C 228 40.08 -15.23 3.07
C GLU C 228 40.81 -14.90 1.78
N LYS C 229 40.73 -13.64 1.37
CA LYS C 229 41.53 -13.14 0.27
C LYS C 229 43.01 -13.16 0.62
N ILE C 230 43.36 -12.52 1.73
CA ILE C 230 44.72 -12.48 2.22
C ILE C 230 45.25 -13.91 2.29
N GLY C 231 44.44 -14.82 2.82
CA GLY C 231 44.78 -16.24 2.77
C GLY C 231 44.55 -17.05 4.02
N TYR C 232 43.95 -16.45 5.05
CA TYR C 232 43.68 -17.16 6.29
C TYR C 232 42.59 -18.20 6.11
N HIS C 233 42.54 -19.14 7.04
CA HIS C 233 41.41 -20.04 7.19
C HIS C 233 40.66 -19.60 8.42
N VAL C 234 39.40 -19.18 8.22
CA VAL C 234 38.57 -18.75 9.34
C VAL C 234 37.90 -19.97 9.93
N ASN C 235 38.58 -20.58 10.90
CA ASN C 235 38.14 -21.83 11.47
C ASN C 235 36.77 -21.66 12.11
N ALA C 236 36.59 -20.56 12.81
CA ALA C 236 35.33 -20.30 13.48
C ALA C 236 35.15 -18.84 13.86
N THR C 237 33.90 -18.40 13.82
CA THR C 237 33.51 -17.12 14.37
C THR C 237 32.54 -17.42 15.48
N LEU C 238 32.89 -16.99 16.68
CA LEU C 238 32.02 -17.18 17.85
C LEU C 238 31.26 -15.89 18.13
N THR C 239 29.98 -15.84 17.79
CA THR C 239 29.23 -16.96 17.18
C THR C 239 28.41 -16.53 15.96
N GLY C 240 28.83 -15.44 15.30
CA GLY C 240 28.12 -14.97 14.10
C GLY C 240 28.13 -15.98 12.96
N ASP C 241 26.93 -16.36 12.54
CA ASP C 241 26.70 -17.33 11.48
C ASP C 241 27.36 -18.69 11.72
N ALA C 242 27.49 -19.05 12.99
CA ALA C 242 28.23 -20.25 13.40
C ALA C 242 27.37 -21.50 13.32
N THR C 243 27.96 -22.60 12.87
CA THR C 243 27.38 -23.93 13.14
C THR C 243 27.83 -24.46 14.51
N TYR C 244 27.02 -25.34 15.10
CA TYR C 244 27.40 -26.00 16.34
C TYR C 244 28.79 -26.67 16.23
N GLU C 245 28.93 -27.46 15.17
CA GLU C 245 30.16 -28.18 14.86
C GLU C 245 31.39 -27.30 14.80
N LYS C 246 31.28 -26.12 14.19
CA LYS C 246 32.44 -25.26 14.11
C LYS C 246 32.82 -24.68 15.48
N VAL C 247 31.85 -24.40 16.33
CA VAL C 247 32.17 -24.01 17.70
C VAL C 247 32.86 -25.19 18.41
N GLN C 248 32.38 -26.42 18.20
CA GLN C 248 33.03 -27.60 18.77
C GLN C 248 34.49 -27.66 18.34
N ASN C 249 34.74 -27.36 17.08
CA ASN C 249 36.08 -27.40 16.52
C ASN C 249 36.89 -26.14 16.75
N ALA C 250 36.45 -25.32 17.71
CA ALA C 250 37.07 -24.01 17.95
C ALA C 250 38.59 -24.08 18.25
N ASP C 251 39.04 -25.20 18.82
CA ASP C 251 40.46 -25.40 19.19
C ASP C 251 41.39 -25.57 17.99
N LYS C 252 40.82 -25.81 16.81
CA LYS C 252 41.59 -26.05 15.63
C LYS C 252 42.04 -24.74 14.99
N ALA C 253 42.72 -23.90 15.76
CA ALA C 253 43.28 -22.66 15.22
C ALA C 253 44.58 -22.28 15.94
N ASP C 254 45.38 -21.44 15.29
CA ASP C 254 46.65 -20.95 15.81
C ASP C 254 46.57 -19.55 16.42
N LEU C 255 45.44 -18.86 16.24
CA LEU C 255 45.29 -17.49 16.75
C LEU C 255 43.82 -17.10 16.91
N ASN C 256 43.46 -16.62 18.10
CA ASN C 256 42.13 -16.11 18.38
C ASN C 256 42.14 -14.59 18.26
N LEU C 257 41.17 -14.04 17.55
CA LEU C 257 41.01 -12.60 17.46
C LEU C 257 39.81 -12.20 18.31
N VAL C 258 39.97 -11.19 19.15
CA VAL C 258 38.92 -10.80 20.09
C VAL C 258 38.40 -9.43 19.66
N GLN C 259 37.22 -9.44 19.03
CA GLN C 259 36.57 -8.20 18.59
C GLN C 259 35.86 -7.55 19.80
N CYS C 260 34.86 -8.22 20.34
CA CYS C 260 34.21 -7.77 21.56
C CYS C 260 34.87 -8.38 22.76
N HIS C 261 35.61 -7.58 23.49
CA HIS C 261 36.38 -8.10 24.62
C HIS C 261 35.48 -8.54 25.76
N ARG C 262 34.52 -7.67 26.09
CA ARG C 262 33.65 -7.91 27.21
C ARG C 262 32.95 -9.24 27.13
N SER C 263 32.40 -9.60 25.95
CA SER C 263 31.58 -10.81 25.86
C SER C 263 32.36 -12.10 25.80
N ILE C 264 33.55 -12.06 25.20
CA ILE C 264 34.25 -13.30 24.85
C ILE C 264 35.62 -13.49 25.53
N ASN C 265 36.07 -12.51 26.33
CA ASN C 265 37.41 -12.60 26.90
C ASN C 265 37.58 -13.84 27.79
N TYR C 266 36.51 -14.29 28.43
CA TYR C 266 36.61 -15.47 29.27
C TYR C 266 37.14 -16.65 28.47
N ILE C 267 36.52 -16.90 27.33
CA ILE C 267 36.87 -18.04 26.50
C ILE C 267 38.26 -17.81 25.91
N ALA C 268 38.62 -16.56 25.66
CA ALA C 268 39.93 -16.30 25.11
C ALA C 268 41.02 -16.66 26.13
N GLU C 269 40.76 -16.35 27.40
CA GLU C 269 41.70 -16.68 28.46
C GLU C 269 41.77 -18.19 28.61
N MET C 270 40.62 -18.82 28.65
CA MET C 270 40.56 -20.25 28.88
C MET C 270 41.12 -21.09 27.73
N MET C 271 40.92 -20.66 26.49
CA MET C 271 41.49 -21.36 25.34
C MET C 271 43.02 -21.32 25.36
N GLU C 272 43.61 -20.18 25.71
CA GLU C 272 45.06 -20.07 25.82
C GLU C 272 45.60 -20.96 26.94
N THR C 273 44.90 -20.97 28.07
CA THR C 273 45.28 -21.81 29.19
C THR C 273 45.20 -23.28 28.79
N LYS C 274 44.04 -23.69 28.30
CA LYS C 274 43.81 -25.09 28.01
C LYS C 274 44.56 -25.60 26.77
N TYR C 275 44.61 -24.81 25.72
CA TYR C 275 45.12 -25.30 24.43
C TYR C 275 46.38 -24.59 24.00
N GLY C 276 46.73 -23.51 24.68
CA GLY C 276 47.95 -22.77 24.34
C GLY C 276 47.75 -21.76 23.23
N ILE C 277 46.51 -21.64 22.77
CA ILE C 277 46.19 -20.72 21.67
C ILE C 277 46.28 -19.28 22.16
N PRO C 278 47.14 -18.47 21.53
CA PRO C 278 47.19 -17.10 22.02
C PRO C 278 46.08 -16.31 21.37
N TRP C 279 45.84 -15.10 21.85
CA TRP C 279 44.94 -14.17 21.19
C TRP C 279 45.46 -12.76 21.17
N ILE C 280 44.88 -11.97 20.27
CA ILE C 280 45.14 -10.55 20.20
C ILE C 280 43.79 -9.86 20.16
N LYS C 281 43.73 -8.64 20.69
CA LYS C 281 42.62 -7.76 20.43
C LYS C 281 42.63 -7.45 18.93
N CYS C 282 41.43 -7.44 18.33
CA CYS C 282 41.28 -6.98 16.97
C CYS C 282 40.22 -5.89 16.90
N ASN C 283 40.30 -5.06 15.87
CA ASN C 283 39.19 -4.16 15.59
C ASN C 283 38.98 -4.04 14.08
N PHE C 284 38.02 -4.80 13.57
CA PHE C 284 37.65 -4.76 12.17
C PHE C 284 36.66 -3.63 11.85
N ILE C 285 36.54 -2.66 12.76
CA ILE C 285 35.78 -1.42 12.51
C ILE C 285 36.65 -0.17 12.32
N GLY C 286 36.49 0.45 11.15
CA GLY C 286 37.24 1.66 10.80
C GLY C 286 38.49 1.27 10.05
N VAL C 287 38.89 2.05 9.07
CA VAL C 287 40.04 1.69 8.23
C VAL C 287 41.27 1.45 9.11
N ASP C 288 41.57 2.41 9.97
CA ASP C 288 42.75 2.32 10.84
C ASP C 288 42.68 1.08 11.73
N GLY C 289 41.50 0.82 12.28
CA GLY C 289 41.31 -0.35 13.10
C GLY C 289 41.64 -1.59 12.30
N ILE C 290 41.11 -1.65 11.07
CA ILE C 290 41.23 -2.85 10.25
C ILE C 290 42.67 -3.08 9.78
N VAL C 291 43.33 -2.02 9.34
CA VAL C 291 44.68 -2.12 8.84
C VAL C 291 45.61 -2.62 9.93
N GLU C 292 45.48 -2.02 11.11
CA GLU C 292 46.32 -2.38 12.26
C GLU C 292 46.10 -3.82 12.64
N THR C 293 44.83 -4.22 12.72
CA THR C 293 44.52 -5.61 13.00
C THR C 293 45.16 -6.57 12.00
N LEU C 294 45.04 -6.29 10.70
CA LEU C 294 45.58 -7.18 9.68
C LEU C 294 47.10 -7.29 9.78
N ARG C 295 47.74 -6.17 10.06
CA ARG C 295 49.19 -6.14 10.24
C ARG C 295 49.63 -6.91 11.51
N ASP C 296 48.85 -6.83 12.59
CA ASP C 296 49.14 -7.60 13.80
C ASP C 296 49.07 -9.09 13.54
N MET C 297 48.03 -9.50 12.83
CA MET C 297 47.89 -10.91 12.48
C MET C 297 49.06 -11.40 11.62
N ALA C 298 49.58 -10.52 10.77
CA ALA C 298 50.69 -10.85 9.88
C ALA C 298 51.99 -11.07 10.65
N LYS C 299 52.19 -10.27 11.70
CA LYS C 299 53.36 -10.41 12.55
C LYS C 299 53.30 -11.69 13.37
N CYS C 300 52.13 -11.98 13.92
CA CYS C 300 51.98 -13.20 14.71
C CYS C 300 52.26 -14.47 13.91
N PHE C 301 52.03 -14.41 12.59
CA PHE C 301 52.20 -15.58 11.72
C PHE C 301 53.54 -15.52 10.98
N ASP C 302 54.04 -14.30 10.79
CA ASP C 302 55.34 -14.04 10.15
C ASP C 302 55.41 -14.42 8.68
N ASP C 303 54.90 -15.61 8.32
CA ASP C 303 54.92 -16.04 6.93
C ASP C 303 54.87 -14.82 5.99
N PRO C 304 55.90 -14.68 5.13
CA PRO C 304 56.07 -13.48 4.31
C PRO C 304 55.18 -13.41 3.07
N GLU C 305 54.46 -14.48 2.74
CA GLU C 305 53.47 -14.43 1.66
C GLU C 305 52.19 -13.84 2.21
N LEU C 306 51.76 -14.38 3.35
CA LEU C 306 50.69 -13.77 4.14
C LEU C 306 50.97 -12.30 4.28
N THR C 307 52.20 -11.97 4.62
CA THR C 307 52.58 -10.58 4.82
C THR C 307 52.43 -9.77 3.53
N LYS C 308 52.76 -10.40 2.40
CA LYS C 308 52.68 -9.71 1.11
C LYS C 308 51.24 -9.56 0.62
N ARG C 309 50.49 -10.66 0.61
CA ARG C 309 49.05 -10.61 0.31
C ARG C 309 48.35 -9.62 1.25
N THR C 310 48.76 -9.60 2.51
CA THR C 310 48.19 -8.67 3.47
C THR C 310 48.24 -7.25 2.94
N GLU C 311 49.39 -6.81 2.49
CA GLU C 311 49.56 -5.45 2.02
C GLU C 311 48.99 -5.24 0.64
N GLU C 312 48.95 -6.30 -0.14
CA GLU C 312 48.32 -6.25 -1.47
C GLU C 312 46.82 -6.03 -1.32
N VAL C 313 46.19 -6.81 -0.43
CA VAL C 313 44.74 -6.75 -0.21
C VAL C 313 44.30 -5.46 0.45
N ILE C 314 45.08 -4.97 1.42
CA ILE C 314 44.85 -3.67 2.04
C ILE C 314 44.93 -2.54 1.02
N ALA C 315 45.90 -2.63 0.13
CA ALA C 315 46.13 -1.60 -0.88
C ALA C 315 44.93 -1.47 -1.80
N GLU C 316 44.52 -2.58 -2.39
CA GLU C 316 43.36 -2.59 -3.30
C GLU C 316 42.07 -2.18 -2.58
N GLU C 317 41.84 -2.70 -1.37
CA GLU C 317 40.60 -2.38 -0.67
C GLU C 317 40.51 -0.88 -0.43
N ILE C 318 41.58 -0.28 0.09
CA ILE C 318 41.56 1.16 0.36
C ILE C 318 41.47 1.97 -0.92
N ALA C 319 42.08 1.46 -1.98
CA ALA C 319 42.01 2.08 -3.28
C ALA C 319 40.53 2.24 -3.67
N ALA C 320 39.82 1.11 -3.67
CA ALA C 320 38.41 1.06 -4.06
C ALA C 320 37.48 2.10 -3.36
N ILE C 321 37.84 2.56 -2.16
CA ILE C 321 36.92 3.38 -1.36
C ILE C 321 37.44 4.75 -0.92
N GLN C 322 38.65 5.12 -1.31
CA GLN C 322 39.24 6.38 -0.83
C GLN C 322 38.40 7.62 -1.20
N ASP C 323 37.73 7.59 -2.35
CA ASP C 323 36.88 8.70 -2.75
C ASP C 323 35.72 8.89 -1.77
N ASP C 324 35.07 7.79 -1.40
CA ASP C 324 34.03 7.84 -0.37
C ASP C 324 34.63 8.41 0.92
N LEU C 325 35.78 7.88 1.30
CA LEU C 325 36.42 8.29 2.54
C LEU C 325 36.70 9.79 2.55
N ASP C 326 37.16 10.34 1.44
CA ASP C 326 37.41 11.78 1.36
C ASP C 326 36.08 12.57 1.51
N TYR C 327 35.03 12.01 0.93
CA TYR C 327 33.71 12.61 0.95
C TYR C 327 33.24 12.66 2.39
N PHE C 328 33.34 11.54 3.09
CA PHE C 328 32.91 11.54 4.48
C PHE C 328 33.58 12.68 5.25
N LYS C 329 34.90 12.81 5.05
CA LYS C 329 35.67 13.81 5.79
C LYS C 329 35.29 15.21 5.34
N GLU C 330 35.14 15.44 4.03
CA GLU C 330 34.65 16.75 3.56
C GLU C 330 33.31 17.14 4.19
N LYS C 331 32.41 16.17 4.38
CA LYS C 331 31.05 16.50 4.81
C LYS C 331 30.88 16.49 6.33
N LEU C 332 31.85 15.91 7.05
CA LEU C 332 31.70 15.77 8.50
C LEU C 332 32.73 16.53 9.33
N GLN C 333 33.75 17.07 8.67
CA GLN C 333 34.88 17.71 9.36
C GLN C 333 34.40 18.69 10.42
N GLY C 334 34.89 18.50 11.66
CA GLY C 334 34.61 19.44 12.74
C GLY C 334 33.40 19.09 13.58
N LYS C 335 32.57 18.19 13.09
CA LYS C 335 31.37 17.85 13.83
C LYS C 335 31.73 17.05 15.08
N THR C 336 30.84 17.10 16.06
CA THR C 336 31.09 16.42 17.33
C THR C 336 30.11 15.28 17.60
N ALA C 337 30.60 14.26 18.28
CA ALA C 337 29.81 13.04 18.56
C ALA C 337 29.82 12.67 20.05
N CYS C 338 28.78 11.98 20.47
CA CYS C 338 28.77 11.17 21.69
C CYS C 338 28.46 9.72 21.33
N LEU C 339 29.08 8.80 22.07
CA LEU C 339 28.88 7.38 21.87
C LEU C 339 28.47 6.69 23.18
N TYR C 340 27.34 5.99 23.14
CA TYR C 340 26.92 5.16 24.26
C TYR C 340 26.31 3.88 23.71
N VAL C 341 27.10 2.83 23.67
CA VAL C 341 26.69 1.52 23.15
C VAL C 341 27.01 0.48 24.23
N GLY C 342 26.63 -0.77 24.00
CA GLY C 342 26.75 -1.80 25.01
C GLY C 342 28.08 -1.82 25.73
N GLY C 343 28.94 -2.74 25.33
CA GLY C 343 30.15 -2.98 26.11
C GLY C 343 31.40 -3.05 25.28
N SER C 344 31.31 -2.55 24.05
CA SER C 344 32.42 -2.65 23.11
C SER C 344 32.41 -1.55 22.06
N ARG C 345 31.24 -1.25 21.50
CA ARG C 345 31.19 -0.44 20.28
C ARG C 345 31.42 1.03 20.54
N SER C 346 31.24 1.46 21.77
CA SER C 346 31.56 2.84 22.16
C SER C 346 33.05 3.13 21.90
N HIS C 347 33.85 2.09 21.96
CA HIS C 347 35.28 2.25 21.74
C HIS C 347 35.67 1.90 20.31
N THR C 348 35.16 0.79 19.78
CA THR C 348 35.64 0.33 18.49
C THR C 348 35.27 1.23 17.30
N TYR C 349 34.28 2.12 17.48
CA TYR C 349 33.82 3.05 16.39
C TYR C 349 34.58 4.39 16.37
N MET C 350 35.36 4.62 17.42
CA MET C 350 36.12 5.86 17.54
C MET C 350 37.15 6.11 16.42
N ASN C 351 37.89 5.09 15.99
CA ASN C 351 38.89 5.34 14.95
C ASN C 351 38.20 5.81 13.66
N MET C 352 37.03 5.24 13.38
CA MET C 352 36.32 5.60 12.16
C MET C 352 35.86 7.05 12.21
N LEU C 353 35.25 7.47 13.31
CA LEU C 353 34.80 8.85 13.41
C LEU C 353 35.97 9.82 13.37
N LYS C 354 37.12 9.41 13.93
CA LYS C 354 38.26 10.31 13.93
C LYS C 354 38.75 10.51 12.49
N SER C 355 38.80 9.41 11.74
CA SER C 355 39.16 9.47 10.34
C SER C 355 38.21 10.33 9.52
N PHE C 356 36.93 10.35 9.90
CA PHE C 356 35.96 11.25 9.27
C PHE C 356 36.11 12.68 9.69
N GLY C 357 36.93 12.96 10.69
CA GLY C 357 37.10 14.33 11.19
C GLY C 357 36.14 14.70 12.31
N VAL C 358 35.52 13.70 12.91
CA VAL C 358 34.57 13.95 13.99
C VAL C 358 35.25 13.83 15.36
N ASP C 359 34.94 14.77 16.24
CA ASP C 359 35.46 14.77 17.61
C ASP C 359 34.48 14.14 18.60
N SER C 360 34.86 13.02 19.19
CA SER C 360 33.99 12.34 20.15
C SER C 360 34.19 12.96 21.54
N LEU C 361 33.20 13.70 22.02
CA LEU C 361 33.31 14.45 23.25
C LEU C 361 32.98 13.57 24.47
N VAL C 362 32.01 12.66 24.29
CA VAL C 362 31.52 11.79 25.36
C VAL C 362 31.51 10.32 24.94
N ALA C 363 31.94 9.45 25.86
CA ALA C 363 31.78 8.02 25.67
C ALA C 363 31.40 7.30 26.96
N GLY C 364 30.71 6.17 26.80
CA GLY C 364 30.33 5.32 27.93
C GLY C 364 29.92 3.92 27.48
N PHE C 365 30.03 2.95 28.40
CA PHE C 365 29.46 1.62 28.22
C PHE C 365 28.25 1.40 29.16
N GLU C 366 27.28 0.58 28.73
CA GLU C 366 26.16 0.22 29.61
C GLU C 366 26.57 -0.73 30.74
N PHE C 367 27.44 -1.68 30.43
CA PHE C 367 27.68 -2.83 31.32
C PHE C 367 29.09 -3.37 31.21
N ALA C 368 29.99 -2.60 30.63
CA ALA C 368 31.37 -3.02 30.56
C ALA C 368 31.97 -2.92 31.95
N HIS C 369 33.11 -3.57 32.14
CA HIS C 369 33.80 -3.62 33.43
C HIS C 369 35.01 -2.68 33.38
N ARG C 370 35.63 -2.42 34.53
CA ARG C 370 36.79 -1.52 34.57
C ARG C 370 37.87 -1.85 33.52
N ASP C 371 38.10 -3.13 33.23
CA ASP C 371 39.13 -3.50 32.26
C ASP C 371 38.83 -3.00 30.83
N ASP C 372 37.54 -2.84 30.50
CA ASP C 372 37.19 -2.33 29.18
C ASP C 372 37.42 -0.82 29.17
N TYR C 373 37.21 -0.18 30.31
CA TYR C 373 37.43 1.26 30.39
C TYR C 373 38.94 1.55 30.54
N GLU C 374 39.57 0.84 31.47
CA GLU C 374 40.92 1.17 31.92
C GLU C 374 42.02 0.28 31.34
N GLY C 375 41.64 -0.85 30.78
CA GLY C 375 42.61 -1.79 30.23
C GLY C 375 42.75 -2.98 31.14
N ARG C 376 43.21 -4.08 30.58
CA ARG C 376 43.25 -5.34 31.31
C ARG C 376 44.27 -5.34 32.46
N GLU C 377 45.16 -4.35 32.48
CA GLU C 377 46.18 -4.26 33.51
C GLU C 377 45.56 -4.11 34.88
N VAL C 378 44.35 -3.54 34.96
CA VAL C 378 43.72 -3.26 36.27
C VAL C 378 43.00 -4.46 36.87
N ILE C 379 42.96 -5.57 36.14
CA ILE C 379 42.15 -6.71 36.53
C ILE C 379 42.51 -7.21 37.93
N PRO C 380 43.80 -7.21 38.27
CA PRO C 380 44.12 -7.71 39.62
C PRO C 380 43.54 -6.85 40.74
N THR C 381 43.10 -5.64 40.43
CA THR C 381 42.56 -4.73 41.43
C THR C 381 41.03 -4.71 41.49
N ILE C 382 40.36 -5.38 40.55
CA ILE C 382 38.89 -5.39 40.52
C ILE C 382 38.34 -6.26 41.66
N LYS C 383 37.42 -5.71 42.44
CA LYS C 383 36.77 -6.43 43.54
C LYS C 383 35.36 -6.86 43.13
N ILE C 384 35.14 -8.16 42.92
CA ILE C 384 33.79 -8.62 42.60
C ILE C 384 32.92 -8.17 43.76
N ASP C 385 31.76 -7.58 43.46
CA ASP C 385 30.91 -7.09 44.53
C ASP C 385 29.74 -8.04 44.76
N ALA C 386 29.00 -7.78 45.82
CA ALA C 386 27.93 -8.68 46.27
C ALA C 386 26.97 -9.08 45.15
N ASP C 387 26.81 -8.22 44.14
CA ASP C 387 25.74 -8.45 43.18
C ASP C 387 26.16 -9.37 42.05
N SER C 388 27.46 -9.64 41.97
CA SER C 388 27.96 -10.45 40.89
C SER C 388 28.81 -11.63 41.42
N LYS C 389 28.87 -11.77 42.74
CA LYS C 389 29.72 -12.80 43.33
C LYS C 389 29.20 -14.21 43.06
N ASN C 390 27.90 -14.34 42.78
CA ASN C 390 27.31 -15.64 42.50
C ASN C 390 27.41 -16.06 41.03
N ILE C 391 28.06 -15.25 40.20
CA ILE C 391 28.36 -15.67 38.83
C ILE C 391 29.49 -16.69 38.90
N PRO C 392 29.24 -17.91 38.42
CA PRO C 392 30.26 -18.94 38.57
C PRO C 392 31.54 -18.68 37.78
N GLU C 393 32.66 -18.80 38.49
CA GLU C 393 33.98 -18.86 37.90
C GLU C 393 34.34 -20.30 37.66
N ILE C 394 34.94 -20.59 36.51
CA ILE C 394 35.49 -21.91 36.26
C ILE C 394 36.98 -21.81 35.95
N THR C 395 37.68 -22.91 36.21
CA THR C 395 39.12 -23.00 35.91
C THR C 395 39.39 -24.13 34.92
N VAL C 396 40.28 -23.87 33.97
CA VAL C 396 40.72 -24.90 33.06
C VAL C 396 42.22 -25.12 33.29
N THR C 397 42.68 -26.34 33.00
CA THR C 397 44.09 -26.66 33.06
C THR C 397 44.56 -26.93 31.63
N PRO C 398 45.88 -26.87 31.38
CA PRO C 398 46.45 -27.19 30.08
C PRO C 398 46.11 -28.62 29.68
N ASP C 399 45.67 -28.84 28.46
CA ASP C 399 45.36 -30.21 28.05
C ASP C 399 46.68 -30.99 27.99
N GLU C 400 46.76 -32.05 28.81
CA GLU C 400 47.96 -32.89 28.91
C GLU C 400 48.45 -33.33 27.53
N GLN C 401 47.53 -33.69 26.64
CA GLN C 401 47.90 -34.13 25.30
C GLN C 401 47.91 -32.98 24.28
N LYS C 402 46.79 -32.25 24.17
CA LYS C 402 46.58 -31.32 23.04
C LYS C 402 47.30 -29.98 23.17
N TYR C 403 47.59 -29.57 24.41
CA TYR C 403 48.23 -28.28 24.62
C TYR C 403 49.44 -28.13 23.72
N ARG C 404 49.74 -26.90 23.31
CA ARG C 404 50.91 -26.64 22.48
C ARG C 404 51.34 -25.18 22.48
N VAL C 405 52.64 -24.97 22.36
CA VAL C 405 53.21 -23.63 22.27
C VAL C 405 53.13 -23.15 20.84
N VAL C 406 52.12 -22.32 20.54
CA VAL C 406 51.92 -21.83 19.18
C VAL C 406 52.99 -20.84 18.76
N ILE C 407 53.34 -19.93 19.67
CA ILE C 407 54.41 -18.98 19.40
C ILE C 407 55.45 -19.07 20.50
N PRO C 408 56.70 -19.39 20.13
CA PRO C 408 57.82 -19.34 21.05
C PRO C 408 57.71 -18.15 22.01
N GLU C 409 57.86 -18.41 23.30
CA GLU C 409 57.67 -17.40 24.34
C GLU C 409 58.57 -16.17 24.17
N ASP C 410 59.71 -16.33 23.50
CA ASP C 410 60.58 -15.19 23.22
C ASP C 410 59.97 -14.35 22.10
N LYS C 411 59.46 -15.02 21.06
CA LYS C 411 58.67 -14.36 20.01
C LYS C 411 57.50 -13.58 20.63
N VAL C 412 56.77 -14.23 21.52
CA VAL C 412 55.67 -13.59 22.23
C VAL C 412 56.12 -12.24 22.77
N GLU C 413 57.12 -12.27 23.64
CA GLU C 413 57.63 -11.06 24.30
C GLU C 413 58.20 -10.05 23.31
N GLU C 414 58.79 -10.55 22.22
CA GLU C 414 59.34 -9.70 21.16
C GLU C 414 58.26 -8.93 20.37
N LEU C 415 57.11 -9.56 20.16
CA LEU C 415 55.99 -8.91 19.48
C LEU C 415 55.35 -7.88 20.39
N LYS C 416 55.28 -8.19 21.68
CA LYS C 416 54.70 -7.26 22.64
C LYS C 416 55.51 -5.98 22.64
N LYS C 417 56.83 -6.12 22.47
CA LYS C 417 57.68 -4.95 22.27
C LYS C 417 57.21 -4.21 21.04
N ALA C 418 57.06 -4.95 19.94
CA ALA C 418 56.69 -4.35 18.65
C ALA C 418 55.25 -3.81 18.63
N GLY C 419 54.54 -3.93 19.74
CA GLY C 419 53.22 -3.31 19.88
C GLY C 419 52.05 -4.24 19.60
N VAL C 420 52.33 -5.52 19.38
CA VAL C 420 51.25 -6.48 19.13
C VAL C 420 50.49 -6.70 20.43
N PRO C 421 49.16 -6.49 20.42
CA PRO C 421 48.35 -6.66 21.63
C PRO C 421 48.02 -8.14 21.92
N LEU C 422 49.06 -8.91 22.24
CA LEU C 422 48.90 -10.32 22.61
C LEU C 422 48.39 -10.47 24.05
N SER C 423 47.26 -11.16 24.19
CA SER C 423 46.60 -11.33 25.47
C SER C 423 46.51 -10.01 26.22
N SER C 424 46.08 -8.96 25.54
CA SER C 424 45.88 -7.68 26.21
C SER C 424 44.88 -6.78 25.50
N TYR C 425 44.50 -5.70 26.18
CA TYR C 425 43.53 -4.74 25.67
C TYR C 425 43.66 -3.49 26.50
N GLY C 426 43.89 -2.35 25.83
CA GLY C 426 44.23 -1.10 26.52
C GLY C 426 43.07 -0.35 27.11
N GLY C 427 41.86 -0.65 26.67
CA GLY C 427 40.67 0.01 27.16
C GLY C 427 40.31 1.25 26.36
N MET C 428 39.09 1.72 26.53
CA MET C 428 38.59 2.84 25.75
C MET C 428 39.20 4.20 26.17
N MET C 429 39.49 4.38 27.45
CA MET C 429 39.98 5.68 27.94
C MET C 429 41.25 6.15 27.24
N LYS C 430 42.21 5.26 27.09
CA LYS C 430 43.49 5.60 26.48
C LYS C 430 43.29 6.22 25.11
N GLU C 431 42.31 5.71 24.36
CA GLU C 431 42.16 6.15 22.97
C GLU C 431 41.48 7.51 22.92
N MET C 432 40.83 7.90 24.01
CA MET C 432 40.09 9.15 24.04
C MET C 432 40.99 10.37 24.22
N HIS C 433 40.51 11.50 23.70
CA HIS C 433 41.22 12.77 23.75
C HIS C 433 41.12 13.37 25.14
N ASP C 434 42.08 14.22 25.47
CA ASP C 434 42.12 14.89 26.78
C ASP C 434 40.91 15.81 27.00
N GLY C 435 40.45 15.88 28.24
CA GLY C 435 39.28 16.68 28.58
C GLY C 435 37.94 16.02 28.23
N THR C 436 37.95 14.84 27.63
CA THR C 436 36.67 14.19 27.32
C THR C 436 36.13 13.48 28.54
N ILE C 437 34.89 13.01 28.43
CA ILE C 437 34.17 12.50 29.59
C ILE C 437 33.64 11.10 29.33
N LEU C 438 33.74 10.28 30.36
CA LEU C 438 33.22 8.92 30.32
C LEU C 438 32.09 8.78 31.33
N ILE C 439 31.01 8.09 30.93
CA ILE C 439 29.84 7.96 31.76
C ILE C 439 29.37 6.51 31.70
N ASP C 440 29.54 5.80 32.80
CA ASP C 440 29.16 4.39 32.88
C ASP C 440 27.68 4.28 33.30
N ASP C 441 26.93 3.42 32.62
CA ASP C 441 25.50 3.24 32.91
C ASP C 441 24.78 4.58 32.83
N MET C 442 25.15 5.38 31.82
CA MET C 442 24.47 6.63 31.54
C MET C 442 22.97 6.44 31.45
N ASN C 443 22.24 7.32 32.14
CA ASN C 443 20.80 7.23 32.23
C ASN C 443 20.19 8.45 31.56
N HIS C 444 18.87 8.53 31.59
CA HIS C 444 18.18 9.54 30.81
C HIS C 444 18.58 10.91 31.31
N HIS C 445 18.55 11.10 32.63
CA HIS C 445 19.03 12.35 33.24
C HIS C 445 20.41 12.75 32.72
N ASP C 446 21.39 11.86 32.85
CA ASP C 446 22.74 12.15 32.42
C ASP C 446 22.76 12.61 30.95
N MET C 447 22.05 11.88 30.09
CA MET C 447 22.07 12.15 28.65
C MET C 447 21.51 13.55 28.37
N GLU C 448 20.42 13.90 29.05
CA GLU C 448 19.80 15.20 28.81
C GLU C 448 20.75 16.35 29.19
N VAL C 449 21.48 16.22 30.31
CA VAL C 449 22.48 17.24 30.66
C VAL C 449 23.58 17.33 29.60
N VAL C 450 24.03 16.18 29.11
CA VAL C 450 25.11 16.16 28.10
C VAL C 450 24.62 16.89 26.85
N LEU C 451 23.43 16.54 26.37
CA LEU C 451 22.88 17.18 25.18
C LEU C 451 22.74 18.70 25.35
N GLU C 452 22.21 19.14 26.50
CA GLU C 452 22.01 20.58 26.70
C GLU C 452 23.32 21.35 26.81
N LYS C 453 24.25 20.84 27.62
CA LYS C 453 25.55 21.47 27.76
C LYS C 453 26.45 21.39 26.53
N LEU C 454 26.60 20.23 25.93
CA LEU C 454 27.62 20.04 24.86
C LEU C 454 27.08 20.26 23.45
N LYS C 455 25.77 20.13 23.29
CA LYS C 455 25.12 20.33 21.99
C LYS C 455 25.84 19.59 20.88
N PRO C 456 25.95 18.27 21.01
CA PRO C 456 26.68 17.52 20.00
C PRO C 456 25.95 17.52 18.66
N ASP C 457 26.68 17.31 17.58
CA ASP C 457 26.03 17.20 16.26
C ASP C 457 25.38 15.84 16.09
N MET C 458 25.86 14.84 16.82
CA MET C 458 25.37 13.48 16.66
C MET C 458 25.57 12.66 17.93
N PHE C 459 24.63 11.76 18.24
CA PHE C 459 24.74 10.98 19.46
C PHE C 459 24.36 9.55 19.12
N PHE C 460 25.34 8.66 19.17
CA PHE C 460 25.17 7.27 18.78
C PHE C 460 24.72 6.46 19.98
N ALA C 461 23.65 5.70 19.83
CA ALA C 461 23.23 4.87 20.94
C ALA C 461 22.34 3.77 20.43
N GLY C 462 21.19 3.63 21.06
CA GLY C 462 20.29 2.56 20.72
C GLY C 462 18.89 3.00 20.46
N ILE C 463 17.99 2.02 20.36
CA ILE C 463 16.62 2.30 19.99
C ILE C 463 15.87 3.10 21.07
N LYS C 464 16.24 2.91 22.33
CA LYS C 464 15.48 3.54 23.41
C LYS C 464 15.86 5.02 23.46
N GLU C 465 17.13 5.31 23.16
CA GLU C 465 17.61 6.71 23.17
C GLU C 465 17.34 7.42 21.84
N LYS C 466 17.16 6.67 20.75
CA LYS C 466 17.23 7.30 19.42
C LYS C 466 16.23 8.45 19.22
N PHE C 467 14.97 8.22 19.57
CA PHE C 467 13.93 9.20 19.33
C PHE C 467 13.89 10.28 20.41
N VAL C 468 14.42 9.97 21.57
CA VAL C 468 14.52 10.95 22.63
C VAL C 468 15.47 12.04 22.11
N ILE C 469 16.57 11.59 21.53
CA ILE C 469 17.59 12.51 20.99
C ILE C 469 17.07 13.29 19.78
N GLN C 470 16.42 12.60 18.85
CA GLN C 470 16.01 13.24 17.63
C GLN C 470 14.83 14.19 17.85
N LYS C 471 13.99 13.90 18.85
CA LYS C 471 12.91 14.79 19.21
C LYS C 471 13.48 16.17 19.58
N GLY C 472 14.75 16.17 20.00
CA GLY C 472 15.47 17.40 20.35
C GLY C 472 16.29 18.01 19.20
N GLY C 473 16.03 17.57 17.98
CA GLY C 473 16.73 18.12 16.83
C GLY C 473 18.14 17.66 16.63
N VAL C 474 18.54 16.59 17.33
CA VAL C 474 19.86 16.06 17.20
C VAL C 474 19.86 14.66 16.55
N LEU C 475 20.76 14.45 15.59
CA LEU C 475 20.85 13.16 14.91
C LEU C 475 21.26 12.04 15.86
N SER C 476 20.52 10.93 15.86
CA SER C 476 20.97 9.75 16.57
C SER C 476 20.92 8.50 15.70
N LYS C 477 22.08 8.01 15.31
CA LYS C 477 22.22 6.74 14.63
C LYS C 477 22.53 5.61 15.61
N GLN C 478 21.84 4.50 15.41
CA GLN C 478 21.99 3.34 16.27
C GLN C 478 23.22 2.53 15.94
N LEU C 479 24.01 2.20 16.95
CA LEU C 479 25.18 1.34 16.75
C LEU C 479 24.99 -0.06 17.29
N HIS C 480 23.77 -0.39 17.71
CA HIS C 480 23.46 -1.81 17.91
C HIS C 480 22.88 -2.36 16.62
N SER C 481 21.70 -1.87 16.21
CA SER C 481 20.98 -2.38 15.02
C SER C 481 21.45 -1.78 13.69
N TYR C 482 22.30 -0.77 13.75
CA TYR C 482 22.75 -0.08 12.54
C TYR C 482 21.59 0.51 11.73
N ASP C 483 20.46 0.77 12.39
CA ASP C 483 19.26 1.27 11.70
C ASP C 483 18.88 0.37 10.51
N TYR C 484 19.12 -0.93 10.66
CA TYR C 484 18.57 -1.93 9.75
C TYR C 484 19.38 -1.91 8.44
N ASN C 485 20.66 -1.55 8.59
CA ASN C 485 21.66 -1.58 7.53
C ASN C 485 22.81 -2.53 7.89
N GLY C 486 23.89 -2.49 7.11
CA GLY C 486 25.08 -3.31 7.40
C GLY C 486 25.57 -3.99 6.14
N PRO C 487 26.84 -4.44 6.13
CA PRO C 487 27.77 -4.33 7.25
C PRO C 487 28.20 -2.92 7.62
N TYR C 488 28.59 -2.74 8.87
CA TYR C 488 29.29 -1.51 9.26
C TYR C 488 30.77 -1.80 9.58
N ALA C 489 31.08 -3.07 9.85
CA ALA C 489 32.47 -3.53 10.00
C ALA C 489 33.14 -3.76 8.63
N GLY C 490 34.46 -3.90 8.61
CA GLY C 490 35.18 -4.12 7.35
C GLY C 490 35.31 -2.88 6.48
N PHE C 491 36.01 -3.03 5.36
CA PHE C 491 36.23 -1.93 4.43
C PHE C 491 34.92 -1.44 3.82
N ARG C 492 34.08 -2.37 3.38
CA ARG C 492 32.80 -1.96 2.84
C ARG C 492 31.92 -1.30 3.90
N GLY C 493 32.05 -1.76 5.15
CA GLY C 493 31.31 -1.22 6.28
C GLY C 493 31.56 0.26 6.49
N VAL C 494 32.79 0.69 6.32
CA VAL C 494 33.15 2.09 6.50
C VAL C 494 32.33 2.97 5.56
N VAL C 495 32.18 2.52 4.32
CA VAL C 495 31.44 3.26 3.31
C VAL C 495 29.93 3.25 3.60
N ASN C 496 29.40 2.11 4.04
CA ASN C 496 27.98 2.02 4.44
C ASN C 496 27.68 2.97 5.60
N PHE C 497 28.55 2.97 6.59
CA PHE C 497 28.39 3.79 7.77
C PHE C 497 28.50 5.27 7.44
N GLY C 498 29.53 5.62 6.69
CA GLY C 498 29.70 7.00 6.26
C GLY C 498 28.54 7.55 5.45
N HIS C 499 28.06 6.80 4.48
CA HIS C 499 26.95 7.31 3.68
C HIS C 499 25.66 7.47 4.50
N GLU C 500 25.36 6.52 5.39
CA GLU C 500 24.22 6.69 6.28
C GLU C 500 24.38 7.90 7.23
N LEU C 501 25.60 8.16 7.68
CA LEU C 501 25.80 9.26 8.60
C LEU C 501 25.66 10.58 7.87
N VAL C 502 26.29 10.70 6.71
CA VAL C 502 26.14 11.93 5.92
C VAL C 502 24.67 12.17 5.59
N ASN C 503 23.96 11.12 5.18
CA ASN C 503 22.52 11.26 4.85
C ASN C 503 21.69 11.68 6.03
N GLY C 504 22.08 11.24 7.22
CA GLY C 504 21.39 11.61 8.42
C GLY C 504 21.63 13.07 8.71
N ILE C 505 22.90 13.48 8.70
CA ILE C 505 23.22 14.85 9.03
C ILE C 505 22.51 15.79 8.07
N TYR C 506 22.47 15.45 6.78
CA TYR C 506 21.97 16.40 5.80
C TYR C 506 20.50 16.22 5.38
N THR C 507 19.76 15.37 6.06
CA THR C 507 18.30 15.30 5.89
C THR C 507 17.65 16.69 6.05
N PRO C 508 16.94 17.17 5.01
CA PRO C 508 16.48 18.58 5.03
C PRO C 508 15.53 18.93 6.16
N ALA C 509 14.75 17.96 6.59
CA ALA C 509 13.71 18.19 7.60
C ALA C 509 14.21 18.75 8.92
N TRP C 510 15.50 18.57 9.22
CA TRP C 510 16.02 19.08 10.47
C TRP C 510 15.84 20.59 10.56
N LYS C 511 15.83 21.25 9.40
CA LYS C 511 15.78 22.70 9.36
C LYS C 511 14.38 23.21 9.21
N MET C 512 13.41 22.29 9.23
CA MET C 512 12.03 22.64 8.95
C MET C 512 11.19 22.54 10.20
N ILE C 513 11.82 22.21 11.31
CA ILE C 513 11.09 21.95 12.55
C ILE C 513 10.22 23.10 13.05
N THR C 514 10.74 24.32 13.03
CA THR C 514 10.01 25.47 13.55
C THR C 514 9.02 25.95 12.50
N PRO C 515 7.71 26.01 12.84
CA PRO C 515 6.74 26.47 11.86
C PRO C 515 6.93 27.96 11.54
N PRO C 516 6.47 28.40 10.37
CA PRO C 516 6.72 29.76 9.89
C PRO C 516 5.92 30.80 10.67
N TRP C 517 4.87 30.35 11.34
CA TRP C 517 4.18 31.20 12.29
C TRP C 517 4.89 31.21 13.66
N LYS C 518 6.22 31.03 13.65
CA LYS C 518 7.02 31.04 14.87
C LYS C 518 8.44 31.56 14.65
N MET D 1 12.35 -19.74 2.74
CA MET D 1 12.24 -19.10 4.08
C MET D 1 11.44 -19.99 4.99
N LEU D 2 11.75 -19.93 6.29
CA LEU D 2 11.05 -20.75 7.29
C LEU D 2 11.11 -22.22 6.86
N ASP D 3 12.27 -22.63 6.35
CA ASP D 3 12.43 -23.95 5.75
C ASP D 3 12.15 -25.10 6.72
N ALA D 4 12.44 -24.92 8.01
CA ALA D 4 12.26 -25.97 9.02
C ALA D 4 10.81 -26.29 9.32
N THR D 5 9.89 -25.48 8.82
CA THR D 5 8.49 -25.74 9.11
C THR D 5 7.93 -26.77 8.12
N PRO D 6 7.52 -27.94 8.63
CA PRO D 6 7.02 -29.02 7.80
C PRO D 6 5.53 -28.92 7.43
N LYS D 7 5.20 -29.47 6.28
CA LYS D 7 3.83 -29.54 5.84
C LYS D 7 3.05 -30.51 6.72
N GLU D 8 3.60 -31.70 6.95
CA GLU D 8 2.93 -32.69 7.78
C GLU D 8 3.01 -32.28 9.24
N ILE D 9 1.85 -32.23 9.86
CA ILE D 9 1.66 -31.67 11.20
C ILE D 9 1.69 -32.74 12.30
N VAL D 10 2.47 -32.46 13.33
CA VAL D 10 2.41 -33.22 14.58
C VAL D 10 2.08 -32.22 15.65
N GLU D 11 0.94 -32.40 16.31
CA GLU D 11 0.42 -31.38 17.23
C GLU D 11 1.40 -31.14 18.38
N ARG D 12 1.45 -29.89 18.83
CA ARG D 12 2.40 -29.50 19.85
C ARG D 12 1.69 -29.26 21.15
N LYS D 13 2.30 -29.79 22.19
CA LYS D 13 1.72 -29.82 23.49
C LYS D 13 2.53 -28.90 24.41
N ALA D 14 3.78 -28.65 24.04
CA ALA D 14 4.68 -27.97 24.97
C ALA D 14 5.57 -26.92 24.31
N LEU D 15 6.02 -27.17 23.08
CA LEU D 15 6.92 -26.30 22.40
C LEU D 15 6.14 -25.20 21.67
N ARG D 16 6.27 -23.99 22.20
CA ARG D 16 5.60 -22.79 21.67
C ARG D 16 6.57 -22.18 20.70
N ILE D 17 6.10 -21.90 19.48
CA ILE D 17 6.94 -21.39 18.41
C ILE D 17 6.30 -20.17 17.72
N ASN D 18 7.04 -19.06 17.66
CA ASN D 18 6.55 -17.87 16.97
C ASN D 18 5.18 -17.41 17.47
N PRO D 19 5.12 -17.02 18.74
CA PRO D 19 3.90 -16.73 19.47
C PRO D 19 3.06 -15.59 18.88
N ALA D 20 1.75 -15.73 19.07
CA ALA D 20 0.79 -14.72 18.64
C ALA D 20 0.33 -13.94 19.84
N LYS D 21 1.29 -13.63 20.69
CA LYS D 21 1.07 -12.83 21.89
C LYS D 21 2.44 -12.48 22.46
N THR D 22 2.43 -11.57 23.41
CA THR D 22 3.56 -11.36 24.28
C THR D 22 3.02 -11.21 25.72
N CYS D 23 3.88 -10.86 26.67
CA CYS D 23 3.50 -10.94 28.09
C CYS D 23 2.85 -9.69 28.65
N GLN D 24 2.18 -9.83 29.80
CA GLN D 24 1.35 -8.74 30.36
C GLN D 24 1.99 -7.37 30.45
N PRO D 25 3.25 -7.33 30.87
CA PRO D 25 3.63 -6.01 31.36
C PRO D 25 3.64 -4.90 30.30
N VAL D 26 4.01 -5.19 29.05
CA VAL D 26 3.97 -4.14 28.02
C VAL D 26 2.56 -3.57 27.83
N GLY D 27 1.53 -4.37 28.05
CA GLY D 27 0.15 -3.86 27.95
C GLY D 27 -0.18 -2.85 29.04
N ALA D 28 0.29 -3.15 30.25
CA ALA D 28 0.19 -2.22 31.35
C ALA D 28 1.03 -0.98 31.12
N MET D 29 2.24 -1.14 30.57
CA MET D 29 3.06 0.01 30.28
C MET D 29 2.35 0.90 29.26
N TYR D 30 1.80 0.29 28.23
CA TYR D 30 1.02 1.02 27.26
C TYR D 30 -0.18 1.76 27.90
N ALA D 31 -0.92 1.08 28.76
CA ALA D 31 -2.07 1.67 29.45
C ALA D 31 -1.61 2.86 30.29
N ALA D 32 -0.52 2.68 31.02
CA ALA D 32 -0.01 3.74 31.87
C ALA D 32 0.48 4.94 31.08
N LEU D 33 1.00 4.71 29.88
CA LEU D 33 1.34 5.85 28.99
C LEU D 33 0.10 6.58 28.49
N GLY D 34 -1.07 5.99 28.68
CA GLY D 34 -2.34 6.67 28.39
C GLY D 34 -2.88 7.53 29.51
N ILE D 35 -2.04 7.74 30.53
CA ILE D 35 -2.27 8.73 31.59
C ILE D 35 -1.29 9.89 31.47
N HIS D 36 -1.81 11.11 31.58
CA HIS D 36 -1.00 12.33 31.43
C HIS D 36 0.00 12.48 32.59
N ASN D 37 1.21 12.91 32.27
CA ASN D 37 2.30 13.04 33.24
C ASN D 37 2.54 11.80 34.12
N CYS D 38 2.41 10.63 33.50
CA CYS D 38 2.65 9.38 34.16
C CYS D 38 3.92 8.71 33.70
N LEU D 39 4.72 8.23 34.65
CA LEU D 39 5.83 7.33 34.38
C LEU D 39 5.49 5.90 34.78
N PRO D 40 5.37 5.01 33.78
CA PRO D 40 5.23 3.58 34.02
C PRO D 40 6.43 3.06 34.78
N HIS D 41 6.21 2.14 35.71
CA HIS D 41 7.31 1.60 36.46
C HIS D 41 7.17 0.11 36.50
N SER D 42 8.24 -0.58 36.12
CA SER D 42 8.24 -2.03 36.05
C SER D 42 8.94 -2.57 37.27
N HIS D 43 8.19 -3.32 38.08
CA HIS D 43 8.72 -3.86 39.32
C HIS D 43 9.24 -5.26 39.08
N GLY D 44 10.48 -5.33 38.64
CA GLY D 44 11.08 -6.60 38.33
C GLY D 44 12.52 -6.38 37.94
N SER D 45 13.09 -7.34 37.24
CA SER D 45 14.43 -7.18 36.73
C SER D 45 14.40 -6.33 35.47
N GLN D 46 15.42 -5.50 35.30
CA GLN D 46 15.38 -4.40 34.34
C GLN D 46 15.28 -4.87 32.88
N GLY D 47 15.56 -6.16 32.65
CA GLY D 47 15.44 -6.75 31.33
C GLY D 47 14.05 -6.60 30.74
N CYS D 48 13.04 -6.89 31.57
CA CYS D 48 11.66 -6.74 31.14
C CYS D 48 11.42 -5.32 30.67
N CYS D 49 11.77 -4.37 31.52
CA CYS D 49 11.45 -2.98 31.26
C CYS D 49 12.12 -2.50 29.94
N SER D 50 13.39 -2.81 29.78
CA SER D 50 14.06 -2.44 28.53
C SER D 50 13.35 -3.04 27.31
N TYR D 51 12.96 -4.31 27.39
CA TYR D 51 12.33 -5.01 26.26
C TYR D 51 10.98 -4.40 25.92
N HIS D 52 10.28 -3.97 26.95
CA HIS D 52 8.90 -3.54 26.76
C HIS D 52 8.91 -2.12 26.23
N ARG D 53 9.84 -1.31 26.72
CA ARG D 53 10.02 0.04 26.14
C ARG D 53 10.42 -0.07 24.66
N THR D 54 11.23 -1.07 24.35
CA THR D 54 11.81 -1.22 23.03
C THR D 54 10.72 -1.55 22.01
N VAL D 55 9.85 -2.50 22.32
CA VAL D 55 8.81 -2.88 21.37
C VAL D 55 7.91 -1.68 21.03
N LEU D 56 7.57 -0.87 22.03
CA LEU D 56 6.73 0.31 21.79
C LEU D 56 7.43 1.33 20.85
N SER D 57 8.70 1.59 21.11
CA SER D 57 9.49 2.47 20.23
C SER D 57 9.66 1.93 18.82
N ARG D 58 9.83 0.62 18.68
CA ARG D 58 9.91 -0.02 17.39
C ARG D 58 8.64 0.12 16.56
N HIS D 59 7.49 0.02 17.25
CA HIS D 59 6.18 0.15 16.63
C HIS D 59 5.87 1.59 16.27
N PHE D 60 6.04 2.49 17.24
CA PHE D 60 5.58 3.86 17.08
C PHE D 60 6.63 4.81 16.49
N LYS D 61 7.89 4.40 16.56
CA LYS D 61 9.03 5.21 16.12
C LYS D 61 9.00 6.47 16.97
N GLU D 62 8.79 6.23 18.27
CA GLU D 62 8.63 7.29 19.26
C GLU D 62 9.37 6.86 20.49
N PRO D 63 9.80 7.83 21.32
CA PRO D 63 10.22 7.43 22.63
C PRO D 63 9.10 6.76 23.43
N ALA D 64 9.51 5.96 24.43
CA ALA D 64 8.55 5.25 25.30
C ALA D 64 9.24 5.08 26.65
N MET D 65 8.86 5.94 27.59
CA MET D 65 9.56 6.02 28.90
C MET D 65 8.98 5.06 29.92
N ALA D 66 9.87 4.44 30.68
CA ALA D 66 9.49 3.72 31.88
C ALA D 66 10.72 3.50 32.75
N SER D 67 10.46 3.44 34.04
CA SER D 67 11.48 3.09 35.04
C SER D 67 11.28 1.67 35.52
N THR D 68 12.30 1.13 36.19
CA THR D 68 12.30 -0.23 36.71
C THR D 68 12.95 -0.27 38.09
N SER D 69 12.56 -1.28 38.87
CA SER D 69 13.10 -1.50 40.20
C SER D 69 14.49 -2.10 40.14
N SER D 70 14.86 -2.58 38.97
CA SER D 70 16.14 -3.25 38.74
C SER D 70 16.53 -4.30 39.80
N PHE D 71 15.68 -5.32 39.98
CA PHE D 71 15.98 -6.44 40.87
C PHE D 71 17.36 -7.02 40.64
N THR D 72 18.07 -7.27 41.73
CA THR D 72 19.28 -8.06 41.72
C THR D 72 18.93 -9.39 42.39
N GLU D 73 19.87 -10.34 42.39
CA GLU D 73 19.60 -11.68 42.90
C GLU D 73 19.14 -11.65 44.35
N GLY D 74 19.75 -10.76 45.13
CA GLY D 74 19.41 -10.60 46.55
C GLY D 74 17.96 -10.26 46.75
N ALA D 75 17.49 -9.23 46.05
CA ALA D 75 16.10 -8.82 46.15
C ALA D 75 15.19 -9.89 45.55
N SER D 76 15.71 -10.69 44.63
CA SER D 76 14.92 -11.71 43.93
CA SER D 76 14.88 -11.68 43.94
C SER D 76 14.63 -12.92 44.81
N VAL D 77 15.35 -13.02 45.93
CA VAL D 77 15.13 -14.11 46.87
C VAL D 77 14.41 -13.61 48.12
N PHE D 78 14.77 -12.42 48.60
CA PHE D 78 14.25 -11.97 49.89
C PHE D 78 13.25 -10.84 49.79
N GLY D 79 12.90 -10.42 48.59
CA GLY D 79 11.86 -9.39 48.42
C GLY D 79 12.41 -8.12 47.83
N GLY D 80 11.55 -7.38 47.12
CA GLY D 80 11.98 -6.22 46.36
C GLY D 80 11.51 -4.90 46.93
N GLY D 81 11.27 -4.87 48.24
CA GLY D 81 10.73 -3.69 48.90
C GLY D 81 11.67 -2.49 48.90
N SER D 82 12.95 -2.71 49.18
CA SER D 82 13.91 -1.60 49.17
C SER D 82 14.07 -1.08 47.73
N ASN D 83 14.20 -1.99 46.77
CA ASN D 83 14.35 -1.59 45.37
C ASN D 83 13.28 -0.59 44.96
N ILE D 84 12.02 -0.90 45.21
CA ILE D 84 10.95 -0.03 44.76
C ILE D 84 10.92 1.28 45.52
N LYS D 85 11.30 1.23 46.80
CA LYS D 85 11.29 2.45 47.60
C LYS D 85 12.43 3.38 47.15
N THR D 86 13.59 2.79 46.88
CA THR D 86 14.71 3.51 46.31
C THR D 86 14.28 4.14 44.99
N ALA D 87 13.56 3.37 44.17
CA ALA D 87 13.12 3.85 42.85
C ALA D 87 12.22 5.07 42.92
N VAL D 88 11.20 5.02 43.79
CA VAL D 88 10.27 6.13 43.88
C VAL D 88 10.97 7.44 44.24
N LYS D 89 11.95 7.39 45.14
CA LYS D 89 12.67 8.62 45.51
C LYS D 89 13.50 9.15 44.34
N ASN D 90 14.09 8.24 43.57
CA ASN D 90 14.85 8.65 42.43
C ASN D 90 13.97 9.15 41.29
N ILE D 91 12.83 8.50 41.09
CA ILE D 91 11.87 8.92 40.08
C ILE D 91 11.31 10.32 40.34
N PHE D 92 10.77 10.57 41.53
CA PHE D 92 10.13 11.86 41.79
C PHE D 92 11.14 13.00 41.75
N SER D 93 12.34 12.78 42.27
CA SER D 93 13.36 13.82 42.31
C SER D 93 14.00 14.08 40.96
N LEU D 94 14.31 13.02 40.22
CA LEU D 94 14.97 13.18 38.92
C LEU D 94 13.99 13.44 37.78
N TYR D 95 12.79 12.92 37.89
CA TYR D 95 11.95 12.84 36.70
C TYR D 95 10.56 13.44 36.88
N ASN D 96 10.12 13.51 38.13
CA ASN D 96 8.98 14.35 38.51
C ASN D 96 7.69 14.09 37.72
N PRO D 97 7.31 12.81 37.58
CA PRO D 97 5.92 12.57 37.16
C PRO D 97 4.92 13.07 38.20
N ASP D 98 3.67 13.27 37.79
CA ASP D 98 2.58 13.49 38.75
C ASP D 98 2.09 12.15 39.27
N ILE D 99 2.30 11.09 38.50
CA ILE D 99 1.92 9.78 38.96
C ILE D 99 2.84 8.68 38.44
N ILE D 100 3.14 7.74 39.34
CA ILE D 100 3.90 6.56 39.00
C ILE D 100 2.93 5.38 38.98
N ALA D 101 2.86 4.71 37.85
CA ALA D 101 1.98 3.58 37.68
C ALA D 101 2.78 2.28 37.61
N VAL D 102 2.71 1.48 38.68
CA VAL D 102 3.54 0.31 38.84
C VAL D 102 2.88 -0.95 38.34
N HIS D 103 3.62 -1.76 37.58
CA HIS D 103 3.22 -3.11 37.23
C HIS D 103 4.34 -4.07 37.61
N THR D 104 4.12 -5.36 37.42
CA THR D 104 5.02 -6.37 37.92
C THR D 104 5.38 -7.36 36.86
N THR D 105 6.31 -8.24 37.16
CA THR D 105 6.69 -9.28 36.22
C THR D 105 6.55 -10.67 36.84
N CYS D 106 6.93 -11.70 36.09
CA CYS D 106 6.97 -13.07 36.60
C CYS D 106 7.86 -13.18 37.87
N LEU D 107 8.84 -12.29 37.98
CA LEU D 107 9.77 -12.30 39.11
C LEU D 107 9.12 -11.86 40.42
N SER D 108 8.59 -10.65 40.45
CA SER D 108 7.98 -10.13 41.67
C SER D 108 6.67 -10.85 42.05
N GLU D 109 6.03 -11.48 41.08
CA GLU D 109 4.75 -12.18 41.33
C GLU D 109 4.99 -13.58 41.90
N THR D 110 5.96 -14.27 41.32
CA THR D 110 6.45 -15.56 41.82
C THR D 110 6.96 -15.41 43.25
N LEU D 111 7.56 -14.26 43.54
CA LEU D 111 8.16 -13.96 44.83
C LEU D 111 7.08 -13.61 45.85
N GLY D 112 5.96 -13.10 45.36
CA GLY D 112 4.88 -12.69 46.23
C GLY D 112 5.10 -11.32 46.86
N ASP D 113 5.84 -10.44 46.21
CA ASP D 113 5.99 -9.08 46.72
C ASP D 113 4.60 -8.47 46.99
N ASP D 114 4.49 -7.75 48.10
CA ASP D 114 3.22 -7.16 48.55
C ASP D 114 3.25 -5.67 48.27
N LEU D 115 2.82 -5.26 47.08
CA LEU D 115 2.95 -3.86 46.70
C LEU D 115 2.08 -2.92 47.54
N PRO D 116 0.85 -3.33 47.87
CA PRO D 116 0.02 -2.41 48.70
C PRO D 116 0.72 -2.02 50.01
N THR D 117 1.46 -2.96 50.59
CA THR D 117 2.24 -2.71 51.79
C THR D 117 3.43 -1.80 51.46
N TYR D 118 4.21 -2.16 50.44
CA TYR D 118 5.35 -1.33 50.08
C TYR D 118 4.89 0.11 49.87
N ILE D 119 3.76 0.28 49.16
CA ILE D 119 3.27 1.62 48.81
C ILE D 119 2.78 2.40 50.04
N SER D 120 2.20 1.69 51.00
CA SER D 120 1.70 2.33 52.21
C SER D 120 2.86 2.75 53.10
N GLN D 121 3.84 1.85 53.29
CA GLN D 121 5.06 2.18 54.00
C GLN D 121 5.67 3.44 53.37
N MET D 122 5.61 3.51 52.05
CA MET D 122 6.18 4.62 51.31
C MET D 122 5.40 5.89 51.59
N GLU D 123 4.08 5.72 51.66
CA GLU D 123 3.17 6.80 52.01
C GLU D 123 3.42 7.29 53.44
N ASP D 124 3.48 6.35 54.37
CA ASP D 124 3.62 6.68 55.78
C ASP D 124 4.97 7.30 56.10
N ALA D 125 6.00 6.97 55.33
CA ALA D 125 7.33 7.52 55.56
C ALA D 125 7.60 8.83 54.80
N GLY D 126 6.65 9.30 53.99
CA GLY D 126 6.80 10.55 53.27
C GLY D 126 7.65 10.46 52.00
N SER D 127 7.81 9.25 51.48
CA SER D 127 8.59 9.06 50.26
C SER D 127 7.83 9.56 49.02
N ILE D 128 6.55 9.90 49.19
CA ILE D 128 5.70 10.36 48.10
C ILE D 128 5.32 11.82 48.28
N PRO D 129 6.00 12.72 47.56
CA PRO D 129 5.75 14.17 47.70
C PRO D 129 4.27 14.53 47.69
N GLU D 130 3.94 15.63 48.36
CA GLU D 130 2.59 16.18 48.35
C GLU D 130 2.05 16.36 46.94
N GLY D 131 0.79 15.98 46.72
CA GLY D 131 0.14 16.12 45.42
C GLY D 131 0.67 15.20 44.32
N LYS D 132 1.33 14.11 44.70
CA LYS D 132 1.87 13.13 43.76
C LYS D 132 1.25 11.79 44.09
N LEU D 133 1.18 10.89 43.12
CA LEU D 133 0.51 9.62 43.35
C LEU D 133 1.32 8.41 42.91
N VAL D 134 1.02 7.28 43.53
CA VAL D 134 1.61 6.01 43.12
C VAL D 134 0.48 4.99 43.08
N ILE D 135 0.26 4.37 41.92
CA ILE D 135 -0.72 3.28 41.85
C ILE D 135 -0.06 2.03 41.36
N HIS D 136 -0.77 0.91 41.43
CA HIS D 136 -0.19 -0.31 40.98
C HIS D 136 -1.25 -1.23 40.47
N THR D 137 -0.76 -2.23 39.75
CA THR D 137 -1.54 -3.39 39.39
C THR D 137 -0.59 -4.55 39.40
N ASN D 138 -1.14 -5.75 39.35
CA ASN D 138 -0.34 -6.94 39.33
C ASN D 138 -0.46 -7.61 37.98
N THR D 139 0.69 -7.88 37.37
CA THR D 139 0.72 -8.33 35.99
C THR D 139 1.69 -9.49 35.82
N PRO D 140 1.34 -10.66 36.38
CA PRO D 140 2.14 -11.87 36.21
C PRO D 140 2.20 -12.31 34.74
N SER D 141 3.40 -12.41 34.20
CA SER D 141 3.58 -12.69 32.79
C SER D 141 3.21 -14.12 32.41
N TYR D 142 3.12 -15.02 33.37
CA TYR D 142 2.69 -16.40 33.11
C TYR D 142 1.17 -16.56 33.00
N VAL D 143 0.44 -15.45 33.15
CA VAL D 143 -1.01 -15.49 33.00
C VAL D 143 -1.43 -14.67 31.78
N GLY D 144 -2.13 -15.31 30.84
CA GLY D 144 -2.70 -14.60 29.73
C GLY D 144 -1.62 -13.99 28.84
N SER D 145 -1.80 -12.72 28.54
CA SER D 145 -0.96 -12.06 27.52
C SER D 145 -0.88 -10.57 27.79
N HIS D 146 -0.23 -9.83 26.90
CA HIS D 146 -0.15 -8.40 27.03
C HIS D 146 -1.52 -7.74 27.13
N VAL D 147 -2.53 -8.28 26.44
CA VAL D 147 -3.90 -7.74 26.50
C VAL D 147 -4.40 -7.82 27.95
N THR D 148 -4.10 -8.94 28.62
CA THR D 148 -4.50 -9.15 30.02
C THR D 148 -3.79 -8.09 30.89
N GLY D 149 -2.52 -7.84 30.59
CA GLY D 149 -1.76 -6.77 31.24
C GLY D 149 -2.41 -5.41 31.10
N PHE D 150 -2.88 -5.08 29.91
CA PHE D 150 -3.57 -3.82 29.69
C PHE D 150 -4.79 -3.75 30.61
N ALA D 151 -5.55 -4.83 30.64
CA ALA D 151 -6.81 -4.87 31.36
C ALA D 151 -6.59 -4.66 32.86
N ASN D 152 -5.51 -5.26 33.36
CA ASN D 152 -5.17 -5.20 34.77
C ASN D 152 -4.78 -3.80 35.16
N MET D 153 -4.01 -3.10 34.31
CA MET D 153 -3.64 -1.72 34.60
C MET D 153 -4.84 -0.78 34.63
N VAL D 154 -5.81 -1.02 33.75
CA VAL D 154 -7.03 -0.22 33.74
C VAL D 154 -7.78 -0.38 35.07
N GLN D 155 -7.98 -1.61 35.50
CA GLN D 155 -8.54 -1.88 36.82
C GLN D 155 -7.78 -1.11 37.91
N GLY D 156 -6.45 -1.25 37.88
CA GLY D 156 -5.57 -0.54 38.81
C GLY D 156 -5.87 0.94 38.86
N ILE D 157 -6.10 1.54 37.70
CA ILE D 157 -6.47 2.96 37.61
C ILE D 157 -7.77 3.22 38.35
N VAL D 158 -8.73 2.32 38.14
CA VAL D 158 -10.05 2.42 38.76
C VAL D 158 -9.94 2.29 40.28
N ASN D 159 -9.24 1.26 40.74
CA ASN D 159 -9.00 1.03 42.17
C ASN D 159 -8.49 2.24 42.92
N TYR D 160 -7.54 2.93 42.33
CA TYR D 160 -6.84 3.99 43.03
C TYR D 160 -7.44 5.37 42.81
N LEU D 161 -8.12 5.59 41.69
CA LEU D 161 -8.49 6.95 41.31
C LEU D 161 -9.99 7.22 41.22
N SER D 162 -10.76 6.26 40.71
CA SER D 162 -12.17 6.53 40.40
C SER D 162 -13.02 6.75 41.66
N GLU D 163 -13.47 7.98 41.84
CA GLU D 163 -14.35 8.36 42.95
C GLU D 163 -15.68 8.97 42.50
N ASN D 164 -16.77 8.31 42.92
CA ASN D 164 -18.10 8.88 42.81
C ASN D 164 -18.38 9.89 43.92
N THR D 165 -18.11 11.18 43.68
CA THR D 165 -18.35 12.18 44.70
C THR D 165 -19.78 12.70 44.68
N GLY D 166 -20.66 12.04 43.94
CA GLY D 166 -22.06 12.47 43.85
C GLY D 166 -22.34 13.56 42.83
N ALA D 167 -21.32 14.32 42.44
CA ALA D 167 -21.49 15.44 41.53
C ALA D 167 -21.48 15.04 40.04
N LYS D 168 -22.45 14.20 39.65
CA LYS D 168 -22.60 13.71 38.27
C LYS D 168 -22.02 14.66 37.20
N ASN D 169 -21.28 14.10 36.24
CA ASN D 169 -20.61 14.90 35.20
C ASN D 169 -21.39 14.99 33.91
N GLY D 170 -22.37 14.12 33.74
CA GLY D 170 -23.14 14.05 32.50
C GLY D 170 -22.32 13.55 31.32
N LYS D 171 -21.35 12.68 31.62
CA LYS D 171 -20.43 12.14 30.62
C LYS D 171 -20.57 10.64 30.55
N ILE D 172 -20.14 10.09 29.41
CA ILE D 172 -20.01 8.65 29.23
C ILE D 172 -18.54 8.33 29.29
N ASN D 173 -18.16 7.37 30.12
CA ASN D 173 -16.80 6.84 30.10
C ASN D 173 -16.65 5.88 28.91
N VAL D 174 -15.48 5.87 28.28
CA VAL D 174 -15.17 4.86 27.25
C VAL D 174 -13.78 4.28 27.45
N ILE D 175 -13.71 2.98 27.64
CA ILE D 175 -12.46 2.28 27.76
C ILE D 175 -12.24 1.72 26.37
N PRO D 176 -11.25 2.28 25.62
CA PRO D 176 -11.19 1.95 24.18
C PRO D 176 -10.54 0.59 23.93
N GLY D 177 -9.96 0.00 24.97
CA GLY D 177 -9.30 -1.28 24.84
C GLY D 177 -7.89 -1.15 24.29
N PHE D 178 -7.32 -2.26 23.87
CA PHE D 178 -5.95 -2.32 23.43
C PHE D 178 -5.90 -1.99 21.92
N VAL D 179 -6.08 -0.72 21.62
CA VAL D 179 -6.06 -0.22 20.26
C VAL D 179 -5.06 0.93 20.19
N GLY D 180 -4.69 1.36 18.97
CA GLY D 180 -3.67 2.39 18.82
C GLY D 180 -4.17 3.79 19.10
N PRO D 181 -3.24 4.74 19.27
CA PRO D 181 -3.61 6.13 19.45
C PRO D 181 -4.45 6.67 18.27
N ALA D 182 -4.29 6.12 17.07
CA ALA D 182 -5.10 6.60 15.94
C ALA D 182 -6.54 6.21 16.17
N ASP D 183 -6.71 5.01 16.66
CA ASP D 183 -8.03 4.45 16.92
C ASP D 183 -8.73 5.21 18.04
N MET D 184 -7.99 5.58 19.09
CA MET D 184 -8.53 6.37 20.17
C MET D 184 -8.96 7.73 19.66
N ARG D 185 -8.16 8.33 18.77
CA ARG D 185 -8.51 9.59 18.16
C ARG D 185 -9.79 9.47 17.34
N GLU D 186 -9.96 8.34 16.66
CA GLU D 186 -11.13 8.16 15.82
C GLU D 186 -12.38 7.98 16.69
N ILE D 187 -12.25 7.23 17.78
CA ILE D 187 -13.38 7.01 18.67
C ILE D 187 -13.84 8.32 19.30
N LYS D 188 -12.89 9.13 19.75
CA LYS D 188 -13.18 10.46 20.27
C LYS D 188 -13.86 11.36 19.21
N ARG D 189 -13.30 11.40 18.00
CA ARG D 189 -13.91 12.18 16.93
C ARG D 189 -15.40 11.82 16.79
N LEU D 190 -15.73 10.54 16.89
CA LEU D 190 -17.11 10.09 16.73
C LEU D 190 -17.98 10.55 17.89
N PHE D 191 -17.42 10.58 19.10
CA PHE D 191 -18.12 11.07 20.30
C PHE D 191 -18.40 12.54 20.10
N GLU D 192 -17.39 13.25 19.64
CA GLU D 192 -17.49 14.67 19.41
C GLU D 192 -18.48 14.98 18.28
N ALA D 193 -18.39 14.26 17.17
CA ALA D 193 -19.35 14.43 16.08
C ALA D 193 -20.80 14.22 16.58
N MET D 194 -21.00 13.26 17.51
CA MET D 194 -22.33 12.97 18.07
C MET D 194 -22.74 13.99 19.17
N ASP D 195 -21.82 14.90 19.53
CA ASP D 195 -22.04 15.89 20.59
C ASP D 195 -22.26 15.25 21.96
N ILE D 196 -21.49 14.20 22.26
CA ILE D 196 -21.58 13.50 23.53
C ILE D 196 -20.35 13.70 24.42
N PRO D 197 -20.56 14.25 25.63
CA PRO D 197 -19.43 14.38 26.55
C PRO D 197 -18.94 13.04 27.05
N TYR D 198 -17.65 12.93 27.27
CA TYR D 198 -17.05 11.64 27.50
C TYR D 198 -15.75 11.78 28.26
N ILE D 199 -15.35 10.66 28.86
CA ILE D 199 -14.01 10.52 29.39
C ILE D 199 -13.48 9.24 28.75
N MET D 200 -12.38 9.35 28.02
CA MET D 200 -11.72 8.14 27.50
C MET D 200 -10.51 7.85 28.36
N PHE D 201 -10.35 6.61 28.76
CA PHE D 201 -9.14 6.18 29.45
C PHE D 201 -8.91 4.69 29.24
N PRO D 202 -7.64 4.29 29.10
CA PRO D 202 -6.52 5.20 28.89
C PRO D 202 -6.57 5.81 27.50
N ASP D 203 -5.71 6.79 27.25
CA ASP D 203 -5.68 7.46 25.94
C ASP D 203 -4.25 7.84 25.60
N THR D 204 -3.66 7.13 24.64
CA THR D 204 -2.25 7.36 24.25
C THR D 204 -2.11 8.33 23.08
N SER D 205 -3.23 8.85 22.57
CA SER D 205 -3.15 9.89 21.53
C SER D 205 -2.48 11.08 22.18
N GLY D 206 -1.59 11.71 21.43
CA GLY D 206 -0.71 12.77 21.92
C GLY D 206 0.47 12.30 22.79
N VAL D 207 0.64 10.99 22.92
CA VAL D 207 1.73 10.44 23.72
C VAL D 207 2.66 9.58 22.87
N LEU D 208 2.09 8.67 22.10
CA LEU D 208 2.84 7.74 21.29
C LEU D 208 2.67 8.00 19.77
N ASP D 209 2.10 9.15 19.42
CA ASP D 209 2.01 9.54 18.01
C ASP D 209 2.20 11.03 17.86
N GLY D 210 3.10 11.58 18.65
CA GLY D 210 3.27 13.01 18.77
C GLY D 210 4.22 13.63 17.79
N PRO D 211 4.24 14.96 17.75
CA PRO D 211 5.06 15.72 16.83
C PRO D 211 6.48 15.87 17.24
N THR D 212 7.32 16.26 16.30
CA THR D 212 8.64 16.77 16.62
C THR D 212 8.55 18.30 16.61
N THR D 213 8.87 18.93 17.75
CA THR D 213 8.96 20.39 17.88
C THR D 213 10.39 20.89 18.06
N GLY D 214 11.33 19.97 18.25
CA GLY D 214 12.71 20.34 18.43
C GLY D 214 13.09 20.38 19.90
N GLU D 215 12.11 20.16 20.78
CA GLU D 215 12.39 19.98 22.20
C GLU D 215 11.80 18.65 22.64
N TYR D 216 12.63 17.79 23.25
CA TYR D 216 12.11 16.53 23.77
C TYR D 216 11.26 16.79 25.02
N LYS D 217 10.03 16.31 25.02
CA LYS D 217 9.15 16.48 26.13
C LYS D 217 8.93 15.15 26.82
N MET D 218 9.47 14.99 28.02
CA MET D 218 9.40 13.70 28.67
C MET D 218 7.95 13.23 28.87
N TYR D 219 7.10 14.11 29.38
CA TYR D 219 5.69 13.77 29.49
C TYR D 219 4.94 14.54 28.43
N PRO D 220 4.57 13.86 27.32
CA PRO D 220 3.92 14.53 26.18
C PRO D 220 2.55 15.17 26.51
N GLU D 221 2.05 16.00 25.61
CA GLU D 221 0.80 16.75 25.82
C GLU D 221 -0.37 15.85 26.16
N GLY D 222 -0.37 14.65 25.62
CA GLY D 222 -1.53 13.75 25.74
C GLY D 222 -1.66 12.97 27.03
N GLY D 223 -2.57 12.01 27.02
CA GLY D 223 -2.85 11.19 28.21
C GLY D 223 -4.08 11.70 28.94
N THR D 224 -4.93 10.80 29.41
CA THR D 224 -6.08 11.20 30.24
C THR D 224 -5.55 11.77 31.56
N LYS D 225 -6.10 12.91 31.97
CA LYS D 225 -5.62 13.64 33.16
C LYS D 225 -6.13 13.03 34.46
N ILE D 226 -5.32 13.12 35.50
CA ILE D 226 -5.63 12.47 36.76
C ILE D 226 -7.02 12.90 37.25
N GLU D 227 -7.31 14.19 37.20
CA GLU D 227 -8.59 14.67 37.74
C GLU D 227 -9.77 14.06 36.96
N ASP D 228 -9.63 13.96 35.64
CA ASP D 228 -10.62 13.28 34.85
C ASP D 228 -10.68 11.80 35.19
N LEU D 229 -9.52 11.18 35.47
CA LEU D 229 -9.55 9.76 35.85
C LEU D 229 -10.41 9.57 37.10
N LYS D 230 -10.23 10.45 38.07
CA LYS D 230 -11.05 10.42 39.28
C LYS D 230 -12.53 10.59 38.94
N ASP D 231 -12.82 11.57 38.10
CA ASP D 231 -14.19 11.90 37.73
C ASP D 231 -14.94 10.77 37.03
N THR D 232 -14.23 9.75 36.56
CA THR D 232 -14.88 8.62 35.92
C THR D 232 -15.94 8.01 36.83
N GLY D 233 -15.84 8.28 38.12
CA GLY D 233 -16.75 7.69 39.10
C GLY D 233 -18.09 8.39 39.08
N ASN D 234 -18.17 9.50 38.36
CA ASN D 234 -19.33 10.37 38.37
C ASN D 234 -20.10 10.38 37.05
N SER D 235 -19.84 9.40 36.19
CA SER D 235 -20.42 9.32 34.86
C SER D 235 -21.72 8.53 34.88
N ASP D 236 -22.47 8.60 33.79
CA ASP D 236 -23.77 7.94 33.71
C ASP D 236 -23.60 6.49 33.30
N LEU D 237 -22.51 6.22 32.60
CA LEU D 237 -22.35 4.95 31.93
C LEU D 237 -20.91 4.79 31.40
N THR D 238 -20.46 3.55 31.37
CA THR D 238 -19.16 3.22 30.81
C THR D 238 -19.32 2.29 29.64
N LEU D 239 -18.74 2.66 28.50
CA LEU D 239 -18.68 1.74 27.37
C LEU D 239 -17.35 0.99 27.38
N SER D 240 -17.42 -0.33 27.44
CA SER D 240 -16.24 -1.18 27.44
C SER D 240 -16.02 -1.76 26.04
N LEU D 241 -15.00 -1.27 25.33
CA LEU D 241 -14.81 -1.70 23.94
C LEU D 241 -13.75 -2.74 23.91
N GLY D 242 -14.12 -3.95 23.52
CA GLY D 242 -13.22 -5.08 23.61
C GLY D 242 -13.29 -5.70 25.00
N SER D 243 -13.91 -6.87 25.08
CA SER D 243 -14.17 -7.53 26.37
C SER D 243 -12.87 -7.93 27.07
N TYR D 244 -11.93 -8.50 26.35
CA TYR D 244 -10.70 -8.95 26.98
C TYR D 244 -9.96 -7.79 27.59
N ALA D 245 -9.90 -6.67 26.88
CA ALA D 245 -9.09 -5.55 27.31
C ALA D 245 -9.82 -4.66 28.32
N SER D 246 -11.12 -4.55 28.18
CA SER D 246 -11.82 -3.46 28.80
C SER D 246 -12.85 -3.86 29.88
N ASP D 247 -13.36 -5.08 29.86
CA ASP D 247 -14.44 -5.44 30.79
C ASP D 247 -14.04 -5.30 32.25
N LEU D 248 -12.94 -5.93 32.65
CA LEU D 248 -12.45 -5.87 34.03
C LEU D 248 -12.44 -4.44 34.56
N GLY D 249 -11.89 -3.51 33.78
CA GLY D 249 -11.92 -2.12 34.19
C GLY D 249 -13.34 -1.61 34.41
N ALA D 250 -14.24 -1.97 33.49
CA ALA D 250 -15.61 -1.47 33.55
C ALA D 250 -16.41 -2.11 34.69
N LYS D 251 -16.31 -3.41 34.89
CA LYS D 251 -16.99 -4.05 36.03
C LYS D 251 -16.49 -3.44 37.34
N THR D 252 -15.17 -3.34 37.48
CA THR D 252 -14.57 -2.74 38.68
C THR D 252 -15.17 -1.38 38.98
N LEU D 253 -15.32 -0.57 37.94
CA LEU D 253 -15.82 0.79 38.15
C LEU D 253 -17.28 0.78 38.58
N GLU D 254 -18.02 -0.24 38.17
CA GLU D 254 -19.40 -0.38 38.57
C GLU D 254 -19.46 -0.77 40.06
N LYS D 255 -18.81 -1.89 40.38
CA LYS D 255 -18.62 -2.31 41.77
C LYS D 255 -18.25 -1.16 42.69
N LYS D 256 -17.13 -0.51 42.40
CA LYS D 256 -16.63 0.55 43.26
C LYS D 256 -17.48 1.82 43.26
N CYS D 257 -17.96 2.25 42.10
CA CYS D 257 -18.59 3.56 41.99
C CYS D 257 -20.03 3.48 41.47
N LYS D 258 -20.53 2.28 41.23
CA LYS D 258 -21.90 2.09 40.73
C LYS D 258 -22.17 2.83 39.42
N VAL D 259 -21.17 2.92 38.55
CA VAL D 259 -21.42 3.39 37.20
C VAL D 259 -21.75 2.18 36.35
N PRO D 260 -22.93 2.18 35.71
CA PRO D 260 -23.29 1.05 34.86
C PRO D 260 -22.38 0.95 33.62
N PHE D 261 -22.36 -0.20 32.97
CA PHE D 261 -21.49 -0.40 31.81
C PHE D 261 -22.10 -1.38 30.81
N LYS D 262 -21.88 -1.10 29.52
CA LYS D 262 -22.27 -2.04 28.47
C LYS D 262 -21.02 -2.50 27.73
N THR D 263 -20.98 -3.76 27.34
CA THR D 263 -19.84 -4.27 26.59
C THR D 263 -20.15 -4.23 25.09
N LEU D 264 -19.15 -3.80 24.32
CA LEU D 264 -19.27 -3.65 22.87
C LEU D 264 -17.99 -4.18 22.20
N ARG D 265 -18.11 -4.80 21.03
CA ARG D 265 -16.93 -5.16 20.27
C ARG D 265 -16.10 -3.93 19.99
N THR D 266 -14.80 -4.11 19.87
CA THR D 266 -13.97 -3.12 19.22
C THR D 266 -14.68 -2.79 17.92
N PRO D 267 -14.95 -1.52 17.68
CA PRO D 267 -15.73 -1.12 16.51
C PRO D 267 -14.92 -1.16 15.20
N ILE D 268 -14.80 -2.36 14.67
CA ILE D 268 -14.17 -2.57 13.42
C ILE D 268 -15.17 -3.19 12.48
N GLY D 269 -15.37 -2.56 11.33
CA GLY D 269 -16.34 -3.05 10.37
C GLY D 269 -17.70 -2.39 10.50
N VAL D 270 -18.67 -2.98 9.82
CA VAL D 270 -20.02 -2.44 9.71
C VAL D 270 -20.84 -2.67 10.99
N SER D 271 -21.10 -3.93 11.33
CA SER D 271 -21.94 -4.23 12.50
C SER D 271 -21.34 -3.70 13.81
N ALA D 272 -20.05 -3.93 14.03
CA ALA D 272 -19.38 -3.46 15.26
C ALA D 272 -19.38 -1.95 15.38
N THR D 273 -19.11 -1.24 14.30
CA THR D 273 -19.22 0.21 14.35
C THR D 273 -20.70 0.64 14.52
N ASP D 274 -21.61 -0.01 13.81
CA ASP D 274 -23.04 0.29 13.90
C ASP D 274 -23.50 0.12 15.38
N GLU D 275 -23.10 -0.99 15.99
CA GLU D 275 -23.47 -1.27 17.38
C GLU D 275 -22.91 -0.22 18.32
N PHE D 276 -21.69 0.25 18.04
CA PHE D 276 -21.08 1.33 18.84
C PHE D 276 -21.86 2.62 18.69
N ILE D 277 -22.18 3.00 17.46
CA ILE D 277 -22.93 4.23 17.21
C ILE D 277 -24.36 4.09 17.79
N MET D 278 -24.99 2.94 17.59
CA MET D 278 -26.34 2.73 18.13
C MET D 278 -26.32 2.86 19.65
N ALA D 279 -25.23 2.44 20.29
CA ALA D 279 -25.13 2.53 21.75
C ALA D 279 -25.07 3.97 22.21
N LEU D 280 -24.31 4.80 21.50
CA LEU D 280 -24.19 6.20 21.87
C LEU D 280 -25.53 6.92 21.74
N SER D 281 -26.29 6.59 20.70
CA SER D 281 -27.57 7.24 20.50
C SER D 281 -28.63 6.71 21.48
N GLU D 282 -28.73 5.40 21.59
CA GLU D 282 -29.66 4.81 22.54
C GLU D 282 -29.39 5.23 23.98
N ALA D 283 -28.15 5.59 24.29
CA ALA D 283 -27.79 5.94 25.67
C ALA D 283 -27.99 7.41 25.98
N THR D 284 -28.01 8.25 24.95
CA THR D 284 -28.08 9.69 25.16
C THR D 284 -29.31 10.34 24.54
N GLY D 285 -30.09 9.55 23.79
CA GLY D 285 -31.16 10.09 22.96
C GLY D 285 -30.65 10.94 21.81
N LYS D 286 -29.33 10.93 21.57
CA LYS D 286 -28.73 11.82 20.56
C LYS D 286 -28.89 11.31 19.13
N GLU D 287 -29.05 12.27 18.21
CA GLU D 287 -29.30 11.96 16.82
C GLU D 287 -27.98 11.70 16.10
N VAL D 288 -27.97 10.69 15.26
CA VAL D 288 -26.79 10.38 14.47
C VAL D 288 -26.73 11.38 13.32
N PRO D 289 -25.70 12.24 13.33
CA PRO D 289 -25.56 13.34 12.39
C PRO D 289 -25.22 12.89 10.97
N ALA D 290 -25.34 13.82 10.04
CA ALA D 290 -25.22 13.54 8.63
C ALA D 290 -23.80 13.07 8.26
N SER D 291 -22.80 13.71 8.84
CA SER D 291 -21.42 13.39 8.57
C SER D 291 -21.13 11.91 8.82
N ILE D 292 -21.64 11.36 9.92
CA ILE D 292 -21.40 9.95 10.26
C ILE D 292 -22.16 9.03 9.36
N GLU D 293 -23.35 9.45 8.96
CA GLU D 293 -24.14 8.67 8.03
C GLU D 293 -23.45 8.67 6.68
N GLU D 294 -22.87 9.79 6.28
CA GLU D 294 -22.19 9.82 4.99
C GLU D 294 -21.01 8.82 5.00
N GLU D 295 -20.19 8.85 6.04
CA GLU D 295 -19.06 7.90 6.17
C GLU D 295 -19.52 6.45 6.01
N ARG D 296 -20.59 6.07 6.69
CA ARG D 296 -21.06 4.69 6.63
C ARG D 296 -21.43 4.37 5.20
N GLY D 297 -22.13 5.30 4.54
CA GLY D 297 -22.58 5.12 3.16
C GLY D 297 -21.44 5.04 2.14
N GLN D 298 -20.38 5.76 2.41
CA GLN D 298 -19.15 5.63 1.62
C GLN D 298 -18.52 4.25 1.79
N LEU D 299 -18.55 3.72 3.01
CA LEU D 299 -18.04 2.38 3.26
C LEU D 299 -18.84 1.32 2.53
N ILE D 300 -20.17 1.42 2.66
CA ILE D 300 -21.03 0.50 1.93
C ILE D 300 -20.75 0.63 0.42
N ASP D 301 -20.68 1.86 -0.06
CA ASP D 301 -20.40 2.11 -1.49
C ASP D 301 -19.07 1.41 -1.90
N LEU D 302 -18.04 1.56 -1.09
CA LEU D 302 -16.75 0.90 -1.32
C LEU D 302 -16.83 -0.63 -1.26
N MET D 303 -17.51 -1.16 -0.26
CA MET D 303 -17.73 -2.60 -0.18
C MET D 303 -18.38 -3.13 -1.45
N ILE D 304 -19.37 -2.40 -1.98
CA ILE D 304 -20.05 -2.85 -3.20
C ILE D 304 -19.12 -2.60 -4.42
N ASP D 305 -18.54 -1.42 -4.51
CA ASP D 305 -17.62 -1.11 -5.65
C ASP D 305 -16.49 -2.15 -5.79
N ALA D 306 -15.93 -2.55 -4.65
CA ALA D 306 -14.79 -3.49 -4.64
C ALA D 306 -15.20 -4.94 -4.55
N GLN D 307 -16.49 -5.24 -4.56
CA GLN D 307 -16.97 -6.59 -4.17
C GLN D 307 -16.30 -7.74 -4.91
N GLN D 308 -16.07 -7.59 -6.21
CA GLN D 308 -15.58 -8.72 -7.04
C GLN D 308 -14.26 -9.29 -6.58
N TYR D 309 -13.45 -8.47 -5.93
CA TYR D 309 -12.14 -8.87 -5.49
C TYR D 309 -12.12 -9.50 -4.11
N LEU D 310 -13.23 -9.39 -3.39
CA LEU D 310 -13.34 -9.84 -2.02
C LEU D 310 -14.14 -11.15 -1.91
N GLN D 311 -15.12 -11.37 -2.80
CA GLN D 311 -16.06 -12.49 -2.65
C GLN D 311 -15.38 -13.85 -2.66
N GLY D 312 -15.55 -14.60 -1.59
CA GLY D 312 -14.99 -15.93 -1.51
C GLY D 312 -13.52 -16.01 -1.16
N LYS D 313 -12.87 -14.89 -0.87
CA LYS D 313 -11.43 -14.92 -0.62
C LYS D 313 -11.12 -15.56 0.73
N LYS D 314 -10.10 -16.40 0.75
CA LYS D 314 -9.70 -17.08 1.96
C LYS D 314 -8.71 -16.23 2.75
N VAL D 315 -9.03 -15.94 4.00
CA VAL D 315 -8.19 -15.07 4.82
C VAL D 315 -7.68 -15.79 6.05
N ALA D 316 -6.36 -15.70 6.25
CA ALA D 316 -5.73 -16.10 7.50
C ALA D 316 -5.52 -14.86 8.36
N LEU D 317 -5.93 -14.92 9.62
CA LEU D 317 -5.81 -13.82 10.56
C LEU D 317 -5.22 -14.25 11.87
N LEU D 318 -4.23 -13.51 12.36
CA LEU D 318 -3.71 -13.74 13.70
C LEU D 318 -3.57 -12.45 14.43
N GLY D 319 -3.94 -12.47 15.71
CA GLY D 319 -3.71 -11.32 16.55
C GLY D 319 -4.42 -11.36 17.87
N ASP D 320 -4.71 -10.16 18.37
CA ASP D 320 -5.24 -10.04 19.68
C ASP D 320 -6.76 -10.21 19.60
N PRO D 321 -7.35 -10.83 20.63
CA PRO D 321 -8.72 -11.35 20.47
C PRO D 321 -9.83 -10.33 20.20
N ASP D 322 -9.85 -9.17 20.86
CA ASP D 322 -10.92 -8.21 20.61
C ASP D 322 -10.91 -7.75 19.14
N GLU D 323 -9.71 -7.41 18.66
CA GLU D 323 -9.54 -6.87 17.33
C GLU D 323 -9.83 -7.92 16.27
N ILE D 324 -9.43 -9.16 16.53
CA ILE D 324 -9.60 -10.24 15.58
C ILE D 324 -11.05 -10.73 15.51
N ILE D 325 -11.76 -10.71 16.63
CA ILE D 325 -13.19 -11.03 16.60
C ILE D 325 -13.91 -10.05 15.67
N ALA D 326 -13.60 -8.76 15.80
CA ALA D 326 -14.27 -7.73 15.05
C ALA D 326 -13.86 -7.77 13.60
N LEU D 327 -12.57 -7.99 13.36
CA LEU D 327 -12.04 -8.01 12.01
C LEU D 327 -12.61 -9.22 11.29
N SER D 328 -12.70 -10.36 11.97
CA SER D 328 -13.27 -11.56 11.37
C SER D 328 -14.72 -11.32 10.94
N LYS D 329 -15.48 -10.62 11.78
CA LYS D 329 -16.83 -10.23 11.39
C LYS D 329 -16.76 -9.38 10.10
N PHE D 330 -15.86 -8.41 10.06
CA PHE D 330 -15.76 -7.53 8.90
C PHE D 330 -15.44 -8.30 7.65
N ILE D 331 -14.53 -9.27 7.78
CA ILE D 331 -14.17 -10.12 6.67
C ILE D 331 -15.42 -10.81 6.13
N ILE D 332 -16.22 -11.39 7.00
CA ILE D 332 -17.45 -12.07 6.60
C ILE D 332 -18.41 -11.10 5.91
N GLU D 333 -18.54 -9.89 6.45
CA GLU D 333 -19.41 -8.85 5.88
C GLU D 333 -18.96 -8.38 4.49
N LEU D 334 -17.67 -8.48 4.20
CA LEU D 334 -17.12 -8.11 2.88
C LEU D 334 -17.34 -9.23 1.90
N GLY D 335 -17.91 -10.32 2.36
CA GLY D 335 -18.14 -11.43 1.48
C GLY D 335 -17.00 -12.42 1.52
N ALA D 336 -16.05 -12.24 2.42
CA ALA D 336 -14.84 -13.09 2.40
C ALA D 336 -14.89 -14.12 3.51
N ILE D 337 -13.90 -15.00 3.55
CA ILE D 337 -13.94 -16.17 4.44
C ILE D 337 -12.81 -16.19 5.47
N PRO D 338 -13.15 -16.03 6.76
CA PRO D 338 -12.08 -16.19 7.76
C PRO D 338 -11.73 -17.66 7.82
N LYS D 339 -10.62 -18.02 7.20
CA LYS D 339 -10.28 -19.41 6.95
C LYS D 339 -9.50 -20.02 8.12
N TYR D 340 -8.46 -19.29 8.54
CA TYR D 340 -7.60 -19.65 9.68
C TYR D 340 -7.68 -18.46 10.61
N VAL D 341 -8.08 -18.69 11.87
CA VAL D 341 -8.30 -17.58 12.80
C VAL D 341 -7.74 -17.89 14.19
N VAL D 342 -6.71 -17.13 14.59
CA VAL D 342 -5.89 -17.45 15.77
C VAL D 342 -5.54 -16.25 16.63
N THR D 343 -5.64 -16.44 17.96
CA THR D 343 -5.07 -15.50 18.93
C THR D 343 -4.21 -16.26 19.93
N GLY D 344 -3.11 -15.63 20.32
CA GLY D 344 -2.19 -16.23 21.27
C GLY D 344 -2.71 -16.08 22.68
N THR D 345 -3.70 -15.21 22.83
CA THR D 345 -4.27 -14.87 24.10
C THR D 345 -5.31 -15.91 24.54
N PRO D 346 -5.11 -16.53 25.71
CA PRO D 346 -6.05 -17.60 26.11
C PRO D 346 -7.43 -17.05 26.46
N GLY D 347 -8.44 -17.93 26.50
CA GLY D 347 -9.83 -17.54 26.83
C GLY D 347 -10.84 -18.15 25.86
N MET D 348 -12.04 -18.48 26.36
CA MET D 348 -13.06 -19.13 25.51
C MET D 348 -13.88 -18.14 24.65
N LYS D 349 -14.05 -16.92 25.12
CA LYS D 349 -14.75 -15.89 24.37
C LYS D 349 -14.46 -16.00 22.87
N PHE D 350 -13.19 -16.04 22.54
CA PHE D 350 -12.74 -16.01 21.17
C PHE D 350 -13.23 -17.25 20.41
N GLN D 351 -12.99 -18.41 20.99
CA GLN D 351 -13.42 -19.66 20.39
C GLN D 351 -14.90 -19.58 20.03
N LYS D 352 -15.67 -19.11 20.99
CA LYS D 352 -17.11 -19.01 20.91
C LYS D 352 -17.57 -18.02 19.85
N GLU D 353 -17.16 -16.76 20.02
CA GLU D 353 -17.58 -15.69 19.12
C GLU D 353 -17.24 -16.02 17.68
N ILE D 354 -16.02 -16.51 17.46
CA ILE D 354 -15.58 -16.85 16.11
C ILE D 354 -16.36 -18.07 15.57
N ASP D 355 -16.46 -19.13 16.36
CA ASP D 355 -17.20 -20.32 15.92
C ASP D 355 -18.60 -19.90 15.53
N ALA D 356 -19.18 -18.97 16.30
CA ALA D 356 -20.57 -18.57 16.10
C ALA D 356 -20.80 -17.75 14.84
N MET D 357 -19.88 -16.83 14.51
CA MET D 357 -20.10 -16.01 13.31
C MET D 357 -19.91 -16.89 12.08
N LEU D 358 -19.01 -17.87 12.15
CA LEU D 358 -18.83 -18.76 11.03
C LEU D 358 -20.12 -19.58 10.80
N ALA D 359 -20.57 -20.30 11.82
CA ALA D 359 -21.83 -21.04 11.76
C ALA D 359 -22.93 -20.21 11.12
N GLU D 360 -23.14 -19.01 11.65
CA GLU D 360 -24.13 -18.07 11.14
C GLU D 360 -23.98 -17.78 9.64
N ALA D 361 -22.74 -17.66 9.16
CA ALA D 361 -22.49 -17.36 7.74
C ALA D 361 -22.49 -18.61 6.94
N GLY D 362 -22.64 -19.74 7.62
CA GLY D 362 -22.70 -21.01 6.97
C GLY D 362 -21.37 -21.47 6.47
N ILE D 363 -20.31 -21.02 7.15
CA ILE D 363 -18.95 -21.33 6.73
C ILE D 363 -18.41 -22.52 7.50
N GLU D 364 -17.95 -23.53 6.75
CA GLU D 364 -17.56 -24.79 7.32
C GLU D 364 -16.09 -25.06 7.13
N GLY D 365 -15.46 -25.64 8.15
CA GLY D 365 -14.11 -26.19 7.99
C GLY D 365 -12.96 -25.22 8.26
N SER D 366 -13.29 -24.00 8.67
CA SER D 366 -12.27 -23.05 9.04
C SER D 366 -11.65 -23.49 10.37
N LYS D 367 -10.39 -23.15 10.60
CA LYS D 367 -9.71 -23.56 11.82
C LYS D 367 -9.62 -22.37 12.76
N VAL D 368 -10.18 -22.53 13.94
CA VAL D 368 -10.12 -21.51 14.94
C VAL D 368 -9.21 -22.06 15.99
N LYS D 369 -8.20 -21.30 16.40
CA LYS D 369 -7.40 -21.75 17.53
C LYS D 369 -7.07 -20.65 18.55
N VAL D 370 -7.46 -20.91 19.79
CA VAL D 370 -7.10 -20.09 20.94
C VAL D 370 -5.76 -20.65 21.46
N GLU D 371 -4.87 -19.75 21.86
CA GLU D 371 -3.45 -20.10 22.09
C GLU D 371 -2.84 -20.89 20.95
N GLY D 372 -3.06 -20.40 19.73
CA GLY D 372 -2.29 -20.87 18.59
C GLY D 372 -1.19 -19.87 18.28
N ASP D 373 -0.28 -20.24 17.40
CA ASP D 373 0.85 -19.36 17.08
C ASP D 373 1.12 -19.33 15.57
N PHE D 374 2.19 -18.64 15.16
CA PHE D 374 2.42 -18.38 13.75
C PHE D 374 2.89 -19.64 13.05
N PHE D 375 3.45 -20.57 13.81
CA PHE D 375 3.88 -21.86 13.27
C PHE D 375 2.62 -22.69 12.91
N ASP D 376 1.63 -22.69 13.79
CA ASP D 376 0.33 -23.30 13.48
C ASP D 376 -0.20 -22.82 12.14
N VAL D 377 -0.37 -21.50 12.02
CA VAL D 377 -1.02 -20.96 10.84
C VAL D 377 -0.21 -21.24 9.59
N HIS D 378 1.10 -21.17 9.67
CA HIS D 378 1.92 -21.55 8.53
C HIS D 378 1.72 -23.04 8.09
N GLN D 379 1.69 -23.94 9.05
CA GLN D 379 1.51 -25.35 8.68
C GLN D 379 0.16 -25.53 8.00
N TRP D 380 -0.88 -24.88 8.51
CA TRP D 380 -2.18 -24.92 7.87
C TRP D 380 -2.14 -24.46 6.44
N ILE D 381 -1.50 -23.33 6.23
CA ILE D 381 -1.39 -22.76 4.91
C ILE D 381 -0.72 -23.73 3.97
N LYS D 382 0.32 -24.43 4.44
CA LYS D 382 1.06 -25.37 3.58
C LYS D 382 0.15 -26.48 3.07
N ASN D 383 -0.88 -26.78 3.84
CA ASN D 383 -1.85 -27.84 3.53
C ASN D 383 -2.96 -27.34 2.64
N GLU D 384 -3.44 -26.12 2.92
CA GLU D 384 -4.40 -25.44 2.04
C GLU D 384 -4.21 -23.93 2.06
N GLY D 385 -3.84 -23.41 0.89
CA GLY D 385 -3.42 -22.00 0.70
C GLY D 385 -4.50 -21.00 1.01
N VAL D 386 -4.11 -19.75 1.20
CA VAL D 386 -5.07 -18.68 1.39
C VAL D 386 -4.79 -17.54 0.42
N ASP D 387 -5.71 -16.60 0.39
CA ASP D 387 -5.65 -15.48 -0.56
C ASP D 387 -5.19 -14.17 0.06
N LEU D 388 -5.08 -14.14 1.38
CA LEU D 388 -4.80 -12.94 2.15
C LEU D 388 -4.33 -13.33 3.55
N LEU D 389 -3.37 -12.58 4.10
CA LEU D 389 -2.89 -12.77 5.44
C LEU D 389 -2.98 -11.45 6.16
N ILE D 390 -3.58 -11.44 7.34
CA ILE D 390 -3.62 -10.28 8.23
C ILE D 390 -3.07 -10.58 9.64
N SER D 391 -2.07 -9.80 10.02
CA SER D 391 -1.36 -9.99 11.27
C SER D 391 -0.40 -8.82 11.52
N ASN D 392 0.25 -8.84 12.67
CA ASN D 392 1.37 -7.95 12.97
C ASN D 392 2.58 -8.28 12.10
N THR D 393 3.71 -7.63 12.39
CA THR D 393 4.89 -7.72 11.55
C THR D 393 5.35 -9.14 11.31
N TYR D 394 5.18 -10.02 12.28
CA TYR D 394 5.78 -11.33 12.18
C TYR D 394 5.16 -12.21 11.13
N GLY D 395 4.05 -11.77 10.56
CA GLY D 395 3.46 -12.47 9.43
C GLY D 395 4.24 -12.30 8.16
N LYS D 396 5.12 -11.30 8.10
CA LYS D 396 5.80 -11.00 6.85
C LYS D 396 6.63 -12.21 6.36
N PHE D 397 7.08 -13.04 7.28
CA PHE D 397 7.89 -14.22 6.90
C PHE D 397 7.03 -15.24 6.12
N ILE D 398 5.82 -15.49 6.62
CA ILE D 398 4.86 -16.36 5.94
C ILE D 398 4.41 -15.75 4.61
N ALA D 399 4.15 -14.44 4.61
CA ALA D 399 3.71 -13.76 3.40
C ALA D 399 4.72 -13.91 2.30
N ARG D 400 6.00 -13.81 2.66
CA ARG D 400 7.03 -13.92 1.68
C ARG D 400 7.22 -15.38 1.23
N GLU D 401 7.33 -16.28 2.19
CA GLU D 401 7.56 -17.68 1.88
C GLU D 401 6.43 -18.26 1.04
N GLU D 402 5.18 -17.97 1.42
CA GLU D 402 4.03 -18.49 0.70
C GLU D 402 3.46 -17.57 -0.38
N ASN D 403 4.03 -16.39 -0.54
CA ASN D 403 3.54 -15.44 -1.55
C ASN D 403 2.06 -15.06 -1.35
N ILE D 404 1.74 -14.52 -0.18
CA ILE D 404 0.38 -14.17 0.14
C ILE D 404 0.30 -12.66 0.31
N PRO D 405 -0.65 -12.01 -0.36
CA PRO D 405 -0.94 -10.58 -0.11
C PRO D 405 -1.12 -10.31 1.39
N PHE D 406 -0.40 -9.30 1.87
CA PHE D 406 -0.22 -9.15 3.31
C PHE D 406 -0.65 -7.79 3.84
N VAL D 407 -1.55 -7.78 4.84
CA VAL D 407 -1.95 -6.55 5.52
C VAL D 407 -1.40 -6.50 6.94
N ARG D 408 -0.64 -5.45 7.26
CA ARG D 408 -0.14 -5.24 8.60
C ARG D 408 -1.26 -4.68 9.45
N PHE D 409 -1.46 -5.31 10.60
CA PHE D 409 -2.62 -5.05 11.46
C PHE D 409 -2.28 -5.30 12.92
N GLY D 410 -2.77 -4.43 13.80
CA GLY D 410 -2.57 -4.66 15.24
C GLY D 410 -1.15 -4.44 15.78
N PHE D 411 -0.74 -5.28 16.71
CA PHE D 411 0.47 -5.02 17.53
C PHE D 411 1.39 -6.22 17.62
N PRO D 412 2.70 -6.03 17.42
CA PRO D 412 3.31 -4.78 16.98
C PRO D 412 3.62 -4.79 15.50
N ILE D 413 3.56 -3.60 14.89
CA ILE D 413 3.96 -3.34 13.53
C ILE D 413 5.20 -2.44 13.63
N MET D 414 6.34 -3.01 13.25
CA MET D 414 7.63 -2.41 13.56
C MET D 414 8.45 -2.11 12.30
N ASP D 415 7.83 -2.22 11.13
CA ASP D 415 8.62 -2.20 9.89
C ASP D 415 8.10 -1.30 8.80
N ARG D 416 7.26 -0.34 9.18
CA ARG D 416 6.66 0.63 8.27
C ARG D 416 6.53 1.97 9.01
N TYR D 417 6.38 3.04 8.23
CA TYR D 417 6.39 4.39 8.75
C TYR D 417 5.08 5.10 8.46
N GLY D 418 4.44 5.58 9.51
CA GLY D 418 3.24 6.38 9.37
C GLY D 418 1.96 5.61 9.57
N HIS D 419 2.07 4.29 9.73
CA HIS D 419 0.86 3.46 9.91
C HIS D 419 0.08 3.84 11.17
N TYR D 420 0.79 4.31 12.21
CA TYR D 420 0.20 4.68 13.49
C TYR D 420 -0.61 6.01 13.44
N TYR D 421 -0.69 6.63 12.27
CA TYR D 421 -1.57 7.79 12.06
C TYR D 421 -2.88 7.35 11.40
N ASN D 422 -3.07 6.05 11.15
CA ASN D 422 -4.27 5.54 10.49
C ASN D 422 -5.12 4.67 11.39
N PRO D 423 -6.39 5.03 11.55
CA PRO D 423 -7.25 4.20 12.36
C PRO D 423 -7.67 2.94 11.61
N LYS D 424 -7.95 1.86 12.34
CA LYS D 424 -8.63 0.68 11.79
C LYS D 424 -10.08 0.60 12.26
N VAL D 425 -10.44 1.40 13.24
CA VAL D 425 -11.81 1.42 13.77
C VAL D 425 -12.70 2.45 13.08
N GLY D 426 -14.01 2.25 13.20
CA GLY D 426 -14.98 3.21 12.70
C GLY D 426 -15.23 3.03 11.22
N TYR D 427 -16.15 3.81 10.66
CA TYR D 427 -16.41 3.68 9.22
C TYR D 427 -15.16 4.15 8.45
N LYS D 428 -14.48 5.16 8.98
CA LYS D 428 -13.25 5.70 8.45
C LYS D 428 -12.11 4.68 8.41
N GLY D 429 -11.86 4.00 9.54
CA GLY D 429 -10.93 2.85 9.57
C GLY D 429 -11.33 1.69 8.65
N ALA D 430 -12.61 1.45 8.53
CA ALA D 430 -13.10 0.34 7.72
C ALA D 430 -12.79 0.57 6.24
N ILE D 431 -13.01 1.80 5.80
CA ILE D 431 -12.68 2.27 4.47
C ILE D 431 -11.17 2.09 4.21
N ARG D 432 -10.31 2.48 5.16
CA ARG D 432 -8.86 2.26 5.02
C ARG D 432 -8.50 0.77 4.84
N LEU D 433 -9.08 -0.09 5.67
CA LEU D 433 -8.86 -1.53 5.56
C LEU D 433 -9.28 -2.06 4.22
N VAL D 434 -10.46 -1.68 3.73
CA VAL D 434 -10.90 -2.19 2.43
C VAL D 434 -9.95 -1.73 1.32
N GLU D 435 -9.51 -0.48 1.39
CA GLU D 435 -8.51 -0.02 0.43
C GLU D 435 -7.22 -0.85 0.51
N GLU D 436 -6.74 -1.10 1.73
CA GLU D 436 -5.45 -1.72 1.95
C GLU D 436 -5.56 -3.16 1.50
N ILE D 437 -6.66 -3.82 1.85
CA ILE D 437 -6.88 -5.20 1.40
C ILE D 437 -6.93 -5.32 -0.14
N THR D 438 -7.72 -4.50 -0.81
CA THR D 438 -7.83 -4.64 -2.23
C THR D 438 -6.53 -4.18 -2.90
N ASN D 439 -5.85 -3.18 -2.33
CA ASN D 439 -4.57 -2.76 -2.88
C ASN D 439 -3.58 -3.94 -2.95
N VAL D 440 -3.42 -4.68 -1.85
CA VAL D 440 -2.41 -5.73 -1.83
C VAL D 440 -2.83 -6.91 -2.67
N ILE D 441 -4.13 -7.10 -2.84
CA ILE D 441 -4.65 -8.18 -3.71
C ILE D 441 -4.38 -7.85 -5.19
N LEU D 442 -4.63 -6.60 -5.55
CA LEU D 442 -4.45 -6.18 -6.92
C LEU D 442 -2.99 -6.04 -7.27
N ASP D 443 -2.17 -5.62 -6.30
CA ASP D 443 -0.75 -5.52 -6.55
C ASP D 443 -0.18 -6.89 -6.98
N LYS D 444 -0.57 -7.92 -6.27
CA LYS D 444 -0.10 -9.25 -6.62
C LYS D 444 -0.60 -9.70 -8.00
N ILE D 445 -1.87 -9.45 -8.28
CA ILE D 445 -2.48 -9.79 -9.57
C ILE D 445 -1.72 -9.16 -10.74
N GLU D 446 -1.45 -7.87 -10.63
CA GLU D 446 -0.82 -7.15 -11.71
C GLU D 446 0.66 -7.42 -11.77
N ARG D 447 1.27 -7.88 -10.70
CA ARG D 447 2.68 -8.24 -10.74
C ARG D 447 2.85 -9.55 -11.52
N GLU D 448 1.95 -10.48 -11.26
CA GLU D 448 2.11 -11.86 -11.68
C GLU D 448 1.38 -12.23 -12.94
N CYS D 449 0.36 -11.47 -13.34
CA CYS D 449 -0.41 -11.81 -14.52
C CYS D 449 0.48 -11.84 -15.76
N THR D 450 0.09 -12.63 -16.75
CA THR D 450 0.75 -12.51 -18.04
C THR D 450 0.61 -11.09 -18.59
N GLU D 451 1.58 -10.68 -19.40
CA GLU D 451 1.57 -9.36 -19.97
C GLU D 451 0.30 -9.11 -20.80
N GLU D 452 -0.18 -10.12 -21.51
CA GLU D 452 -1.38 -9.95 -22.34
C GLU D 452 -2.60 -9.87 -21.44
N ASP D 453 -2.48 -10.34 -20.21
CA ASP D 453 -3.58 -10.23 -19.24
C ASP D 453 -3.53 -8.94 -18.43
N PHE D 454 -2.53 -8.11 -18.68
CA PHE D 454 -2.35 -6.86 -17.93
C PHE D 454 -3.46 -5.87 -18.33
N GLU D 455 -3.91 -5.07 -17.36
CA GLU D 455 -5.10 -4.27 -17.51
C GLU D 455 -4.79 -2.79 -17.22
N VAL D 456 -5.49 -1.90 -17.88
CA VAL D 456 -5.52 -0.53 -17.44
C VAL D 456 -6.47 -0.40 -16.24
N VAL D 457 -7.78 -0.50 -16.47
CA VAL D 457 -8.79 -0.40 -15.42
C VAL D 457 -8.89 -1.70 -14.61
N ARG D 458 -9.15 -1.58 -13.31
CA ARG D 458 -9.50 -2.71 -12.44
C ARG D 458 -10.73 -2.36 -11.59
#